data_7WWU
#
_entry.id   7WWU
#
_cell.length_a   1.00
_cell.length_b   1.00
_cell.length_c   1.00
_cell.angle_alpha   90.00
_cell.angle_beta   90.00
_cell.angle_gamma   90.00
#
_symmetry.space_group_name_H-M   'P 1'
#
loop_
_entity.id
_entity.type
_entity.pdbx_description
1 polymer Csy1
2 polymer Csy2
3 polymer Csy3
4 polymer Csy4
5 polymer guide-RNA
#
loop_
_entity_poly.entity_id
_entity_poly.type
_entity_poly.pdbx_seq_one_letter_code
_entity_poly.pdbx_strand_id
1 'polypeptide(L)'
;MGSSHHHHHHSSGRENLYFQGMIKEMIEDFISKGGLIFTHSGRYTNTNNSCFIFNKNDIGVDTKVDMYTPKSAGIKNEEG
ENLWQVLNKANMFYRIYSGELGEELQYLLKSCCTAKEDVTTLPQIYFKNGEGYDILVPIGNAHNLISGTEYLWEHKYYNT
FTQKLGGSNPQNCTHACNKMRGGFKQFNCTPPQVEDNYNA
;
A
2 'polypeptide(L)'
;MGSSHHHHHHSSGRENLYFQGMRKFIIVKNVKVDGINAKSSDITVGMPPATTFCGLGETMSIKTGIVVKAVSYGSVKFEV
RGSRFNTSVTKFAWQDRGNGGKANNNSPIQPKPLADGVFTLCFEVEWEDCAEVLVDKVTNFINTARIAGGTIASFNKPFV
KVAKDAEELASVKNAMMPCYVVVDCGVEVNIFEDAVNRKLQPMVNGYKKLEKIVDNKHMRDKFTPAYLATPTYTMIGYKM
VSNVDNFDQALWQYGENTKVKTIGGIYND
;
B
3 'polypeptide(L)'
;MGSSHHHHHHSSGRENLYFQGMTKLKAPAVLAYSRKINPTNALMFAVNWSDRDNTTAVMVGTKTVAGTQSVRGNPNDADK
GNIQTVNFANLPHNKNTLLVKYNVKFVGDVFKAELGGGEYSNTLQTALENTDFGTLAYRYVYNIAAGRTLWRNRVGAESI
ETVITVNDQTFTFSDLLVNEFDEDVDVAEIADMVAGVLSGEGFVTLKVEHYMLLGEGSEVFPSQEFVENSKLSKQLFDLN
GQAAMHDQKIGNAIRTIDTWYEDATTPIAVEPYGSVVRNGVAYRAGNKTDLFTLMDGAVNGKSLTEEDQMFVTANLIRGG
VFGGGKD
;
C,D,E,F,G,H
4 'polypeptide(L)'
;MGSSHHHHHHSSGRENLYFQGMYNTISITVVDADDVGVNFVVSKVLSTLHNKGIFNGEVGVTFPRMDKNVGDIITLFSKT
GVDRKVLTSTLNTLTDFIHIGKPKEADKVKTYRKVDTKSKGKLIRRCIKRKGVSAETAESLYGNYKGEKCKLPYIVVNSK
STGQRFSMFLEECENSEKFNSYGLCIVSC
;
I
5 'polyribonucleotide' CUUAAAGAGUCAACCCUUUGCUUAUCUUCCCUAUUUAAAUGUUAGCAGCCGCAUAGGCUGC M
#
# COMPACT_ATOMS: atom_id res chain seq x y z
N MET A 22 13.78 46.62 -52.29
CA MET A 22 12.74 46.15 -53.17
C MET A 22 13.05 44.77 -53.79
N ILE A 23 13.93 44.70 -54.79
CA ILE A 23 14.16 43.46 -55.52
C ILE A 23 15.64 43.05 -55.55
N LYS A 24 16.53 44.00 -55.86
CA LYS A 24 17.92 43.64 -56.11
C LYS A 24 18.77 43.67 -54.85
N GLU A 25 18.66 44.72 -54.03
CA GLU A 25 19.67 45.02 -53.03
C GLU A 25 20.02 43.82 -52.16
N MET A 26 19.02 43.06 -51.74
CA MET A 26 19.31 41.84 -51.00
C MET A 26 20.09 40.85 -51.86
N ILE A 27 19.76 40.76 -53.15
CA ILE A 27 20.42 39.79 -54.01
C ILE A 27 21.90 40.12 -54.17
N GLU A 28 22.23 41.38 -54.49
CA GLU A 28 23.65 41.71 -54.60
C GLU A 28 24.36 41.71 -53.25
N ASP A 29 23.67 42.03 -52.15
CA ASP A 29 24.31 41.90 -50.85
C ASP A 29 24.66 40.45 -50.54
N PHE A 30 23.76 39.52 -50.88
CA PHE A 30 24.04 38.10 -50.66
C PHE A 30 25.19 37.62 -51.55
N ILE A 31 25.22 38.08 -52.81
CA ILE A 31 26.27 37.62 -53.72
C ILE A 31 27.64 38.17 -53.34
N SER A 32 27.73 39.48 -53.07
CA SER A 32 29.03 40.09 -52.80
C SER A 32 29.69 39.47 -51.58
N LYS A 33 28.92 39.26 -50.51
CA LYS A 33 29.46 38.63 -49.32
C LYS A 33 29.42 37.11 -49.55
N GLY A 34 30.12 36.35 -48.72
CA GLY A 34 30.24 34.93 -48.93
C GLY A 34 29.02 34.11 -48.55
N GLY A 35 27.90 34.32 -49.23
CA GLY A 35 26.69 33.56 -48.94
C GLY A 35 26.64 32.24 -49.69
N LEU A 36 26.04 31.24 -49.06
CA LEU A 36 25.88 29.92 -49.64
C LEU A 36 24.56 29.31 -49.19
N ILE A 37 23.95 28.51 -50.06
CA ILE A 37 22.68 27.84 -49.80
C ILE A 37 22.93 26.35 -49.63
N PHE A 38 22.27 25.75 -48.64
CA PHE A 38 22.35 24.32 -48.41
C PHE A 38 21.13 23.88 -47.62
N THR A 39 20.86 22.57 -47.66
CA THR A 39 19.72 22.00 -46.96
C THR A 39 20.09 20.90 -45.98
N HIS A 40 21.18 20.17 -46.22
CA HIS A 40 21.67 19.14 -45.33
C HIS A 40 23.11 19.44 -44.95
N SER A 41 23.40 19.45 -43.66
CA SER A 41 24.74 19.73 -43.18
C SER A 41 24.97 18.99 -41.88
N GLY A 42 26.23 18.66 -41.62
CA GLY A 42 26.64 17.98 -40.42
C GLY A 42 27.12 18.89 -39.30
N ARG A 43 26.91 20.20 -39.42
CA ARG A 43 27.39 21.12 -38.39
C ARG A 43 26.69 20.92 -37.05
N TYR A 44 25.50 20.33 -37.05
CA TYR A 44 24.82 20.03 -35.79
C TYR A 44 25.55 18.95 -34.99
N THR A 45 26.42 18.17 -35.64
CA THR A 45 27.23 17.17 -34.96
C THR A 45 28.63 17.69 -34.67
N ASN A 46 29.35 18.13 -35.71
CA ASN A 46 30.68 18.69 -35.56
C ASN A 46 30.74 20.03 -36.27
N THR A 47 31.27 21.04 -35.56
CA THR A 47 31.41 22.37 -36.16
C THR A 47 32.64 22.47 -37.06
N ASN A 48 33.57 21.52 -36.95
CA ASN A 48 34.82 21.59 -37.71
C ASN A 48 34.65 21.26 -39.18
N ASN A 49 33.56 20.59 -39.57
CA ASN A 49 33.38 20.22 -40.96
C ASN A 49 33.02 21.43 -41.82
N SER A 50 33.33 21.32 -43.12
CA SER A 50 33.02 22.37 -44.08
C SER A 50 32.54 21.74 -45.39
N CYS A 51 31.71 20.71 -45.29
CA CYS A 51 31.17 20.02 -46.46
C CYS A 51 29.75 20.50 -46.73
N PHE A 52 29.50 20.97 -47.95
CA PHE A 52 28.20 21.49 -48.33
C PHE A 52 27.87 21.00 -49.73
N ILE A 53 26.69 20.40 -49.89
CA ILE A 53 26.24 19.88 -51.16
C ILE A 53 24.79 20.30 -51.39
N PHE A 54 24.44 20.54 -52.66
CA PHE A 54 23.09 20.90 -53.05
C PHE A 54 22.46 19.72 -53.77
N ASN A 55 21.25 19.34 -53.34
CA ASN A 55 20.53 18.21 -53.93
C ASN A 55 19.39 18.71 -54.81
N LYS A 56 19.13 17.99 -55.89
CA LYS A 56 18.11 18.41 -56.86
C LYS A 56 16.70 18.10 -56.38
N ASN A 57 16.51 16.97 -55.69
CA ASN A 57 15.19 16.45 -55.38
C ASN A 57 14.37 17.40 -54.51
N ASP A 58 15.00 18.25 -53.70
CA ASP A 58 14.29 19.02 -52.70
C ASP A 58 13.70 20.32 -53.22
N ILE A 59 13.80 20.61 -54.53
CA ILE A 59 13.17 21.80 -55.05
C ILE A 59 11.66 21.63 -55.03
N GLY A 60 10.96 22.62 -54.48
CA GLY A 60 9.51 22.54 -54.39
C GLY A 60 8.93 23.79 -53.79
N VAL A 61 7.60 23.86 -53.80
CA VAL A 61 6.90 25.03 -53.27
C VAL A 61 7.01 25.08 -51.75
N ASP A 62 6.91 23.93 -51.08
CA ASP A 62 6.85 23.91 -49.62
C ASP A 62 8.01 23.15 -49.01
N THR A 63 9.22 23.40 -49.50
CA THR A 63 10.44 22.82 -48.93
C THR A 63 11.30 23.94 -48.37
N LYS A 64 11.92 23.69 -47.22
CA LYS A 64 12.68 24.70 -46.50
C LYS A 64 14.17 24.54 -46.77
N VAL A 65 14.86 25.68 -46.89
CA VAL A 65 16.30 25.69 -47.16
C VAL A 65 17.01 26.47 -46.06
N ASP A 66 18.33 26.49 -46.09
CA ASP A 66 19.13 27.22 -45.12
C ASP A 66 20.29 27.90 -45.84
N MET A 67 20.85 28.92 -45.21
CA MET A 67 21.92 29.70 -45.79
C MET A 67 23.01 29.92 -44.75
N TYR A 68 24.22 30.16 -45.24
CA TYR A 68 25.37 30.48 -44.41
C TYR A 68 26.13 31.66 -45.00
N THR A 69 26.60 32.54 -44.11
CA THR A 69 27.57 33.56 -44.46
C THR A 69 28.57 33.66 -43.31
N PRO A 70 29.82 33.98 -43.60
CA PRO A 70 30.80 34.20 -42.51
C PRO A 70 30.36 35.33 -41.59
N LYS A 71 30.61 35.13 -40.30
CA LYS A 71 30.28 36.08 -39.23
C LYS A 71 28.77 36.20 -39.00
N SER A 72 27.98 35.57 -39.86
CA SER A 72 26.51 35.58 -39.75
C SER A 72 25.99 37.00 -39.62
N ALA A 73 26.53 37.91 -40.43
CA ALA A 73 26.19 39.33 -40.30
C ALA A 73 24.87 39.66 -40.99
N GLY A 74 24.79 39.43 -42.30
CA GLY A 74 23.61 39.86 -43.02
C GLY A 74 23.54 41.37 -43.09
N ILE A 75 22.33 41.88 -43.29
CA ILE A 75 22.08 43.32 -43.34
C ILE A 75 20.79 43.61 -42.59
N LYS A 76 20.65 44.87 -42.18
CA LYS A 76 19.46 45.35 -41.49
C LYS A 76 18.81 46.47 -42.29
N ASN A 77 17.49 46.41 -42.41
CA ASN A 77 16.77 47.46 -43.11
C ASN A 77 16.68 48.72 -42.26
N GLU A 78 16.83 49.87 -42.91
CA GLU A 78 16.65 51.13 -42.21
C GLU A 78 15.21 51.31 -41.76
N GLU A 79 14.25 50.81 -42.55
CA GLU A 79 12.87 50.79 -42.13
C GLU A 79 12.62 49.72 -41.09
N GLY A 80 13.42 48.65 -41.10
CA GLY A 80 13.23 47.55 -40.17
C GLY A 80 12.61 46.34 -40.83
N GLU A 81 13.42 45.34 -41.14
CA GLU A 81 12.97 44.14 -41.82
C GLU A 81 13.85 42.98 -41.36
N ASN A 82 13.35 41.75 -41.53
CA ASN A 82 14.04 40.59 -41.01
C ASN A 82 14.12 39.52 -42.10
N LEU A 83 15.02 38.56 -41.88
CA LEU A 83 15.30 37.55 -42.90
C LEU A 83 14.14 36.58 -43.09
N TRP A 84 13.44 36.24 -42.01
CA TRP A 84 12.40 35.21 -42.09
C TRP A 84 11.27 35.65 -43.00
N GLN A 85 10.89 36.92 -42.94
CA GLN A 85 9.68 37.39 -43.63
C GLN A 85 9.82 37.35 -45.14
N VAL A 86 11.03 37.49 -45.68
CA VAL A 86 11.19 37.59 -47.13
C VAL A 86 10.93 36.25 -47.80
N LEU A 87 11.09 35.14 -47.07
CA LEU A 87 10.91 33.84 -47.69
C LEU A 87 9.44 33.49 -47.94
N ASN A 88 8.54 33.98 -47.10
CA ASN A 88 7.16 33.50 -47.10
C ASN A 88 6.13 34.61 -47.32
N LYS A 89 6.55 35.80 -47.76
CA LYS A 89 5.58 36.87 -48.00
C LYS A 89 4.71 36.57 -49.22
N ALA A 90 5.32 36.52 -50.40
CA ALA A 90 4.61 36.23 -51.64
C ALA A 90 5.42 35.34 -52.57
N ASN A 91 6.60 34.89 -52.14
CA ASN A 91 7.50 34.08 -52.96
C ASN A 91 7.85 34.78 -54.26
N MET A 92 8.50 35.94 -54.14
CA MET A 92 8.80 36.77 -55.31
C MET A 92 9.79 36.10 -56.26
N PHE A 93 10.81 35.42 -55.73
CA PHE A 93 11.80 34.80 -56.61
C PHE A 93 11.17 33.66 -57.42
N TYR A 94 10.22 32.93 -56.82
CA TYR A 94 9.47 31.96 -57.61
C TYR A 94 8.50 32.64 -58.57
N ARG A 95 7.97 33.82 -58.20
CA ARG A 95 7.09 34.55 -59.10
C ARG A 95 7.84 35.10 -60.30
N ILE A 96 9.16 35.25 -60.19
CA ILE A 96 9.98 35.68 -61.32
C ILE A 96 10.53 34.43 -62.01
N TYR A 97 10.54 33.31 -61.29
CA TYR A 97 10.96 32.03 -61.87
C TYR A 97 10.08 31.65 -63.04
N SER A 98 8.81 32.05 -63.02
CA SER A 98 7.89 31.71 -64.10
C SER A 98 8.33 32.30 -65.43
N GLY A 99 8.93 33.49 -65.41
CA GLY A 99 9.42 34.10 -66.63
C GLY A 99 8.68 35.36 -67.02
N GLU A 100 7.96 35.97 -66.07
CA GLU A 100 7.27 37.22 -66.33
C GLU A 100 8.23 38.39 -66.52
N LEU A 101 9.31 38.44 -65.74
CA LEU A 101 10.27 39.53 -65.84
C LEU A 101 11.53 39.15 -66.61
N GLY A 102 11.95 37.90 -66.57
CA GLY A 102 13.11 37.46 -67.30
C GLY A 102 13.65 36.17 -66.72
N GLU A 103 14.59 35.59 -67.45
CA GLU A 103 15.21 34.33 -67.06
C GLU A 103 16.66 34.48 -66.62
N GLU A 104 17.22 35.68 -66.76
CA GLU A 104 18.65 35.86 -66.51
C GLU A 104 18.99 35.70 -65.03
N LEU A 105 18.11 36.19 -64.15
CA LEU A 105 18.44 36.23 -62.73
C LEU A 105 18.50 34.85 -62.07
N GLN A 106 17.74 33.88 -62.56
CA GLN A 106 17.81 32.55 -61.97
C GLN A 106 19.18 31.92 -62.15
N TYR A 107 19.73 32.00 -63.37
CA TYR A 107 21.10 31.54 -63.59
C TYR A 107 22.09 32.36 -62.79
N LEU A 108 21.85 33.67 -62.70
CA LEU A 108 22.71 34.54 -61.90
C LEU A 108 22.78 34.07 -60.45
N LEU A 109 21.65 33.69 -59.88
CA LEU A 109 21.64 33.23 -58.49
C LEU A 109 22.24 31.83 -58.36
N LYS A 110 21.87 30.92 -59.27
CA LYS A 110 22.34 29.54 -59.15
C LYS A 110 23.83 29.39 -59.44
N SER A 111 24.43 30.34 -60.15
CA SER A 111 25.86 30.23 -60.46
C SER A 111 26.72 30.30 -59.21
N CYS A 112 26.23 30.92 -58.13
CA CYS A 112 26.99 31.04 -56.90
C CYS A 112 26.92 29.81 -56.02
N CYS A 113 26.12 28.81 -56.39
CA CYS A 113 25.94 27.60 -55.57
C CYS A 113 26.90 26.53 -56.06
N THR A 114 28.04 26.46 -55.39
CA THR A 114 29.06 25.44 -55.66
C THR A 114 29.19 24.53 -54.45
N ALA A 115 29.22 23.22 -54.71
CA ALA A 115 29.21 22.22 -53.64
C ALA A 115 30.61 21.72 -53.36
N LYS A 116 30.86 21.39 -52.09
CA LYS A 116 32.12 20.81 -51.64
C LYS A 116 31.86 19.51 -50.90
N GLU A 117 32.82 18.59 -50.99
CA GLU A 117 32.69 17.25 -50.43
C GLU A 117 33.81 16.98 -49.43
N ASP A 118 33.42 16.48 -48.25
CA ASP A 118 34.39 16.02 -47.25
C ASP A 118 33.67 15.11 -46.27
N VAL A 119 34.31 14.01 -45.90
CA VAL A 119 33.72 13.01 -45.02
C VAL A 119 34.43 12.91 -43.68
N THR A 120 35.42 13.76 -43.42
CA THR A 120 36.15 13.67 -42.16
C THR A 120 35.26 14.04 -40.98
N THR A 121 35.37 13.27 -39.91
CA THR A 121 34.54 13.41 -38.70
C THR A 121 33.06 13.21 -39.00
N LEU A 122 32.75 12.13 -39.71
CA LEU A 122 31.37 11.70 -39.93
C LEU A 122 31.27 10.22 -39.56
N PRO A 123 30.17 9.81 -38.95
CA PRO A 123 29.99 8.40 -38.61
C PRO A 123 29.83 7.53 -39.86
N GLN A 124 30.23 6.27 -39.72
CA GLN A 124 30.03 5.26 -40.76
C GLN A 124 29.11 4.18 -40.22
N ILE A 125 28.10 3.80 -40.99
CA ILE A 125 27.20 2.73 -40.61
C ILE A 125 27.19 1.67 -41.70
N TYR A 126 27.33 0.41 -41.31
CA TYR A 126 27.28 -0.72 -42.21
C TYR A 126 25.87 -1.32 -42.22
N PHE A 127 25.33 -1.55 -43.41
CA PHE A 127 23.96 -2.02 -43.55
C PHE A 127 23.94 -3.20 -44.52
N LYS A 128 23.11 -4.19 -44.21
CA LYS A 128 23.02 -5.41 -44.98
C LYS A 128 21.90 -5.30 -46.01
N ASN A 129 22.23 -5.59 -47.27
CA ASN A 129 21.30 -5.47 -48.39
C ASN A 129 21.22 -6.76 -49.20
N GLY A 130 20.38 -7.69 -48.74
CA GLY A 130 20.31 -8.99 -49.38
C GLY A 130 21.63 -9.71 -49.24
N GLU A 131 22.35 -9.85 -50.34
CA GLU A 131 23.71 -10.38 -50.32
C GLU A 131 24.65 -9.22 -50.60
N GLY A 132 25.43 -8.84 -49.60
CA GLY A 132 26.39 -7.76 -49.73
C GLY A 132 26.24 -6.74 -48.62
N TYR A 133 27.10 -5.73 -48.67
CA TYR A 133 27.15 -4.66 -47.67
C TYR A 133 26.92 -3.32 -48.35
N ASP A 134 26.58 -2.32 -47.54
CA ASP A 134 26.58 -0.94 -48.00
C ASP A 134 26.99 -0.04 -46.84
N ILE A 135 27.83 0.93 -47.15
CA ILE A 135 28.27 1.91 -46.15
C ILE A 135 27.46 3.19 -46.33
N LEU A 136 26.94 3.71 -45.22
CA LEU A 136 26.07 4.87 -45.24
C LEU A 136 26.51 5.86 -44.18
N VAL A 137 26.18 7.13 -44.40
CA VAL A 137 26.45 8.19 -43.44
C VAL A 137 25.15 8.96 -43.20
N PRO A 138 24.40 8.63 -42.15
CA PRO A 138 23.14 9.34 -41.88
C PRO A 138 23.36 10.83 -41.69
N ILE A 139 22.40 11.61 -42.18
CA ILE A 139 22.42 13.06 -42.05
C ILE A 139 21.01 13.54 -41.69
N GLY A 140 20.95 14.75 -41.12
CA GLY A 140 19.69 15.33 -40.71
C GLY A 140 19.11 16.28 -41.74
N ASN A 141 17.88 16.71 -41.48
CA ASN A 141 17.16 17.63 -42.34
C ASN A 141 16.64 18.80 -41.52
N ALA A 142 16.90 20.02 -42.00
CA ALA A 142 16.43 21.21 -41.30
C ALA A 142 14.94 21.43 -41.48
N HIS A 143 14.39 21.01 -42.63
CA HIS A 143 12.97 21.19 -42.88
C HIS A 143 12.13 20.41 -41.88
N ASN A 144 12.60 19.23 -41.48
CA ASN A 144 11.90 18.46 -40.45
C ASN A 144 11.81 19.25 -39.16
N LEU A 145 12.94 19.84 -38.73
CA LEU A 145 12.95 20.63 -37.50
C LEU A 145 12.02 21.83 -37.62
N ILE A 146 12.09 22.55 -38.73
CA ILE A 146 11.27 23.75 -38.90
C ILE A 146 9.79 23.38 -38.85
N SER A 147 9.40 22.34 -39.60
CA SER A 147 8.00 21.94 -39.63
C SER A 147 7.54 21.49 -38.24
N GLY A 148 8.34 20.70 -37.55
CA GLY A 148 7.94 20.22 -36.23
C GLY A 148 7.77 21.35 -35.24
N THR A 149 8.75 22.27 -35.19
CA THR A 149 8.66 23.38 -34.25
C THR A 149 7.47 24.28 -34.57
N GLU A 150 7.26 24.58 -35.85
CA GLU A 150 6.15 25.46 -36.21
C GLU A 150 4.80 24.81 -35.92
N TYR A 151 4.67 23.50 -36.15
CA TYR A 151 3.39 22.86 -35.93
C TYR A 151 3.12 22.63 -34.45
N LEU A 152 4.17 22.39 -33.66
CA LEU A 152 3.98 22.16 -32.22
C LEU A 152 3.86 23.46 -31.43
N TRP A 153 4.42 24.56 -31.94
CA TRP A 153 4.38 25.82 -31.20
C TRP A 153 2.97 26.39 -31.12
N GLU A 154 2.04 25.93 -31.95
CA GLU A 154 0.69 26.46 -31.98
C GLU A 154 -0.34 25.60 -31.26
N HIS A 155 0.06 24.42 -30.79
CA HIS A 155 -0.87 23.51 -30.12
C HIS A 155 -0.67 23.46 -28.62
N LYS A 156 0.31 24.19 -28.10
CA LYS A 156 0.62 24.25 -26.66
C LYS A 156 0.85 22.84 -26.11
N TYR A 157 1.87 22.19 -26.66
CA TYR A 157 2.23 20.83 -26.29
C TYR A 157 3.61 20.87 -25.61
N TYR A 158 3.60 20.90 -24.28
CA TYR A 158 4.85 20.95 -23.51
C TYR A 158 5.32 19.54 -23.18
N ASN A 159 5.62 18.78 -24.24
CA ASN A 159 6.02 17.38 -24.12
C ASN A 159 7.28 17.15 -24.96
N THR A 160 8.27 18.03 -24.80
CA THR A 160 9.51 17.91 -25.54
C THR A 160 10.65 18.46 -24.70
N PHE A 161 11.87 18.05 -25.04
CA PHE A 161 13.06 18.61 -24.41
C PHE A 161 13.43 19.91 -25.13
N THR A 162 14.59 20.47 -24.80
CA THR A 162 15.13 21.62 -25.51
C THR A 162 16.63 21.65 -25.30
N GLN A 163 17.34 22.21 -26.28
CA GLN A 163 18.80 22.29 -26.19
C GLN A 163 19.29 23.40 -27.10
N LYS A 164 20.38 24.05 -26.69
CA LYS A 164 20.97 25.16 -27.43
C LYS A 164 22.38 24.78 -27.89
N LEU A 165 22.68 25.06 -29.15
CA LEU A 165 23.98 24.76 -29.72
C LEU A 165 24.98 25.85 -29.33
N GLY A 166 26.21 25.68 -29.80
CA GLY A 166 27.26 26.66 -29.57
C GLY A 166 27.87 26.60 -28.19
N GLY A 167 27.09 27.00 -27.19
CA GLY A 167 27.56 26.99 -25.81
C GLY A 167 27.93 28.36 -25.29
N SER A 168 29.22 28.59 -25.03
CA SER A 168 29.67 29.88 -24.52
C SER A 168 29.42 31.00 -25.53
N ASN A 169 29.71 30.73 -26.80
CA ASN A 169 29.54 31.71 -27.88
C ASN A 169 28.71 31.07 -28.98
N PRO A 170 27.38 31.01 -28.80
CA PRO A 170 26.52 30.33 -29.77
C PRO A 170 25.98 31.21 -30.88
N GLN A 171 26.18 32.53 -30.81
CA GLN A 171 25.63 33.44 -31.81
C GLN A 171 26.41 33.40 -33.12
N ASN A 172 27.64 32.90 -33.11
CA ASN A 172 28.46 32.83 -34.31
C ASN A 172 28.24 31.53 -35.10
N CYS A 173 27.38 30.64 -34.62
CA CYS A 173 27.10 29.38 -35.30
C CYS A 173 25.87 29.47 -36.19
N THR A 174 24.73 29.85 -35.62
CA THR A 174 23.52 30.02 -36.40
C THR A 174 22.63 31.05 -35.72
N HIS A 175 21.67 31.57 -36.48
CA HIS A 175 20.72 32.54 -35.95
C HIS A 175 19.63 31.88 -35.11
N ALA A 176 19.51 30.55 -35.20
CA ALA A 176 18.45 29.85 -34.47
C ALA A 176 18.61 30.00 -32.97
N CYS A 177 19.84 29.87 -32.47
CA CYS A 177 20.09 30.09 -31.04
C CYS A 177 19.98 31.56 -30.67
N ASN A 178 20.15 32.46 -31.64
CA ASN A 178 20.22 33.88 -31.33
C ASN A 178 18.84 34.51 -31.22
N LYS A 179 18.01 34.35 -32.24
CA LYS A 179 16.83 35.22 -32.34
C LYS A 179 15.60 34.60 -31.68
N MET A 180 15.15 33.44 -32.16
CA MET A 180 13.97 32.80 -31.57
C MET A 180 14.39 31.96 -30.36
N ARG A 181 14.12 32.53 -29.20
CA ARG A 181 14.45 31.93 -27.91
C ARG A 181 13.53 30.78 -27.51
N GLY A 182 12.52 30.46 -28.33
CA GLY A 182 11.59 29.41 -27.97
C GLY A 182 12.26 28.07 -27.73
N GLY A 183 13.18 27.68 -28.60
CA GLY A 183 13.92 26.44 -28.40
C GLY A 183 13.48 25.37 -29.38
N PHE A 184 14.41 24.48 -29.72
CA PHE A 184 14.12 23.36 -30.60
C PHE A 184 13.24 22.34 -29.88
N LYS A 185 12.56 21.52 -30.68
CA LYS A 185 11.67 20.48 -30.16
C LYS A 185 12.26 19.11 -30.45
N GLN A 186 12.37 18.29 -29.40
CA GLN A 186 12.83 16.92 -29.53
C GLN A 186 11.72 15.98 -29.08
N PHE A 187 11.46 14.95 -29.90
CA PHE A 187 10.42 13.97 -29.54
C PHE A 187 10.83 13.18 -28.31
N ASN A 188 9.87 12.95 -27.41
CA ASN A 188 10.10 12.14 -26.22
C ASN A 188 9.82 10.69 -26.58
N CYS A 189 10.89 9.93 -26.81
CA CYS A 189 10.78 8.52 -27.19
C CYS A 189 10.86 7.58 -25.98
N THR A 190 10.55 8.08 -24.79
CA THR A 190 10.64 7.26 -23.59
C THR A 190 9.41 6.35 -23.50
N PRO A 191 9.58 5.03 -23.49
CA PRO A 191 8.44 4.14 -23.32
C PRO A 191 8.11 3.95 -21.85
N PRO A 192 6.86 3.62 -21.52
CA PRO A 192 6.51 3.37 -20.12
C PRO A 192 7.23 2.14 -19.58
N GLN A 193 7.47 2.14 -18.27
CA GLN A 193 8.16 1.06 -17.60
C GLN A 193 7.16 0.08 -16.99
N VAL A 194 7.64 -1.11 -16.67
CA VAL A 194 6.83 -2.13 -16.01
C VAL A 194 6.92 -1.92 -14.51
N GLU A 195 5.78 -1.59 -13.89
CA GLU A 195 5.75 -1.48 -12.43
C GLU A 195 5.88 -2.86 -11.79
N ASP A 196 6.81 -2.97 -10.85
CA ASP A 196 7.10 -4.26 -10.24
C ASP A 196 6.11 -4.55 -9.11
N ASN A 197 6.30 -5.70 -8.46
CA ASN A 197 5.49 -6.13 -7.32
C ASN A 197 4.01 -6.26 -7.69
N TYR A 198 3.72 -6.58 -8.95
CA TYR A 198 2.36 -6.77 -9.41
C TYR A 198 2.38 -7.63 -10.66
N ASN A 199 1.22 -8.18 -11.01
CA ASN A 199 1.14 -9.05 -12.18
C ASN A 199 1.47 -8.29 -13.47
N ALA A 200 0.98 -7.06 -13.59
CA ALA A 200 1.25 -6.23 -14.76
C ALA A 200 2.56 -5.46 -14.60
N MET B 22 12.35 -21.24 -36.46
CA MET B 22 11.15 -21.59 -35.70
C MET B 22 11.39 -22.81 -34.81
N ARG B 23 12.28 -23.69 -35.26
CA ARG B 23 12.59 -24.90 -34.49
C ARG B 23 13.23 -24.56 -33.15
N LYS B 24 14.17 -23.62 -33.13
CA LYS B 24 14.91 -23.29 -31.94
C LYS B 24 14.92 -21.78 -31.75
N PHE B 25 14.55 -21.34 -30.54
CA PHE B 25 14.61 -19.95 -30.13
C PHE B 25 15.49 -19.83 -28.91
N ILE B 26 16.36 -18.82 -28.90
CA ILE B 26 17.22 -18.52 -27.77
C ILE B 26 16.76 -17.18 -27.19
N ILE B 27 16.60 -17.14 -25.86
CA ILE B 27 16.06 -15.99 -25.18
C ILE B 27 17.04 -15.56 -24.09
N VAL B 28 17.38 -14.27 -24.08
CA VAL B 28 18.17 -13.68 -23.01
C VAL B 28 17.33 -12.55 -22.42
N LYS B 29 17.27 -12.48 -21.09
CA LYS B 29 16.41 -11.52 -20.41
C LYS B 29 17.20 -10.78 -19.35
N ASN B 30 16.76 -9.56 -19.05
CA ASN B 30 17.38 -8.69 -18.04
C ASN B 30 18.83 -8.40 -18.39
N VAL B 31 19.02 -7.79 -19.56
CA VAL B 31 20.33 -7.37 -20.03
C VAL B 31 20.51 -5.91 -19.65
N LYS B 32 21.48 -5.64 -18.79
CA LYS B 32 21.73 -4.29 -18.30
C LYS B 32 22.77 -3.61 -19.18
N VAL B 33 22.36 -2.54 -19.84
CA VAL B 33 23.20 -1.80 -20.76
C VAL B 33 23.39 -0.38 -20.23
N ASP B 34 24.63 0.10 -20.32
CA ASP B 34 25.08 1.29 -19.62
C ASP B 34 25.61 2.30 -20.63
N GLY B 35 25.28 3.57 -20.43
CA GLY B 35 25.84 4.62 -21.27
C GLY B 35 25.43 4.53 -22.72
N ILE B 36 24.15 4.34 -22.99
CA ILE B 36 23.66 4.27 -24.36
C ILE B 36 23.67 5.65 -24.98
N ASN B 37 24.21 5.76 -26.20
CA ASN B 37 24.17 7.01 -26.96
CA ASN B 37 24.18 7.01 -26.95
C ASN B 37 22.75 7.20 -27.47
N ALA B 38 22.01 8.13 -26.85
CA ALA B 38 20.61 8.32 -27.21
C ALA B 38 20.42 9.19 -28.45
N LYS B 39 21.45 9.89 -28.90
CA LYS B 39 21.35 10.76 -30.07
C LYS B 39 21.45 9.89 -31.32
N SER B 40 20.33 9.24 -31.66
CA SER B 40 20.29 8.42 -32.86
C SER B 40 20.43 9.25 -34.12
N SER B 41 19.80 10.43 -34.16
CA SER B 41 19.90 11.34 -35.29
C SER B 41 19.94 12.77 -34.76
N ASP B 42 19.87 13.74 -35.66
CA ASP B 42 19.87 15.13 -35.26
C ASP B 42 18.55 15.57 -34.63
N ILE B 43 17.50 14.76 -34.75
CA ILE B 43 16.20 15.10 -34.16
C ILE B 43 15.65 14.02 -33.25
N THR B 44 16.08 12.78 -33.37
CA THR B 44 15.51 11.67 -32.60
C THR B 44 16.43 11.34 -31.43
N VAL B 45 15.90 11.47 -30.22
CA VAL B 45 16.61 11.09 -29.00
C VAL B 45 15.70 10.21 -28.16
N GLY B 46 16.24 9.10 -27.66
CA GLY B 46 15.46 8.16 -26.90
C GLY B 46 15.75 6.72 -27.24
N MET B 47 14.72 5.98 -27.63
CA MET B 47 14.89 4.56 -27.96
C MET B 47 15.73 4.40 -29.22
N PRO B 48 16.74 3.53 -29.21
CA PRO B 48 17.55 3.34 -30.41
C PRO B 48 16.71 2.78 -31.55
N PRO B 49 17.05 3.12 -32.79
CA PRO B 49 16.29 2.60 -33.93
C PRO B 49 16.57 1.12 -34.17
N ALA B 50 15.67 0.50 -34.93
CA ALA B 50 15.79 -0.92 -35.25
C ALA B 50 16.91 -1.19 -36.24
N THR B 51 17.47 -0.17 -36.89
CA THR B 51 18.55 -0.39 -37.83
C THR B 51 19.80 -0.91 -37.13
N THR B 52 20.04 -0.49 -35.89
CA THR B 52 21.15 -1.05 -35.12
C THR B 52 20.90 -2.52 -34.81
N PHE B 53 19.64 -2.89 -34.54
CA PHE B 53 19.31 -4.29 -34.34
C PHE B 53 19.56 -5.10 -35.61
N CYS B 54 19.19 -4.53 -36.77
CA CYS B 54 19.47 -5.20 -38.04
C CYS B 54 20.96 -5.37 -38.26
N GLY B 55 21.74 -4.33 -37.96
CA GLY B 55 23.18 -4.42 -38.12
C GLY B 55 23.82 -5.46 -37.21
N LEU B 56 23.38 -5.50 -35.95
CA LEU B 56 23.91 -6.52 -35.04
C LEU B 56 23.50 -7.92 -35.48
N GLY B 57 22.27 -8.05 -36.00
CA GLY B 57 21.84 -9.35 -36.47
C GLY B 57 22.65 -9.85 -37.66
N GLU B 58 22.92 -8.97 -38.63
CA GLU B 58 23.74 -9.38 -39.76
C GLU B 58 25.19 -9.61 -39.32
N THR B 59 25.68 -8.86 -38.34
CA THR B 59 27.01 -9.11 -37.81
C THR B 59 27.09 -10.48 -37.15
N MET B 60 26.06 -10.84 -36.38
CA MET B 60 26.01 -12.18 -35.81
C MET B 60 25.93 -13.24 -36.89
N SER B 61 25.17 -12.97 -37.95
CA SER B 61 25.07 -13.92 -39.05
C SER B 61 26.43 -14.15 -39.72
N ILE B 62 27.18 -13.07 -39.96
CA ILE B 62 28.47 -13.22 -40.63
C ILE B 62 29.49 -13.85 -39.70
N LYS B 63 29.39 -13.58 -38.38
CA LYS B 63 30.39 -14.08 -37.45
C LYS B 63 30.16 -15.54 -37.11
N THR B 64 28.95 -15.88 -36.64
CA THR B 64 28.65 -17.25 -36.26
C THR B 64 28.46 -18.13 -37.50
N GLY B 65 27.84 -17.59 -38.55
CA GLY B 65 27.60 -18.35 -39.76
C GLY B 65 26.21 -18.90 -39.91
N ILE B 66 25.19 -18.26 -39.31
CA ILE B 66 23.81 -18.71 -39.40
C ILE B 66 22.97 -17.60 -40.00
N VAL B 67 22.10 -17.98 -40.94
CA VAL B 67 21.17 -17.04 -41.55
C VAL B 67 20.01 -16.83 -40.60
N VAL B 68 19.72 -15.56 -40.29
CA VAL B 68 18.63 -15.20 -39.39
C VAL B 68 17.62 -14.37 -40.17
N LYS B 69 16.34 -14.67 -39.95
CA LYS B 69 15.26 -14.03 -40.69
C LYS B 69 14.40 -13.13 -39.80
N ALA B 70 13.95 -13.63 -38.66
CA ALA B 70 13.08 -12.89 -37.76
C ALA B 70 13.88 -12.31 -36.60
N VAL B 71 13.58 -11.06 -36.27
CA VAL B 71 14.24 -10.36 -35.16
C VAL B 71 13.17 -9.85 -34.20
N SER B 72 13.39 -10.04 -32.91
CA SER B 72 12.47 -9.60 -31.87
C SER B 72 13.26 -9.02 -30.71
N TYR B 73 12.68 -8.00 -30.07
CA TYR B 73 13.30 -7.38 -28.91
C TYR B 73 12.21 -6.73 -28.06
N GLY B 74 12.56 -6.43 -26.81
CA GLY B 74 11.62 -5.83 -25.89
C GLY B 74 12.32 -4.85 -24.97
N SER B 75 11.51 -3.99 -24.36
CA SER B 75 11.99 -2.98 -23.44
C SER B 75 11.46 -3.25 -22.04
N VAL B 76 12.35 -3.21 -21.05
CA VAL B 76 11.99 -3.41 -19.65
C VAL B 76 12.19 -2.13 -18.85
N LYS B 77 13.42 -1.61 -18.83
CA LYS B 77 13.72 -0.36 -18.13
C LYS B 77 14.50 0.56 -19.06
N PHE B 78 14.23 1.85 -18.98
CA PHE B 78 14.97 2.83 -19.78
C PHE B 78 14.90 4.17 -19.07
N GLU B 79 16.04 4.66 -18.58
CA GLU B 79 16.11 5.94 -17.89
C GLU B 79 17.11 6.84 -18.62
N VAL B 80 16.67 8.04 -18.97
CA VAL B 80 17.52 9.02 -19.63
C VAL B 80 18.17 9.89 -18.56
N ARG B 81 19.49 10.05 -18.64
CA ARG B 81 20.20 10.86 -17.66
C ARG B 81 19.75 12.32 -17.75
N GLY B 82 19.09 12.81 -16.70
CA GLY B 82 18.75 14.20 -16.60
C GLY B 82 17.30 14.42 -16.22
N SER B 83 16.74 15.52 -16.70
CA SER B 83 15.43 16.02 -16.31
C SER B 83 14.55 16.21 -17.54
N ARG B 84 13.43 16.91 -17.35
CA ARG B 84 12.43 17.07 -18.39
C ARG B 84 12.98 17.70 -19.65
N PHE B 85 14.06 18.47 -19.56
CA PHE B 85 14.66 19.11 -20.72
C PHE B 85 16.12 19.42 -20.42
N ASN B 86 16.93 19.43 -21.48
CA ASN B 86 18.39 19.54 -21.37
C ASN B 86 18.94 18.40 -20.50
N THR B 87 18.73 17.17 -20.98
CA THR B 87 18.93 15.98 -20.15
C THR B 87 20.35 15.87 -19.60
N SER B 88 21.34 15.70 -20.46
CA SER B 88 22.69 15.46 -19.97
C SER B 88 23.70 15.92 -21.00
N VAL B 89 24.81 16.45 -20.51
CA VAL B 89 25.90 16.94 -21.35
C VAL B 89 27.20 16.33 -20.87
N THR B 90 28.02 15.86 -21.82
CA THR B 90 29.29 15.22 -21.50
C THR B 90 30.45 16.13 -21.83
N LYS B 91 31.39 16.24 -20.89
CA LYS B 91 32.55 17.10 -21.09
C LYS B 91 33.60 16.38 -21.94
N PHE B 92 33.85 16.91 -23.12
CA PHE B 92 34.86 16.37 -24.03
C PHE B 92 36.14 17.19 -23.91
N ALA B 93 37.26 16.49 -23.83
CA ALA B 93 38.58 17.11 -23.68
C ALA B 93 39.28 17.13 -25.03
N TRP B 94 40.53 17.59 -25.03
CA TRP B 94 41.28 17.77 -26.27
C TRP B 94 41.84 16.45 -26.72
N GLN B 95 41.48 16.03 -27.94
CA GLN B 95 41.95 14.78 -28.52
C GLN B 95 42.36 14.97 -29.98
N ASP B 96 42.81 16.18 -30.33
CA ASP B 96 43.24 16.49 -31.68
C ASP B 96 44.60 17.17 -31.65
N ARG B 97 45.39 16.94 -32.69
CA ARG B 97 46.73 17.49 -32.77
C ARG B 97 46.71 18.93 -33.29
N GLY B 98 45.90 19.77 -32.67
CA GLY B 98 45.85 21.18 -32.99
C GLY B 98 45.84 22.03 -31.75
N ASN B 99 46.54 21.57 -30.71
CA ASN B 99 46.48 22.21 -29.41
C ASN B 99 47.87 22.52 -28.88
N GLY B 100 47.95 22.91 -27.61
CA GLY B 100 49.22 23.16 -26.95
C GLY B 100 49.25 24.49 -26.22
N GLY B 101 48.65 25.52 -26.81
CA GLY B 101 48.55 26.80 -26.15
C GLY B 101 47.21 26.99 -25.48
N LYS B 102 46.14 26.76 -26.25
CA LYS B 102 44.79 26.86 -25.72
C LYS B 102 44.36 25.63 -24.94
N ALA B 103 45.12 24.53 -25.04
CA ALA B 103 44.74 23.30 -24.37
C ALA B 103 45.06 23.33 -22.89
N ASN B 104 44.52 24.32 -22.18
CA ASN B 104 44.69 24.38 -20.74
C ASN B 104 43.45 24.86 -19.99
N ASN B 105 42.33 25.09 -20.66
CA ASN B 105 41.10 25.52 -19.99
C ASN B 105 39.92 25.35 -20.93
N ASN B 106 38.82 24.78 -20.41
CA ASN B 106 37.50 24.84 -21.04
C ASN B 106 37.53 24.26 -22.45
N SER B 107 37.75 22.94 -22.50
CA SER B 107 37.72 22.23 -23.77
C SER B 107 36.32 22.28 -24.38
N PRO B 108 36.21 22.13 -25.70
CA PRO B 108 34.89 22.29 -26.34
C PRO B 108 33.87 21.27 -25.84
N ILE B 109 32.60 21.68 -25.89
CA ILE B 109 31.56 21.01 -25.13
C ILE B 109 30.96 19.82 -25.87
N GLN B 110 30.52 20.04 -27.12
CA GLN B 110 29.94 18.98 -27.96
C GLN B 110 28.81 18.24 -27.25
N PRO B 111 27.65 18.85 -27.08
CA PRO B 111 26.58 18.22 -26.28
C PRO B 111 26.11 16.90 -26.87
N LYS B 112 26.07 15.87 -26.01
CA LYS B 112 25.66 14.53 -26.40
C LYS B 112 25.13 13.77 -25.19
N PRO B 113 23.81 13.68 -25.03
CA PRO B 113 23.25 13.00 -23.85
C PRO B 113 23.44 11.50 -23.90
N LEU B 114 23.31 10.88 -22.74
CA LEU B 114 23.42 9.44 -22.58
C LEU B 114 22.18 8.87 -21.90
N ALA B 115 22.20 7.59 -21.54
CA ALA B 115 21.05 6.95 -20.91
C ALA B 115 21.50 5.63 -20.30
N ASP B 116 20.53 4.89 -19.77
CA ASP B 116 20.75 3.57 -19.17
C ASP B 116 19.52 2.72 -19.42
N GLY B 117 19.71 1.40 -19.49
CA GLY B 117 18.56 0.58 -19.79
C GLY B 117 18.75 -0.88 -19.39
N VAL B 118 17.62 -1.58 -19.36
CA VAL B 118 17.57 -3.03 -19.21
C VAL B 118 16.61 -3.56 -20.26
N PHE B 119 17.10 -4.45 -21.12
CA PHE B 119 16.36 -4.97 -22.26
C PHE B 119 16.35 -6.49 -22.25
N THR B 120 15.84 -7.06 -23.33
CA THR B 120 15.80 -8.51 -23.52
C THR B 120 15.75 -8.81 -25.01
N LEU B 121 16.21 -10.01 -25.37
CA LEU B 121 16.27 -10.42 -26.77
C LEU B 121 15.74 -11.85 -26.91
N CYS B 122 15.15 -12.12 -28.08
CA CYS B 122 14.62 -13.44 -28.43
C CYS B 122 14.88 -13.66 -29.90
N PHE B 123 15.72 -14.63 -30.22
CA PHE B 123 16.22 -14.85 -31.58
C PHE B 123 15.89 -16.27 -32.03
N GLU B 124 15.78 -16.45 -33.34
CA GLU B 124 15.56 -17.77 -33.93
C GLU B 124 16.85 -18.28 -34.55
N VAL B 125 17.11 -19.58 -34.39
CA VAL B 125 18.32 -20.20 -34.90
C VAL B 125 18.01 -21.62 -35.34
N GLU B 126 18.61 -22.04 -36.46
CA GLU B 126 18.49 -23.41 -36.96
C GLU B 126 19.89 -24.01 -37.05
N TRP B 127 20.10 -25.13 -36.37
CA TRP B 127 21.39 -25.79 -36.34
C TRP B 127 21.23 -27.19 -35.75
N GLU B 128 21.80 -28.21 -36.43
CA GLU B 128 21.52 -29.59 -36.03
C GLU B 128 22.79 -30.38 -35.69
N ASP B 129 23.95 -29.74 -35.66
CA ASP B 129 25.16 -30.46 -35.26
C ASP B 129 25.18 -30.70 -33.75
N CYS B 130 24.80 -29.69 -32.97
CA CYS B 130 24.71 -29.82 -31.52
C CYS B 130 23.58 -28.91 -31.05
N ALA B 131 23.50 -28.71 -29.73
CA ALA B 131 22.43 -27.90 -29.16
C ALA B 131 22.96 -26.87 -28.17
N GLU B 132 24.19 -27.06 -27.69
CA GLU B 132 24.75 -26.19 -26.66
C GLU B 132 26.00 -25.44 -27.10
N VAL B 133 26.69 -25.89 -28.14
CA VAL B 133 27.84 -25.15 -28.65
C VAL B 133 27.41 -23.78 -29.17
N LEU B 134 26.23 -23.71 -29.79
CA LEU B 134 25.70 -22.44 -30.25
C LEU B 134 25.51 -21.48 -29.08
N VAL B 135 25.02 -21.99 -27.95
CA VAL B 135 24.88 -21.17 -26.75
C VAL B 135 26.24 -20.64 -26.33
N ASP B 136 27.25 -21.50 -26.35
CA ASP B 136 28.59 -21.09 -25.97
C ASP B 136 29.09 -19.93 -26.84
N LYS B 137 28.99 -20.08 -28.17
CA LYS B 137 29.56 -19.05 -29.03
C LYS B 137 28.75 -17.77 -28.99
N VAL B 138 27.42 -17.85 -28.90
CA VAL B 138 26.63 -16.63 -28.83
C VAL B 138 26.89 -15.90 -27.51
N THR B 139 27.02 -16.63 -26.41
CA THR B 139 27.37 -15.98 -25.14
C THR B 139 28.74 -15.33 -25.23
N ASN B 140 29.69 -16.01 -25.85
CA ASN B 140 31.03 -15.46 -26.00
C ASN B 140 31.00 -14.17 -26.81
N PHE B 141 30.23 -14.13 -27.89
CA PHE B 141 30.15 -12.92 -28.70
C PHE B 141 29.44 -11.79 -27.96
N ILE B 142 28.34 -12.11 -27.27
CA ILE B 142 27.61 -11.10 -26.51
C ILE B 142 28.50 -10.49 -25.43
N ASN B 143 29.37 -11.31 -24.83
CA ASN B 143 30.24 -10.81 -23.77
C ASN B 143 31.21 -9.74 -24.26
N THR B 144 31.40 -9.60 -25.57
CA THR B 144 32.35 -8.65 -26.14
C THR B 144 31.68 -7.80 -27.21
N ALA B 145 30.51 -7.25 -26.91
CA ALA B 145 29.76 -6.47 -27.87
C ALA B 145 29.42 -5.10 -27.30
N ARG B 146 28.82 -4.27 -28.16
CA ARG B 146 28.36 -2.94 -27.80
C ARG B 146 26.91 -2.78 -28.24
N ILE B 147 26.16 -1.94 -27.53
CA ILE B 147 24.75 -1.71 -27.80
C ILE B 147 24.58 -0.19 -27.98
N ALA B 148 24.70 0.27 -29.23
CA ALA B 148 24.53 1.69 -29.56
C ALA B 148 25.41 2.57 -28.68
N GLY B 149 26.67 2.16 -28.52
CA GLY B 149 27.57 2.82 -27.62
C GLY B 149 27.44 2.39 -26.17
N GLY B 150 26.55 1.43 -25.89
CA GLY B 150 26.38 0.94 -24.53
C GLY B 150 27.36 -0.16 -24.18
N THR B 151 27.18 -0.71 -22.99
CA THR B 151 28.03 -1.79 -22.50
C THR B 151 27.18 -2.76 -21.69
N ILE B 152 27.29 -4.05 -21.98
CA ILE B 152 26.54 -5.06 -21.25
C ILE B 152 27.10 -5.16 -19.84
N ALA B 153 26.24 -4.97 -18.84
CA ALA B 153 26.63 -5.07 -17.44
C ALA B 153 26.36 -6.46 -16.87
N SER B 154 25.11 -6.90 -16.91
CA SER B 154 24.73 -8.21 -16.38
C SER B 154 23.53 -8.73 -17.16
N PHE B 155 23.53 -10.04 -17.39
CA PHE B 155 22.47 -10.65 -18.17
C PHE B 155 22.20 -12.06 -17.63
N ASN B 156 20.96 -12.51 -17.82
CA ASN B 156 20.57 -13.83 -17.40
C ASN B 156 21.10 -14.88 -18.38
N LYS B 157 21.06 -16.13 -17.95
CA LYS B 157 21.48 -17.23 -18.81
C LYS B 157 20.44 -17.45 -19.90
N PRO B 158 20.80 -17.36 -21.18
CA PRO B 158 19.82 -17.60 -22.24
C PRO B 158 19.28 -19.01 -22.20
N PHE B 159 18.00 -19.15 -22.52
CA PHE B 159 17.33 -20.44 -22.51
C PHE B 159 16.68 -20.70 -23.85
N VAL B 160 16.34 -21.97 -24.09
CA VAL B 160 15.94 -22.45 -25.40
C VAL B 160 14.47 -22.84 -25.38
N LYS B 161 13.76 -22.48 -26.46
CA LYS B 161 12.37 -22.85 -26.66
C LYS B 161 12.22 -23.47 -28.05
N VAL B 162 11.16 -24.26 -28.22
CA VAL B 162 10.93 -25.01 -29.45
C VAL B 162 9.53 -24.67 -29.97
N ALA B 163 9.44 -24.47 -31.29
CA ALA B 163 8.17 -24.23 -31.95
C ALA B 163 8.13 -25.03 -33.25
N LYS B 164 6.92 -25.32 -33.72
CA LYS B 164 6.74 -26.15 -34.91
C LYS B 164 6.05 -25.43 -36.07
N ASP B 165 4.89 -24.84 -35.86
CA ASP B 165 4.17 -24.15 -36.93
C ASP B 165 3.33 -23.04 -36.32
N ALA B 166 2.41 -22.48 -37.12
CA ALA B 166 1.79 -21.20 -36.78
C ALA B 166 0.78 -21.29 -35.64
N GLU B 167 -0.01 -22.35 -35.60
CA GLU B 167 -1.13 -22.42 -34.65
C GLU B 167 -0.63 -22.53 -33.22
N GLU B 168 0.45 -23.29 -32.99
CA GLU B 168 1.02 -23.41 -31.65
C GLU B 168 1.95 -22.26 -31.29
N LEU B 169 2.17 -21.31 -32.20
CA LEU B 169 3.08 -20.20 -31.95
C LEU B 169 2.71 -19.43 -30.68
N ALA B 170 1.42 -19.38 -30.34
CA ALA B 170 0.99 -18.65 -29.14
C ALA B 170 1.72 -19.13 -27.91
N SER B 171 2.18 -20.38 -27.92
CA SER B 171 2.93 -20.94 -26.78
C SER B 171 4.08 -20.03 -26.38
N VAL B 172 4.80 -19.48 -27.37
CA VAL B 172 5.96 -18.66 -27.01
C VAL B 172 5.53 -17.39 -26.28
N LYS B 173 4.37 -16.84 -26.65
CA LYS B 173 3.88 -15.67 -25.92
C LYS B 173 3.51 -16.03 -24.48
N ASN B 174 3.23 -17.30 -24.21
CA ASN B 174 3.00 -17.74 -22.84
C ASN B 174 4.28 -18.18 -22.15
N ALA B 175 5.43 -18.04 -22.81
CA ALA B 175 6.69 -18.56 -22.28
C ALA B 175 7.61 -17.48 -21.71
N MET B 176 7.53 -16.25 -22.17
CA MET B 176 8.51 -15.23 -21.83
C MET B 176 7.90 -13.93 -21.33
N MET B 177 6.65 -13.95 -20.87
CA MET B 177 6.04 -12.77 -20.26
C MET B 177 6.78 -12.39 -18.98
N PRO B 178 6.72 -11.12 -18.54
CA PRO B 178 6.03 -9.99 -19.17
C PRO B 178 6.98 -9.00 -19.86
N CYS B 179 6.46 -8.27 -20.84
CA CYS B 179 7.23 -7.23 -21.53
C CYS B 179 6.25 -6.36 -22.30
N TYR B 180 6.79 -5.50 -23.16
CA TYR B 180 5.99 -4.73 -24.10
C TYR B 180 6.27 -5.23 -25.50
N VAL B 181 5.35 -4.91 -26.42
CA VAL B 181 5.51 -5.29 -27.82
C VAL B 181 5.38 -4.05 -28.69
N VAL B 182 6.02 -4.12 -29.86
CA VAL B 182 6.05 -3.04 -30.82
C VAL B 182 5.30 -3.49 -32.06
N VAL B 183 4.26 -2.75 -32.43
CA VAL B 183 3.36 -3.13 -33.51
C VAL B 183 3.20 -1.98 -34.49
N ASP B 184 3.06 -2.32 -35.77
CA ASP B 184 2.84 -1.34 -36.81
C ASP B 184 1.36 -1.00 -36.91
N CYS B 185 1.07 0.28 -37.21
CA CYS B 185 -0.30 0.74 -37.35
C CYS B 185 -0.56 1.49 -38.65
N GLY B 186 0.47 1.95 -39.35
CA GLY B 186 0.31 2.59 -40.63
C GLY B 186 0.13 4.10 -40.53
N VAL B 187 0.36 4.76 -41.67
CA VAL B 187 0.21 6.20 -41.80
C VAL B 187 -0.75 6.48 -42.95
N GLU B 188 -1.41 7.64 -42.92
CA GLU B 188 -2.46 7.93 -43.89
C GLU B 188 -1.92 8.63 -45.13
N VAL B 189 -1.34 9.82 -44.97
CA VAL B 189 -0.80 10.56 -46.10
C VAL B 189 0.66 10.95 -45.84
N ASN B 190 0.91 11.66 -44.75
CA ASN B 190 2.26 11.96 -44.31
C ASN B 190 2.22 12.26 -42.82
N ILE B 191 3.37 12.09 -42.17
CA ILE B 191 3.37 11.98 -40.72
C ILE B 191 3.52 13.34 -40.03
N PHE B 192 3.85 14.40 -40.78
CA PHE B 192 4.20 15.68 -40.18
C PHE B 192 3.15 16.13 -39.16
N GLU B 193 1.87 15.98 -39.50
CA GLU B 193 0.82 16.28 -38.54
C GLU B 193 0.23 15.02 -37.92
N ASP B 194 0.32 13.89 -38.63
CA ASP B 194 -0.31 12.66 -38.16
C ASP B 194 0.31 12.17 -36.85
N ALA B 195 1.63 12.35 -36.69
CA ALA B 195 2.28 11.91 -35.46
C ALA B 195 1.71 12.62 -34.24
N VAL B 196 1.49 13.94 -34.36
CA VAL B 196 0.89 14.68 -33.27
C VAL B 196 -0.59 14.32 -33.11
N ASN B 197 -1.30 14.14 -34.22
CA ASN B 197 -2.73 13.90 -34.15
C ASN B 197 -3.04 12.58 -33.45
N ARG B 198 -2.37 11.51 -33.86
CA ARG B 198 -2.59 10.19 -33.24
C ARG B 198 -1.74 9.96 -32.02
N LYS B 199 -0.82 10.87 -31.70
CA LYS B 199 0.03 10.83 -30.51
C LYS B 199 0.72 9.47 -30.34
N LEU B 200 1.29 8.97 -31.43
CA LEU B 200 2.23 7.84 -31.38
C LEU B 200 3.64 8.36 -31.61
N GLN B 201 4.60 7.44 -31.63
CA GLN B 201 6.00 7.80 -31.70
C GLN B 201 6.61 7.39 -33.03
N PRO B 202 7.49 8.22 -33.60
CA PRO B 202 8.17 7.86 -34.85
C PRO B 202 9.32 6.89 -34.58
N MET B 203 9.84 6.31 -35.67
CA MET B 203 10.96 5.40 -35.61
C MET B 203 11.48 5.22 -37.04
N VAL B 204 12.79 5.00 -37.15
CA VAL B 204 13.46 4.97 -38.44
C VAL B 204 13.44 3.54 -38.97
N ASN B 205 12.54 3.28 -39.91
CA ASN B 205 12.43 1.94 -40.51
C ASN B 205 13.56 1.62 -41.47
N GLY B 206 14.25 2.62 -42.01
CA GLY B 206 15.31 2.36 -42.95
C GLY B 206 15.89 3.66 -43.49
N TYR B 207 16.78 3.50 -44.46
CA TYR B 207 17.48 4.61 -45.09
C TYR B 207 17.22 4.59 -46.59
N LYS B 208 17.08 5.79 -47.17
CA LYS B 208 16.87 5.96 -48.60
C LYS B 208 18.10 6.62 -49.20
N LYS B 209 18.68 5.97 -50.20
CA LYS B 209 19.86 6.48 -50.88
C LYS B 209 19.50 7.67 -51.77
N LEU B 210 20.38 8.66 -51.80
CA LEU B 210 20.14 9.88 -52.57
C LEU B 210 21.19 10.10 -53.66
N GLU B 211 22.49 10.13 -53.32
CA GLU B 211 23.53 10.16 -54.34
C GLU B 211 24.67 9.23 -53.90
N LYS B 212 25.64 9.07 -54.80
CA LYS B 212 26.80 8.22 -54.57
C LYS B 212 28.00 9.07 -54.17
N ILE B 213 28.72 8.62 -53.14
CA ILE B 213 29.93 9.29 -52.70
C ILE B 213 31.07 8.92 -53.65
N VAL B 214 31.56 9.89 -54.41
CA VAL B 214 32.58 9.62 -55.40
C VAL B 214 33.92 9.28 -54.73
N ASP B 215 34.27 10.03 -53.69
CA ASP B 215 35.56 9.85 -53.04
C ASP B 215 35.64 8.52 -52.31
N ASN B 216 36.82 7.90 -52.38
CA ASN B 216 37.10 6.62 -51.73
C ASN B 216 38.47 6.67 -51.05
N LYS B 217 38.72 7.75 -50.32
CA LYS B 217 40.01 7.98 -49.68
C LYS B 217 40.03 7.58 -48.22
N HIS B 218 39.13 8.13 -47.41
CA HIS B 218 39.13 7.93 -45.96
C HIS B 218 38.20 6.81 -45.51
N MET B 219 37.63 6.05 -46.43
CA MET B 219 36.73 4.97 -46.05
C MET B 219 37.51 3.84 -45.39
N ARG B 220 36.78 3.05 -44.59
CA ARG B 220 37.37 1.89 -43.93
C ARG B 220 37.69 0.76 -44.90
N ASP B 221 37.19 0.85 -46.14
CA ASP B 221 37.48 -0.14 -47.17
C ASP B 221 37.64 0.58 -48.50
N LYS B 222 38.30 -0.10 -49.44
CA LYS B 222 38.54 0.45 -50.77
C LYS B 222 37.78 -0.29 -51.86
N PHE B 223 36.88 -1.20 -51.50
CA PHE B 223 36.07 -1.93 -52.46
C PHE B 223 34.56 -1.78 -52.22
N THR B 224 34.14 -1.51 -51.00
CA THR B 224 32.72 -1.33 -50.72
C THR B 224 32.23 -0.04 -51.36
N PRO B 225 31.14 -0.08 -52.13
CA PRO B 225 30.62 1.16 -52.72
C PRO B 225 30.14 2.13 -51.64
N ALA B 226 30.32 3.42 -51.94
CA ALA B 226 30.00 4.48 -51.00
C ALA B 226 28.77 5.25 -51.47
N TYR B 227 27.71 5.20 -50.67
CA TYR B 227 26.46 5.87 -50.98
C TYR B 227 26.08 6.78 -49.82
N LEU B 228 25.29 7.79 -50.13
CA LEU B 228 24.76 8.73 -49.14
C LEU B 228 23.25 8.52 -49.04
N ALA B 229 22.75 8.48 -47.81
CA ALA B 229 21.35 8.15 -47.57
C ALA B 229 20.81 9.02 -46.43
N THR B 230 19.47 9.06 -46.36
CA THR B 230 18.78 9.78 -45.31
C THR B 230 17.73 8.89 -44.67
N PRO B 231 17.42 9.11 -43.39
CA PRO B 231 16.46 8.23 -42.70
C PRO B 231 15.04 8.42 -43.20
N THR B 232 14.25 7.36 -43.06
CA THR B 232 12.82 7.39 -43.31
C THR B 232 12.09 6.99 -42.04
N TYR B 233 10.94 7.62 -41.80
CA TYR B 233 10.23 7.47 -40.53
C TYR B 233 8.98 6.62 -40.72
N THR B 234 8.75 5.71 -39.77
CA THR B 234 7.57 4.86 -39.76
C THR B 234 6.89 4.94 -38.39
N MET B 235 5.67 4.41 -38.33
CA MET B 235 4.86 4.41 -37.12
C MET B 235 4.90 3.05 -36.45
N ILE B 236 5.27 3.05 -35.17
CA ILE B 236 5.20 1.87 -34.32
C ILE B 236 4.55 2.27 -33.01
N GLY B 237 4.04 1.28 -32.30
CA GLY B 237 3.35 1.53 -31.04
C GLY B 237 3.70 0.46 -30.02
N TYR B 238 3.74 0.89 -28.77
CA TYR B 238 4.12 0.05 -27.65
C TYR B 238 2.87 -0.38 -26.90
N LYS B 239 2.56 -1.67 -26.95
CA LYS B 239 1.35 -2.17 -26.30
C LYS B 239 1.67 -3.43 -25.50
N MET B 240 0.62 -3.97 -24.87
CA MET B 240 0.68 -5.20 -24.11
C MET B 240 0.58 -6.40 -25.05
N VAL B 241 1.27 -7.48 -24.68
CA VAL B 241 1.26 -8.68 -25.52
C VAL B 241 -0.15 -9.25 -25.61
N SER B 242 -0.87 -9.28 -24.48
CA SER B 242 -2.22 -9.83 -24.48
C SER B 242 -3.18 -9.00 -25.32
N ASN B 243 -2.91 -7.71 -25.49
CA ASN B 243 -3.75 -6.85 -26.32
C ASN B 243 -3.49 -7.05 -27.81
N VAL B 244 -2.47 -7.82 -28.17
CA VAL B 244 -2.21 -8.15 -29.57
C VAL B 244 -3.04 -9.36 -29.96
N ASP B 245 -3.92 -9.18 -30.94
CA ASP B 245 -4.78 -10.29 -31.38
C ASP B 245 -3.98 -11.36 -32.11
N ASN B 246 -3.16 -10.97 -33.07
CA ASN B 246 -2.35 -11.89 -33.85
C ASN B 246 -0.89 -11.46 -33.82
N PHE B 247 0.01 -12.43 -33.63
CA PHE B 247 1.41 -12.11 -33.36
C PHE B 247 2.18 -11.71 -34.62
N ASP B 248 1.69 -12.07 -35.80
CA ASP B 248 2.50 -11.86 -36.99
C ASP B 248 2.70 -10.38 -37.31
N GLN B 249 1.96 -9.49 -36.63
CA GLN B 249 2.20 -8.06 -36.75
C GLN B 249 3.55 -7.63 -36.17
N ALA B 250 4.17 -8.45 -35.33
CA ALA B 250 5.41 -8.10 -34.66
C ALA B 250 6.64 -8.69 -35.32
N LEU B 251 6.50 -9.34 -36.47
CA LEU B 251 7.63 -9.87 -37.21
C LEU B 251 8.14 -8.85 -38.22
N TRP B 252 9.46 -8.83 -38.39
CA TRP B 252 10.12 -7.92 -39.30
C TRP B 252 10.80 -8.71 -40.41
N GLN B 253 10.53 -8.33 -41.65
CA GLN B 253 11.14 -8.99 -42.80
C GLN B 253 11.70 -7.94 -43.75
N TYR B 254 12.91 -8.19 -44.24
CA TYR B 254 13.54 -7.27 -45.17
C TYR B 254 12.72 -7.15 -46.44
N GLY B 255 12.49 -5.92 -46.89
CA GLY B 255 11.68 -5.64 -48.05
C GLY B 255 12.46 -4.96 -49.17
N GLU B 256 11.74 -4.69 -50.25
CA GLU B 256 12.31 -4.04 -51.41
C GLU B 256 12.68 -2.60 -51.09
N ASN B 257 13.75 -2.12 -51.74
CA ASN B 257 14.24 -0.75 -51.58
C ASN B 257 14.72 -0.51 -50.14
N THR B 258 15.45 -1.49 -49.60
CA THR B 258 16.10 -1.38 -48.29
C THR B 258 15.10 -1.02 -47.19
N LYS B 259 13.93 -1.64 -47.25
CA LYS B 259 12.85 -1.40 -46.30
C LYS B 259 12.60 -2.65 -45.46
N VAL B 260 11.88 -2.46 -44.36
CA VAL B 260 11.50 -3.53 -43.45
C VAL B 260 9.98 -3.50 -43.31
N LYS B 261 9.34 -4.65 -43.48
CA LYS B 261 7.90 -4.76 -43.48
C LYS B 261 7.44 -5.78 -42.45
N THR B 262 6.14 -5.77 -42.19
CA THR B 262 5.51 -6.74 -41.30
C THR B 262 4.80 -7.81 -42.11
N ILE B 263 4.70 -9.00 -41.53
CA ILE B 263 4.10 -10.13 -42.24
C ILE B 263 2.59 -9.92 -42.38
N GLY B 264 1.93 -9.43 -41.33
CA GLY B 264 0.49 -9.31 -41.33
C GLY B 264 -0.09 -8.11 -42.03
N GLY B 265 0.72 -7.09 -42.32
CA GLY B 265 0.22 -5.93 -43.03
C GLY B 265 -0.51 -4.95 -42.13
N ILE B 266 -1.59 -4.38 -42.68
CA ILE B 266 -2.32 -3.32 -42.00
C ILE B 266 -3.04 -3.87 -40.78
N TYR B 267 -2.96 -3.14 -39.67
CA TYR B 267 -3.67 -3.52 -38.47
C TYR B 267 -5.18 -3.33 -38.63
N ASN B 268 -5.93 -4.33 -38.19
CA ASN B 268 -7.38 -4.29 -38.20
C ASN B 268 -7.91 -5.07 -37.00
N ASP B 269 -9.10 -4.70 -36.54
CA ASP B 269 -9.73 -5.37 -35.40
C ASP B 269 -10.32 -6.72 -35.82
N LYS C 24 -22.77 -31.57 -32.80
CA LYS C 24 -23.98 -32.39 -32.77
C LYS C 24 -24.33 -32.82 -31.36
N LEU C 25 -25.37 -32.21 -30.80
CA LEU C 25 -25.89 -32.53 -29.47
C LEU C 25 -24.79 -32.36 -28.42
N LYS C 26 -24.34 -31.11 -28.29
CA LYS C 26 -23.31 -30.78 -27.33
C LYS C 26 -23.84 -30.92 -25.90
N ALA C 27 -22.96 -31.31 -24.99
CA ALA C 27 -23.33 -31.42 -23.60
C ALA C 27 -23.60 -30.04 -23.01
N PRO C 28 -24.54 -29.93 -22.07
CA PRO C 28 -24.86 -28.63 -21.49
C PRO C 28 -23.67 -28.02 -20.77
N ALA C 29 -23.65 -26.68 -20.75
CA ALA C 29 -22.55 -25.96 -20.12
C ALA C 29 -22.44 -26.25 -18.63
N VAL C 30 -23.54 -26.62 -17.98
CA VAL C 30 -23.54 -26.96 -16.57
C VAL C 30 -24.26 -28.29 -16.39
N LEU C 31 -23.65 -29.20 -15.62
CA LEU C 31 -24.22 -30.51 -15.37
C LEU C 31 -23.61 -31.06 -14.08
N ALA C 32 -24.42 -31.77 -13.31
CA ALA C 32 -23.95 -32.28 -12.04
C ALA C 32 -24.90 -33.36 -11.53
N TYR C 33 -24.33 -34.36 -10.86
CA TYR C 33 -25.09 -35.35 -10.13
C TYR C 33 -24.54 -35.38 -8.72
N SER C 34 -25.41 -35.24 -7.73
CA SER C 34 -24.91 -35.02 -6.37
C SER C 34 -24.14 -36.20 -5.83
N ARG C 35 -24.83 -37.29 -5.47
CA ARG C 35 -24.15 -38.42 -4.84
C ARG C 35 -25.16 -39.54 -4.57
N LYS C 36 -24.67 -40.78 -4.54
CA LYS C 36 -25.50 -41.92 -4.17
C LYS C 36 -24.90 -42.79 -3.09
N ILE C 37 -23.67 -42.54 -2.67
CA ILE C 37 -23.00 -43.32 -1.64
C ILE C 37 -22.70 -42.35 -0.49
N ASN C 38 -23.31 -42.58 0.66
CA ASN C 38 -23.20 -41.60 1.75
C ASN C 38 -22.49 -42.21 2.95
N PRO C 39 -21.21 -41.89 3.17
CA PRO C 39 -20.52 -42.39 4.36
C PRO C 39 -20.60 -41.42 5.51
N THR C 40 -20.52 -41.93 6.74
CA THR C 40 -20.50 -41.12 7.93
C THR C 40 -19.11 -41.16 8.55
N ASN C 41 -18.69 -40.04 9.12
CA ASN C 41 -17.36 -39.94 9.72
C ASN C 41 -17.11 -41.09 10.67
N ALA C 42 -16.06 -41.87 10.39
CA ALA C 42 -15.74 -43.02 11.24
C ALA C 42 -15.27 -42.55 12.60
N LEU C 43 -15.73 -43.22 13.65
CA LEU C 43 -15.39 -42.86 15.02
C LEU C 43 -14.57 -43.96 15.65
N MET C 44 -13.52 -43.55 16.38
CA MET C 44 -12.56 -44.46 16.97
C MET C 44 -12.81 -44.64 18.46
N PHE C 45 -12.51 -45.83 18.95
CA PHE C 45 -12.72 -46.20 20.34
C PHE C 45 -11.72 -47.28 20.73
N ALA C 46 -11.53 -47.45 22.02
CA ALA C 46 -10.66 -48.49 22.56
C ALA C 46 -11.52 -49.53 23.28
N VAL C 47 -11.33 -50.80 22.95
CA VAL C 47 -12.14 -51.87 23.52
C VAL C 47 -11.33 -53.16 23.49
N ASN C 48 -11.65 -54.07 24.40
CA ASN C 48 -10.94 -55.34 24.50
C ASN C 48 -11.57 -56.40 23.63
N TRP C 49 -10.77 -57.39 23.24
CA TRP C 49 -11.28 -58.49 22.42
C TRP C 49 -12.32 -59.31 23.16
N SER C 50 -12.08 -59.59 24.44
CA SER C 50 -13.02 -60.36 25.25
C SER C 50 -14.03 -59.49 25.97
N ASP C 51 -13.92 -58.17 25.87
CA ASP C 51 -14.79 -57.22 26.55
C ASP C 51 -15.38 -56.23 25.56
N ARG C 52 -15.95 -56.77 24.47
CA ARG C 52 -16.45 -55.95 23.36
C ARG C 52 -17.62 -55.06 23.76
N ASP C 53 -18.03 -55.11 25.02
CA ASP C 53 -19.12 -54.28 25.52
C ASP C 53 -18.65 -53.00 26.20
N ASN C 54 -17.48 -53.03 26.84
CA ASN C 54 -16.96 -51.86 27.54
C ASN C 54 -16.37 -50.89 26.52
N THR C 55 -17.09 -49.81 26.25
CA THR C 55 -16.66 -48.82 25.26
C THR C 55 -15.89 -47.70 25.94
N THR C 56 -14.68 -47.43 25.44
CA THR C 56 -13.83 -46.39 26.00
C THR C 56 -13.32 -45.50 24.87
N ALA C 57 -13.29 -44.20 25.12
CA ALA C 57 -12.92 -43.22 24.11
C ALA C 57 -11.41 -43.21 23.89
N VAL C 58 -11.01 -42.58 22.79
CA VAL C 58 -9.61 -42.41 22.42
C VAL C 58 -9.33 -40.92 22.34
N MET C 59 -8.33 -40.46 23.08
CA MET C 59 -8.02 -39.04 23.18
C MET C 59 -7.01 -38.67 22.09
N VAL C 60 -6.46 -37.46 22.16
CA VAL C 60 -5.52 -37.02 21.13
C VAL C 60 -4.16 -36.71 21.77
N GLY C 61 -4.11 -35.71 22.64
CA GLY C 61 -2.85 -35.32 23.26
C GLY C 61 -1.92 -34.62 22.28
N THR C 62 -0.75 -34.24 22.80
CA THR C 62 0.27 -33.59 22.00
C THR C 62 1.62 -33.83 22.65
N LYS C 63 2.69 -33.69 21.86
CA LYS C 63 4.03 -33.96 22.35
C LYS C 63 5.03 -33.17 21.49
N THR C 64 6.30 -33.25 21.89
CA THR C 64 7.38 -32.55 21.20
C THR C 64 8.40 -33.57 20.68
N VAL C 65 9.10 -33.17 19.61
CA VAL C 65 10.09 -34.00 18.97
C VAL C 65 11.32 -33.17 18.65
N ALA C 66 12.50 -33.77 18.81
CA ALA C 66 13.77 -33.12 18.54
C ALA C 66 14.55 -33.99 17.56
N GLY C 67 14.91 -33.41 16.42
CA GLY C 67 15.61 -34.14 15.36
C GLY C 67 16.65 -33.30 14.70
N THR C 68 16.87 -33.54 13.40
CA THR C 68 17.91 -32.87 12.63
C THR C 68 17.37 -32.59 11.23
N GLN C 69 18.28 -32.21 10.33
CA GLN C 69 17.95 -31.96 8.94
C GLN C 69 18.51 -33.09 8.09
N SER C 70 17.62 -33.91 7.55
CA SER C 70 17.99 -35.04 6.69
C SER C 70 17.45 -34.74 5.30
N VAL C 71 18.27 -34.12 4.47
CA VAL C 71 17.90 -33.78 3.09
C VAL C 71 18.70 -34.67 2.15
N ARG C 72 18.04 -35.18 1.12
CA ARG C 72 18.67 -36.13 0.22
C ARG C 72 19.78 -35.46 -0.58
N GLY C 73 20.99 -36.00 -0.48
CA GLY C 73 22.13 -35.51 -1.21
C GLY C 73 23.07 -34.62 -0.43
N ASN C 74 22.63 -34.04 0.69
CA ASN C 74 23.46 -33.15 1.50
C ASN C 74 23.34 -33.52 2.98
N PRO C 75 23.94 -34.64 3.39
CA PRO C 75 23.98 -34.97 4.83
C PRO C 75 25.06 -34.25 5.61
N ASN C 76 25.79 -33.32 4.99
CA ASN C 76 26.87 -32.61 5.66
C ASN C 76 26.39 -31.62 6.71
N ASP C 77 25.09 -31.31 6.75
CA ASP C 77 24.52 -30.35 7.68
C ASP C 77 23.81 -31.05 8.84
N ALA C 78 24.39 -32.15 9.32
CA ALA C 78 23.82 -32.95 10.39
C ALA C 78 24.43 -32.58 11.75
N ASP C 79 24.80 -31.32 11.94
CA ASP C 79 25.38 -30.86 13.19
C ASP C 79 24.47 -29.94 13.97
N LYS C 80 23.35 -29.50 13.41
CA LYS C 80 22.40 -28.64 14.08
C LYS C 80 21.05 -29.32 14.18
N GLY C 81 20.49 -29.36 15.39
CA GLY C 81 19.20 -29.99 15.60
C GLY C 81 18.04 -29.00 15.52
N ASN C 82 16.83 -29.55 15.38
CA ASN C 82 15.61 -28.76 15.31
C ASN C 82 14.55 -29.35 16.23
N ILE C 83 13.64 -28.49 16.65
CA ILE C 83 12.60 -28.85 17.61
C ILE C 83 11.25 -28.55 17.01
N GLN C 84 10.28 -29.44 17.25
CA GLN C 84 8.94 -29.27 16.70
C GLN C 84 7.94 -29.89 17.66
N THR C 85 6.66 -29.62 17.41
CA THR C 85 5.56 -30.17 18.20
C THR C 85 4.62 -30.92 17.28
N VAL C 86 4.25 -32.14 17.67
CA VAL C 86 3.38 -32.99 16.86
C VAL C 86 2.25 -33.54 17.72
N ASN C 87 1.18 -33.92 17.05
CA ASN C 87 0.02 -34.55 17.69
C ASN C 87 0.08 -36.05 17.45
N PHE C 88 -0.08 -36.82 18.52
CA PHE C 88 -0.07 -38.26 18.45
C PHE C 88 -1.46 -38.80 18.77
N ALA C 89 -1.58 -40.14 18.81
CA ALA C 89 -2.81 -40.81 19.20
C ALA C 89 -2.49 -42.27 19.42
N ASN C 90 -3.00 -42.83 20.52
CA ASN C 90 -2.68 -44.21 20.86
C ASN C 90 -3.73 -44.77 21.81
N LEU C 91 -3.75 -46.11 21.89
CA LEU C 91 -4.64 -46.77 22.82
C LEU C 91 -4.16 -46.58 24.25
N PRO C 92 -5.06 -46.56 25.22
CA PRO C 92 -4.63 -46.47 26.63
C PRO C 92 -4.09 -47.81 27.13
N HIS C 93 -3.77 -47.87 28.41
CA HIS C 93 -3.31 -49.12 29.00
C HIS C 93 -4.42 -50.16 29.03
N ASN C 94 -4.05 -51.39 29.36
CA ASN C 94 -4.92 -52.55 29.47
C ASN C 94 -5.98 -52.62 28.38
N LYS C 95 -5.61 -52.22 27.16
CA LYS C 95 -6.48 -52.33 26.00
C LYS C 95 -5.71 -53.01 24.87
N ASN C 96 -6.43 -53.74 24.02
CA ASN C 96 -5.78 -54.43 22.91
C ASN C 96 -6.59 -54.38 21.62
N THR C 97 -7.72 -53.69 21.59
CA THR C 97 -8.57 -53.67 20.39
C THR C 97 -8.94 -52.24 20.04
N LEU C 98 -8.76 -51.88 18.77
CA LEU C 98 -9.21 -50.60 18.25
C LEU C 98 -10.53 -50.82 17.52
N LEU C 99 -11.55 -50.06 17.90
CA LEU C 99 -12.88 -50.15 17.31
C LEU C 99 -13.15 -48.93 16.46
N VAL C 100 -13.65 -49.15 15.25
CA VAL C 100 -14.02 -48.05 14.36
C VAL C 100 -15.44 -48.27 13.89
N LYS C 101 -16.34 -47.35 14.22
CA LYS C 101 -17.75 -47.53 13.89
C LYS C 101 -18.25 -46.38 13.02
N TYR C 102 -19.19 -46.72 12.14
CA TYR C 102 -19.83 -45.71 11.29
C TYR C 102 -21.05 -46.33 10.61
N ASN C 103 -21.70 -45.54 9.76
CA ASN C 103 -22.93 -45.91 9.07
C ASN C 103 -22.83 -45.48 7.62
N VAL C 104 -23.41 -46.28 6.72
CA VAL C 104 -23.39 -46.00 5.29
C VAL C 104 -24.82 -46.02 4.76
N LYS C 105 -25.17 -45.00 3.99
CA LYS C 105 -26.51 -44.87 3.43
C LYS C 105 -26.45 -44.91 1.90
N PHE C 106 -27.29 -45.76 1.31
CA PHE C 106 -27.39 -45.91 -0.13
C PHE C 106 -28.74 -45.39 -0.56
N VAL C 107 -28.76 -44.30 -1.31
CA VAL C 107 -29.98 -43.69 -1.82
C VAL C 107 -30.03 -43.91 -3.33
N GLY C 108 -31.18 -44.37 -3.81
CA GLY C 108 -31.32 -44.67 -5.22
C GLY C 108 -31.64 -43.44 -6.04
N ASP C 109 -32.59 -43.58 -6.97
CA ASP C 109 -33.01 -42.48 -7.84
C ASP C 109 -31.84 -41.93 -8.64
N VAL C 110 -30.96 -42.83 -9.08
CA VAL C 110 -29.80 -42.48 -9.90
C VAL C 110 -30.30 -42.09 -11.29
N PHE C 111 -29.42 -41.54 -12.12
CA PHE C 111 -29.62 -41.11 -13.50
C PHE C 111 -30.36 -39.78 -13.60
N LYS C 112 -30.82 -39.19 -12.49
CA LYS C 112 -31.55 -37.93 -12.53
C LYS C 112 -30.59 -36.79 -12.22
N ALA C 113 -30.21 -36.04 -13.25
CA ALA C 113 -29.41 -34.85 -13.05
C ALA C 113 -30.22 -33.79 -12.31
N GLU C 114 -29.56 -33.06 -11.41
CA GLU C 114 -30.24 -32.06 -10.61
C GLU C 114 -29.89 -30.62 -10.98
N LEU C 115 -28.76 -30.40 -11.64
CA LEU C 115 -28.39 -29.07 -12.12
C LEU C 115 -28.44 -29.10 -13.64
N GLY C 116 -29.61 -28.84 -14.19
CA GLY C 116 -29.81 -28.85 -15.63
C GLY C 116 -29.97 -30.26 -16.17
N GLY C 117 -30.31 -30.32 -17.46
CA GLY C 117 -30.50 -31.59 -18.12
C GLY C 117 -31.96 -31.93 -18.30
N GLY C 118 -32.48 -31.74 -19.51
CA GLY C 118 -33.86 -32.07 -19.80
C GLY C 118 -34.01 -33.04 -20.94
N GLU C 119 -33.00 -33.11 -21.80
CA GLU C 119 -32.98 -34.09 -22.88
C GLU C 119 -31.70 -34.91 -22.91
N TYR C 120 -30.56 -34.31 -22.59
CA TYR C 120 -29.29 -35.04 -22.62
C TYR C 120 -29.29 -36.18 -21.59
N SER C 121 -29.79 -35.90 -20.38
CA SER C 121 -29.83 -36.93 -19.35
C SER C 121 -30.72 -38.09 -19.77
N ASN C 122 -31.86 -37.81 -20.40
CA ASN C 122 -32.78 -38.87 -20.77
C ASN C 122 -32.18 -39.79 -21.83
N THR C 123 -31.59 -39.21 -22.88
CA THR C 123 -30.99 -40.06 -23.91
C THR C 123 -29.77 -40.80 -23.38
N LEU C 124 -28.99 -40.16 -22.49
CA LEU C 124 -27.86 -40.85 -21.88
C LEU C 124 -28.36 -42.02 -21.04
N GLN C 125 -29.48 -41.84 -20.34
CA GLN C 125 -30.09 -42.93 -19.58
C GLN C 125 -30.55 -44.06 -20.50
N THR C 126 -31.17 -43.70 -21.63
CA THR C 126 -31.64 -44.72 -22.57
C THR C 126 -30.47 -45.53 -23.12
N ALA C 127 -29.34 -44.87 -23.37
CA ALA C 127 -28.16 -45.60 -23.80
C ALA C 127 -27.66 -46.57 -22.72
N LEU C 128 -27.87 -46.23 -21.45
CA LEU C 128 -27.42 -47.04 -20.32
C LEU C 128 -28.52 -48.02 -19.92
N GLU C 129 -28.38 -48.63 -18.74
CA GLU C 129 -29.34 -49.58 -18.16
C GLU C 129 -29.71 -50.69 -19.14
N ASN C 130 -28.71 -51.17 -19.87
CA ASN C 130 -28.91 -52.26 -20.82
C ASN C 130 -27.99 -53.45 -20.54
N THR C 131 -27.37 -53.51 -19.37
CA THR C 131 -26.44 -54.59 -19.05
C THR C 131 -26.53 -54.90 -17.56
N ASP C 132 -25.54 -55.63 -17.06
CA ASP C 132 -25.55 -56.06 -15.67
C ASP C 132 -25.43 -54.87 -14.73
N PHE C 133 -26.05 -55.00 -13.55
CA PHE C 133 -26.08 -53.92 -12.57
C PHE C 133 -25.73 -54.34 -11.15
N GLY C 134 -25.89 -55.61 -10.78
CA GLY C 134 -25.63 -56.02 -9.41
C GLY C 134 -24.16 -56.21 -9.08
N THR C 135 -23.29 -56.21 -10.08
CA THR C 135 -21.86 -56.35 -9.83
C THR C 135 -21.32 -55.13 -9.07
N LEU C 136 -21.80 -53.94 -9.40
CA LEU C 136 -21.37 -52.74 -8.68
C LEU C 136 -21.71 -52.86 -7.19
N ALA C 137 -22.95 -53.26 -6.89
CA ALA C 137 -23.35 -53.41 -5.50
C ALA C 137 -22.53 -54.50 -4.82
N TYR C 138 -22.29 -55.61 -5.51
CA TYR C 138 -21.48 -56.67 -4.92
C TYR C 138 -20.08 -56.18 -4.57
N ARG C 139 -19.46 -55.43 -5.49
CA ARG C 139 -18.11 -54.94 -5.23
C ARG C 139 -18.10 -53.93 -4.10
N TYR C 140 -19.09 -53.04 -4.04
CA TYR C 140 -19.15 -52.06 -2.96
C TYR C 140 -19.29 -52.75 -1.61
N VAL C 141 -20.23 -53.69 -1.50
CA VAL C 141 -20.44 -54.34 -0.21
C VAL C 141 -19.24 -55.23 0.14
N TYR C 142 -18.57 -55.81 -0.84
CA TYR C 142 -17.35 -56.56 -0.57
C TYR C 142 -16.26 -55.66 -0.02
N ASN C 143 -16.09 -54.48 -0.65
CA ASN C 143 -15.11 -53.52 -0.14
C ASN C 143 -15.43 -53.13 1.29
N ILE C 144 -16.71 -52.94 1.60
CA ILE C 144 -17.09 -52.57 2.97
C ILE C 144 -16.80 -53.71 3.93
N ALA C 145 -17.19 -54.93 3.58
CA ALA C 145 -17.12 -56.06 4.50
C ALA C 145 -15.74 -56.69 4.59
N ALA C 146 -14.81 -56.32 3.71
CA ALA C 146 -13.46 -56.87 3.76
C ALA C 146 -12.49 -56.02 4.56
N GLY C 147 -12.93 -54.87 5.07
CA GLY C 147 -12.06 -54.04 5.88
C GLY C 147 -11.11 -53.15 5.13
N ARG C 148 -11.43 -52.79 3.87
CA ARG C 148 -10.57 -51.90 3.11
C ARG C 148 -10.77 -50.43 3.47
N THR C 149 -11.80 -50.11 4.26
CA THR C 149 -12.15 -48.71 4.49
C THR C 149 -11.05 -47.98 5.25
N LEU C 150 -10.58 -48.56 6.35
CA LEU C 150 -9.43 -48.01 7.04
C LEU C 150 -8.16 -48.34 6.26
N TRP C 151 -7.33 -47.31 6.03
CA TRP C 151 -6.26 -47.42 5.05
C TRP C 151 -4.92 -47.84 5.66
N ARG C 152 -4.39 -47.03 6.57
CA ARG C 152 -3.04 -47.25 7.08
C ARG C 152 -3.01 -48.04 8.38
N ASN C 153 -4.15 -48.39 8.95
CA ASN C 153 -4.16 -49.14 10.20
C ASN C 153 -4.06 -50.64 9.99
N ARG C 154 -4.15 -51.12 8.74
CA ARG C 154 -4.13 -52.56 8.49
C ARG C 154 -2.83 -53.19 8.94
N VAL C 155 -1.71 -52.47 8.81
CA VAL C 155 -0.41 -53.04 9.15
C VAL C 155 -0.33 -53.34 10.64
N GLY C 156 0.26 -54.48 10.98
CA GLY C 156 0.45 -54.87 12.35
C GLY C 156 -0.75 -55.53 13.01
N ALA C 157 -1.87 -55.68 12.31
CA ALA C 157 -3.06 -56.28 12.88
C ALA C 157 -3.08 -57.76 12.54
N GLU C 158 -3.12 -58.61 13.57
CA GLU C 158 -3.15 -60.05 13.34
C GLU C 158 -4.54 -60.55 12.98
N SER C 159 -5.59 -59.78 13.24
CA SER C 159 -6.95 -60.18 12.92
C SER C 159 -7.83 -58.94 12.84
N ILE C 160 -8.55 -58.80 11.74
CA ILE C 160 -9.50 -57.71 11.53
C ILE C 160 -10.85 -58.33 11.23
N GLU C 161 -11.90 -57.86 11.89
CA GLU C 161 -13.24 -58.36 11.62
C GLU C 161 -14.21 -57.19 11.53
N THR C 162 -15.32 -57.42 10.81
CA THR C 162 -16.29 -56.37 10.57
C THR C 162 -17.71 -56.91 10.76
N VAL C 163 -18.51 -56.20 11.54
CA VAL C 163 -19.90 -56.56 11.78
C VAL C 163 -20.77 -55.55 11.05
N ILE C 164 -21.71 -56.04 10.24
CA ILE C 164 -22.57 -55.20 9.42
C ILE C 164 -24.02 -55.53 9.75
N THR C 165 -24.82 -54.50 10.00
CA THR C 165 -26.20 -54.67 10.41
C THR C 165 -27.12 -53.93 9.45
N VAL C 166 -28.17 -54.60 8.99
CA VAL C 166 -29.16 -54.02 8.09
C VAL C 166 -30.49 -54.75 8.27
N ASN C 167 -31.57 -53.97 8.38
CA ASN C 167 -32.93 -54.50 8.45
C ASN C 167 -33.08 -55.54 9.56
N ASP C 168 -32.53 -55.22 10.73
CA ASP C 168 -32.60 -56.08 11.91
C ASP C 168 -31.94 -57.44 11.67
N GLN C 169 -31.01 -57.50 10.72
CA GLN C 169 -30.23 -58.70 10.45
C GLN C 169 -28.75 -58.34 10.51
N THR C 170 -27.99 -59.13 11.26
CA THR C 170 -26.57 -58.88 11.47
C THR C 170 -25.74 -59.96 10.80
N PHE C 171 -24.62 -59.55 10.19
CA PHE C 171 -23.69 -60.47 9.57
C PHE C 171 -22.28 -60.12 10.02
N THR C 172 -21.55 -61.12 10.49
CA THR C 172 -20.17 -60.95 10.92
C THR C 172 -19.25 -61.51 9.85
N PHE C 173 -18.22 -60.74 9.48
CA PHE C 173 -17.29 -61.13 8.44
C PHE C 173 -15.87 -61.05 8.99
N SER C 174 -15.20 -62.20 9.00
CA SER C 174 -13.77 -62.28 9.26
C SER C 174 -13.01 -62.66 7.99
N ASP C 175 -13.50 -62.21 6.84
CA ASP C 175 -12.98 -62.62 5.55
C ASP C 175 -11.68 -61.90 5.22
N LEU C 176 -10.76 -62.64 4.64
CA LEU C 176 -9.45 -62.16 4.22
C LEU C 176 -9.51 -61.79 2.73
N LEU C 177 -8.34 -61.56 2.13
CA LEU C 177 -8.20 -61.33 0.69
C LEU C 177 -8.93 -60.05 0.28
N VAL C 178 -8.41 -58.92 0.78
CA VAL C 178 -9.01 -57.62 0.52
C VAL C 178 -9.07 -57.31 -0.97
N ASN C 179 -8.12 -57.82 -1.74
CA ASN C 179 -8.05 -57.56 -3.17
C ASN C 179 -8.58 -58.74 -3.96
N GLU C 180 -8.56 -58.61 -5.29
CA GLU C 180 -8.97 -59.65 -6.24
C GLU C 180 -10.31 -60.29 -5.84
N PHE C 181 -11.35 -59.46 -5.94
CA PHE C 181 -12.72 -59.83 -5.59
C PHE C 181 -13.04 -61.27 -5.96
N ASP C 182 -13.67 -61.98 -5.02
CA ASP C 182 -14.05 -63.37 -5.20
C ASP C 182 -15.54 -63.52 -4.93
N GLU C 183 -16.00 -64.77 -4.88
CA GLU C 183 -17.40 -65.09 -4.64
C GLU C 183 -17.62 -65.50 -3.18
N ASP C 184 -18.82 -65.23 -2.69
CA ASP C 184 -19.20 -65.58 -1.33
C ASP C 184 -20.72 -65.66 -1.25
N VAL C 185 -21.20 -66.31 -0.19
CA VAL C 185 -22.63 -66.56 -0.02
C VAL C 185 -23.27 -65.60 0.97
N ASP C 186 -22.56 -65.24 2.04
CA ASP C 186 -23.14 -64.39 3.07
C ASP C 186 -23.14 -62.92 2.67
N VAL C 187 -22.43 -62.54 1.60
CA VAL C 187 -22.44 -61.17 1.11
C VAL C 187 -23.43 -60.99 -0.03
N ALA C 188 -24.01 -62.08 -0.53
CA ALA C 188 -24.90 -61.99 -1.68
C ALA C 188 -26.20 -61.27 -1.34
N GLU C 189 -26.72 -61.47 -0.13
CA GLU C 189 -27.99 -60.85 0.25
C GLU C 189 -27.87 -59.34 0.33
N ILE C 190 -26.84 -58.84 1.01
CA ILE C 190 -26.64 -57.40 1.11
C ILE C 190 -26.38 -56.80 -0.26
N ALA C 191 -25.58 -57.50 -1.08
CA ALA C 191 -25.33 -57.02 -2.44
C ALA C 191 -26.61 -56.92 -3.25
N ASP C 192 -27.47 -57.93 -3.13
CA ASP C 192 -28.74 -57.93 -3.85
C ASP C 192 -29.63 -56.78 -3.38
N MET C 193 -29.68 -56.55 -2.07
CA MET C 193 -30.50 -55.46 -1.54
C MET C 193 -29.99 -54.11 -2.05
N VAL C 194 -28.67 -53.91 -2.03
CA VAL C 194 -28.10 -52.65 -2.50
C VAL C 194 -28.36 -52.46 -3.99
N ALA C 195 -28.20 -53.53 -4.78
CA ALA C 195 -28.47 -53.44 -6.20
C ALA C 195 -29.93 -53.11 -6.47
N GLY C 196 -30.84 -53.72 -5.71
CA GLY C 196 -32.25 -53.44 -5.89
C GLY C 196 -32.60 -52.01 -5.54
N VAL C 197 -32.03 -51.49 -4.45
CA VAL C 197 -32.37 -50.12 -4.05
C VAL C 197 -31.64 -49.10 -4.91
N LEU C 198 -30.60 -49.50 -5.65
CA LEU C 198 -29.89 -48.56 -6.51
C LEU C 198 -30.60 -48.32 -7.83
N SER C 199 -31.36 -49.28 -8.33
CA SER C 199 -32.04 -49.15 -9.63
C SER C 199 -33.46 -48.61 -9.46
N GLY C 200 -33.60 -47.53 -8.70
CA GLY C 200 -34.88 -46.86 -8.56
C GLY C 200 -35.60 -47.29 -7.29
N GLU C 201 -35.46 -46.50 -6.23
CA GLU C 201 -36.00 -46.86 -4.93
C GLU C 201 -35.89 -45.66 -4.00
N GLY C 202 -36.07 -45.88 -2.71
CA GLY C 202 -35.82 -44.86 -1.70
C GLY C 202 -34.41 -44.98 -1.17
N PHE C 203 -34.24 -45.52 0.04
CA PHE C 203 -32.92 -45.59 0.64
C PHE C 203 -32.78 -46.87 1.46
N VAL C 204 -31.53 -47.26 1.69
CA VAL C 204 -31.18 -48.35 2.59
C VAL C 204 -30.00 -47.89 3.44
N THR C 205 -29.83 -48.52 4.60
CA THR C 205 -28.79 -48.14 5.54
C THR C 205 -28.07 -49.38 6.05
N LEU C 206 -26.80 -49.19 6.40
CA LEU C 206 -25.98 -50.22 7.03
C LEU C 206 -25.23 -49.61 8.21
N LYS C 207 -25.12 -50.39 9.29
CA LYS C 207 -24.30 -50.00 10.44
C LYS C 207 -23.09 -50.92 10.48
N VAL C 208 -21.89 -50.35 10.51
CA VAL C 208 -20.66 -51.12 10.36
C VAL C 208 -19.73 -50.85 11.54
N GLU C 209 -19.17 -51.92 12.09
CA GLU C 209 -18.23 -51.89 13.20
C GLU C 209 -16.98 -52.67 12.80
N HIS C 210 -15.81 -52.09 13.05
CA HIS C 210 -14.52 -52.70 12.74
C HIS C 210 -13.81 -53.01 14.05
N TYR C 211 -13.46 -54.28 14.25
CA TYR C 211 -12.70 -54.75 15.40
C TYR C 211 -11.31 -55.17 14.96
N MET C 212 -10.32 -54.86 15.80
CA MET C 212 -8.91 -54.99 15.43
C MET C 212 -8.13 -55.53 16.61
N LEU C 213 -6.88 -55.91 16.35
CA LEU C 213 -5.98 -56.42 17.39
C LEU C 213 -4.57 -55.87 17.22
N LEU C 214 -4.46 -54.55 17.03
CA LEU C 214 -3.14 -53.93 16.87
C LEU C 214 -2.19 -54.28 18.02
N GLY C 215 -2.71 -54.44 19.23
CA GLY C 215 -1.92 -54.85 20.36
C GLY C 215 -2.20 -53.98 21.56
N GLU C 216 -1.34 -54.11 22.57
CA GLU C 216 -1.48 -53.36 23.81
C GLU C 216 -0.68 -52.07 23.70
N GLY C 217 -1.38 -50.93 23.75
CA GLY C 217 -0.71 -49.66 23.67
C GLY C 217 -0.18 -49.29 22.31
N SER C 218 -0.77 -49.82 21.25
CA SER C 218 -0.31 -49.50 19.90
C SER C 218 -0.64 -48.05 19.55
N GLU C 219 -0.23 -47.64 18.36
CA GLU C 219 -0.42 -46.28 17.88
C GLU C 219 -1.37 -46.30 16.69
N VAL C 220 -2.45 -45.53 16.79
CA VAL C 220 -3.45 -45.46 15.72
C VAL C 220 -3.08 -44.35 14.74
N PHE C 221 -3.69 -44.39 13.56
CA PHE C 221 -3.37 -43.47 12.47
C PHE C 221 -4.64 -42.74 12.03
N PRO C 222 -5.08 -41.74 12.80
CA PRO C 222 -6.21 -40.92 12.35
C PRO C 222 -5.79 -40.00 11.22
N SER C 223 -6.79 -39.39 10.59
CA SER C 223 -6.56 -38.56 9.42
C SER C 223 -5.82 -37.29 9.80
N GLN C 224 -5.09 -36.75 8.83
CA GLN C 224 -4.31 -35.54 9.00
C GLN C 224 -5.02 -34.33 8.40
N GLU C 225 -4.47 -33.15 8.69
CA GLU C 225 -5.06 -31.89 8.27
C GLU C 225 -3.98 -31.00 7.68
N PHE C 226 -4.39 -29.79 7.30
CA PHE C 226 -3.52 -28.81 6.66
C PHE C 226 -3.48 -27.54 7.49
N VAL C 227 -2.32 -26.88 7.52
CA VAL C 227 -2.16 -25.64 8.27
C VAL C 227 -1.02 -24.85 7.66
N GLU C 228 -1.12 -23.52 7.73
CA GLU C 228 0.05 -22.68 7.51
C GLU C 228 1.02 -22.89 8.67
N ASN C 229 2.30 -22.58 8.42
CA ASN C 229 3.33 -22.82 9.42
C ASN C 229 3.00 -22.09 10.72
N SER C 230 2.90 -22.86 11.79
CA SER C 230 2.55 -22.34 13.11
C SER C 230 3.25 -23.20 14.16
N LYS C 231 2.80 -23.07 15.41
CA LYS C 231 3.43 -23.82 16.50
C LYS C 231 3.25 -25.32 16.34
N LEU C 232 2.16 -25.76 15.73
CA LEU C 232 1.99 -27.17 15.40
C LEU C 232 2.56 -27.48 14.03
N SER C 233 3.11 -28.68 13.88
CA SER C 233 3.65 -29.15 12.60
C SER C 233 2.75 -30.19 11.95
N LYS C 234 2.25 -31.16 12.72
CA LYS C 234 1.34 -32.18 12.22
C LYS C 234 0.11 -32.21 13.11
N GLN C 235 -1.07 -32.36 12.49
CA GLN C 235 -2.34 -32.37 13.21
C GLN C 235 -3.12 -33.61 12.84
N LEU C 236 -4.05 -33.97 13.71
CA LEU C 236 -4.93 -35.11 13.52
C LEU C 236 -6.38 -34.62 13.44
N PHE C 237 -7.31 -35.56 13.39
CA PHE C 237 -8.73 -35.27 13.28
C PHE C 237 -9.39 -35.48 14.64
N ASP C 238 -10.05 -34.45 15.14
CA ASP C 238 -10.72 -34.51 16.43
C ASP C 238 -12.18 -34.15 16.29
N LEU C 239 -13.05 -34.95 16.89
CA LEU C 239 -14.49 -34.70 16.92
C LEU C 239 -14.91 -34.62 18.38
N ASN C 240 -14.80 -33.43 18.96
CA ASN C 240 -15.14 -33.16 20.36
C ASN C 240 -14.35 -34.07 21.30
N GLY C 241 -13.04 -34.10 21.09
CA GLY C 241 -12.17 -34.90 21.93
C GLY C 241 -12.05 -36.35 21.52
N GLN C 242 -12.36 -36.67 20.27
CA GLN C 242 -12.30 -38.05 19.78
C GLN C 242 -11.45 -38.10 18.52
N ALA C 243 -10.53 -39.07 18.47
CA ALA C 243 -9.84 -39.35 17.23
C ALA C 243 -10.81 -39.96 16.23
N ALA C 244 -10.64 -39.61 14.95
CA ALA C 244 -11.55 -40.07 13.91
C ALA C 244 -10.83 -40.03 12.58
N MET C 245 -11.59 -40.26 11.50
CA MET C 245 -11.10 -40.15 10.14
C MET C 245 -12.12 -39.37 9.32
N HIS C 246 -11.63 -38.75 8.24
CA HIS C 246 -12.53 -38.03 7.35
C HIS C 246 -13.59 -38.97 6.78
N ASP C 247 -14.74 -38.40 6.46
CA ASP C 247 -15.77 -39.19 5.78
C ASP C 247 -15.65 -39.06 4.27
N GLN C 248 -14.43 -39.19 3.78
CA GLN C 248 -14.11 -39.33 2.36
C GLN C 248 -13.22 -40.53 2.09
N LYS C 249 -12.25 -40.80 2.98
CA LYS C 249 -11.42 -41.97 2.82
C LYS C 249 -12.25 -43.25 2.86
N ILE C 250 -13.35 -43.24 3.63
CA ILE C 250 -14.29 -44.35 3.58
C ILE C 250 -14.87 -44.48 2.18
N GLY C 251 -15.27 -43.35 1.60
CA GLY C 251 -15.87 -43.40 0.26
C GLY C 251 -14.87 -43.82 -0.80
N ASN C 252 -13.67 -43.26 -0.75
CA ASN C 252 -12.65 -43.63 -1.73
C ASN C 252 -12.21 -45.08 -1.57
N ALA C 253 -12.20 -45.60 -0.35
CA ALA C 253 -11.88 -47.00 -0.15
C ALA C 253 -12.98 -47.91 -0.69
N ILE C 254 -14.24 -47.53 -0.47
CA ILE C 254 -15.35 -48.28 -1.06
C ILE C 254 -15.30 -48.19 -2.58
N ARG C 255 -15.12 -46.98 -3.10
CA ARG C 255 -15.18 -46.73 -4.55
C ARG C 255 -13.84 -47.08 -5.21
N THR C 256 -13.44 -48.34 -5.06
CA THR C 256 -12.24 -48.87 -5.71
C THR C 256 -12.66 -50.16 -6.42
N ILE C 257 -13.19 -50.01 -7.63
CA ILE C 257 -13.63 -51.14 -8.43
C ILE C 257 -13.16 -51.08 -9.88
N ASP C 258 -12.49 -50.00 -10.28
CA ASP C 258 -12.20 -49.76 -11.69
C ASP C 258 -11.10 -50.66 -12.20
N THR C 259 -11.35 -51.97 -12.27
CA THR C 259 -10.40 -52.91 -12.84
C THR C 259 -10.67 -53.17 -14.33
N TRP C 260 -10.83 -52.09 -15.10
CA TRP C 260 -11.04 -52.19 -16.54
C TRP C 260 -10.15 -51.17 -17.22
N TYR C 261 -8.90 -51.57 -17.49
CA TYR C 261 -7.95 -50.82 -18.29
C TYR C 261 -6.85 -51.78 -18.70
N GLU C 262 -5.80 -51.25 -19.32
CA GLU C 262 -4.87 -52.10 -20.08
C GLU C 262 -4.19 -53.13 -19.19
N ASP C 263 -3.73 -52.73 -18.01
CA ASP C 263 -2.86 -53.55 -17.17
C ASP C 263 -3.17 -53.22 -15.71
N ALA C 264 -2.21 -53.52 -14.83
CA ALA C 264 -2.18 -52.98 -13.46
C ALA C 264 -3.41 -53.39 -12.65
N THR C 265 -3.44 -54.68 -12.31
CA THR C 265 -4.42 -55.21 -11.37
C THR C 265 -4.26 -54.54 -10.01
N THR C 266 -5.08 -54.93 -9.03
CA THR C 266 -5.30 -54.15 -7.81
C THR C 266 -5.89 -52.81 -8.22
N PRO C 267 -7.17 -52.79 -8.59
CA PRO C 267 -7.74 -51.64 -9.31
C PRO C 267 -7.63 -50.32 -8.56
N ILE C 268 -7.84 -49.25 -9.30
CA ILE C 268 -7.75 -47.90 -8.78
C ILE C 268 -9.16 -47.38 -8.50
N ALA C 269 -9.24 -46.27 -7.79
CA ALA C 269 -10.52 -45.65 -7.48
C ALA C 269 -11.14 -45.06 -8.73
N VAL C 270 -12.46 -45.24 -8.87
CA VAL C 270 -13.17 -44.79 -10.06
C VAL C 270 -13.26 -43.27 -10.08
N GLU C 271 -12.48 -42.64 -10.95
CA GLU C 271 -12.48 -41.19 -11.10
C GLU C 271 -12.36 -40.88 -12.58
N PRO C 272 -12.82 -39.69 -12.99
CA PRO C 272 -12.55 -39.25 -14.37
C PRO C 272 -11.05 -39.17 -14.61
N TYR C 273 -10.66 -39.49 -15.84
CA TYR C 273 -9.26 -39.54 -16.27
C TYR C 273 -8.42 -40.55 -15.51
N GLY C 274 -9.06 -41.47 -14.79
CA GLY C 274 -8.38 -42.53 -14.07
C GLY C 274 -7.21 -42.07 -13.22
N SER C 275 -7.24 -40.82 -12.77
CA SER C 275 -6.09 -40.21 -12.14
C SER C 275 -5.78 -40.82 -10.79
N VAL C 276 -4.49 -41.03 -10.53
CA VAL C 276 -3.99 -41.35 -9.20
C VAL C 276 -2.85 -40.38 -8.91
N VAL C 277 -2.90 -39.73 -7.75
CA VAL C 277 -1.96 -38.67 -7.43
C VAL C 277 -0.85 -39.13 -6.48
N ARG C 278 -1.13 -40.12 -5.62
CA ARG C 278 -0.08 -40.63 -4.73
C ARG C 278 1.06 -41.26 -5.52
N ASN C 279 0.74 -42.00 -6.57
CA ASN C 279 1.74 -42.64 -7.41
C ASN C 279 2.13 -41.81 -8.62
N GLY C 280 1.56 -40.61 -8.78
CA GLY C 280 1.93 -39.73 -9.87
C GLY C 280 1.71 -40.30 -11.25
N VAL C 281 0.80 -41.27 -11.39
CA VAL C 281 0.53 -41.92 -12.67
C VAL C 281 -0.96 -41.77 -12.97
N ALA C 282 -1.27 -41.46 -14.22
CA ALA C 282 -2.64 -41.19 -14.66
C ALA C 282 -3.10 -42.32 -15.59
N TYR C 283 -3.66 -43.37 -15.01
CA TYR C 283 -4.27 -44.42 -15.80
C TYR C 283 -5.49 -43.86 -16.52
N ARG C 284 -5.93 -44.58 -17.56
CA ARG C 284 -7.08 -44.15 -18.35
C ARG C 284 -6.89 -42.71 -18.85
N ALA C 285 -5.67 -42.40 -19.28
CA ALA C 285 -5.31 -41.05 -19.66
C ALA C 285 -5.86 -40.72 -21.04
N GLY C 286 -5.38 -39.64 -21.65
CA GLY C 286 -5.92 -39.23 -22.93
C GLY C 286 -5.51 -40.14 -24.07
N ASN C 287 -5.96 -41.39 -24.01
CA ASN C 287 -5.77 -42.37 -25.08
C ASN C 287 -7.11 -42.96 -25.48
N LYS C 288 -8.11 -42.09 -25.63
CA LYS C 288 -9.43 -42.44 -26.18
C LYS C 288 -10.18 -43.44 -25.31
N THR C 289 -9.93 -43.44 -24.01
CA THR C 289 -10.77 -44.20 -23.06
C THR C 289 -10.88 -43.38 -21.77
N ASP C 290 -11.92 -42.56 -21.69
CA ASP C 290 -12.11 -41.62 -20.59
C ASP C 290 -13.57 -41.66 -20.16
N LEU C 291 -13.93 -40.74 -19.26
CA LEU C 291 -15.34 -40.46 -19.01
C LEU C 291 -15.96 -39.76 -20.21
N PHE C 292 -15.40 -38.62 -20.60
CA PHE C 292 -16.12 -37.69 -21.46
C PHE C 292 -16.27 -38.23 -22.87
N THR C 293 -15.19 -38.78 -23.43
CA THR C 293 -15.26 -39.35 -24.77
C THR C 293 -16.21 -40.54 -24.84
N LEU C 294 -16.16 -41.39 -23.81
CA LEU C 294 -17.01 -42.58 -23.82
C LEU C 294 -18.49 -42.22 -23.75
N MET C 295 -18.85 -41.28 -22.87
CA MET C 295 -20.25 -40.86 -22.79
C MET C 295 -20.66 -40.12 -24.05
N ASP C 296 -19.77 -39.30 -24.63
CA ASP C 296 -20.09 -38.62 -25.88
C ASP C 296 -20.37 -39.64 -26.99
N GLY C 297 -19.57 -40.69 -27.07
CA GLY C 297 -19.85 -41.75 -28.04
C GLY C 297 -21.14 -42.48 -27.75
N ALA C 298 -21.43 -42.72 -26.47
CA ALA C 298 -22.65 -43.41 -26.10
C ALA C 298 -23.89 -42.62 -26.51
N VAL C 299 -23.86 -41.30 -26.31
CA VAL C 299 -25.04 -40.50 -26.64
C VAL C 299 -25.05 -40.16 -28.13
N ASN C 300 -23.92 -39.72 -28.66
CA ASN C 300 -23.81 -39.34 -30.07
C ASN C 300 -23.26 -40.49 -30.90
N GLY C 301 -24.01 -41.59 -30.91
CA GLY C 301 -23.58 -42.77 -31.65
C GLY C 301 -24.34 -44.00 -31.17
N LYS C 302 -23.67 -45.14 -31.28
CA LYS C 302 -24.24 -46.43 -30.93
C LYS C 302 -23.67 -46.92 -29.59
N SER C 303 -24.27 -48.00 -29.10
CA SER C 303 -23.88 -48.55 -27.81
C SER C 303 -22.47 -49.13 -27.87
N LEU C 304 -21.76 -49.02 -26.75
CA LEU C 304 -20.41 -49.55 -26.60
C LEU C 304 -20.46 -50.85 -25.82
N THR C 305 -19.29 -51.36 -25.44
CA THR C 305 -19.19 -52.63 -24.74
C THR C 305 -19.82 -52.53 -23.35
N GLU C 306 -20.00 -53.70 -22.72
CA GLU C 306 -20.58 -53.72 -21.39
C GLU C 306 -19.65 -53.08 -20.36
N GLU C 307 -18.35 -53.05 -20.64
CA GLU C 307 -17.43 -52.32 -19.76
C GLU C 307 -17.69 -50.82 -19.80
N ASP C 308 -18.13 -50.30 -20.95
CA ASP C 308 -18.56 -48.90 -21.00
C ASP C 308 -19.76 -48.66 -20.09
N GLN C 309 -20.75 -49.55 -20.13
CA GLN C 309 -21.86 -49.46 -19.20
C GLN C 309 -21.36 -49.50 -17.76
N MET C 310 -20.47 -50.44 -17.45
CA MET C 310 -19.93 -50.57 -16.10
C MET C 310 -19.31 -49.28 -15.64
N PHE C 311 -18.39 -48.72 -16.44
CA PHE C 311 -17.63 -47.55 -16.01
C PHE C 311 -18.52 -46.31 -15.93
N VAL C 312 -19.35 -46.09 -16.95
CA VAL C 312 -20.18 -44.89 -16.96
C VAL C 312 -21.17 -44.90 -15.81
N THR C 313 -21.81 -46.05 -15.54
CA THR C 313 -22.74 -46.11 -14.41
C THR C 313 -22.00 -45.98 -13.08
N ALA C 314 -20.87 -46.68 -12.93
CA ALA C 314 -20.13 -46.61 -11.67
C ALA C 314 -19.61 -45.21 -11.39
N ASN C 315 -19.36 -44.40 -12.42
CA ASN C 315 -18.87 -43.06 -12.21
C ASN C 315 -20.01 -42.04 -12.25
N LEU C 316 -21.20 -42.44 -12.68
CA LEU C 316 -22.39 -41.62 -12.48
C LEU C 316 -22.90 -41.73 -11.06
N ILE C 317 -22.78 -42.90 -10.45
CA ILE C 317 -23.15 -43.05 -9.04
C ILE C 317 -22.29 -42.13 -8.18
N ARG C 318 -20.98 -42.10 -8.44
CA ARG C 318 -20.14 -41.07 -7.85
C ARG C 318 -20.54 -39.71 -8.39
N GLY C 319 -20.48 -38.70 -7.54
CA GLY C 319 -20.82 -37.37 -7.95
C GLY C 319 -19.77 -36.76 -8.85
N GLY C 320 -20.10 -35.61 -9.40
CA GLY C 320 -19.17 -34.88 -10.24
C GLY C 320 -19.87 -33.79 -11.00
N VAL C 321 -19.05 -32.93 -11.61
CA VAL C 321 -19.52 -31.88 -12.51
C VAL C 321 -18.90 -32.13 -13.88
N PHE C 322 -19.74 -32.15 -14.91
CA PHE C 322 -19.31 -32.45 -16.26
C PHE C 322 -19.79 -31.37 -17.21
N GLY C 323 -19.02 -31.12 -18.25
CA GLY C 323 -19.38 -30.11 -19.22
C GLY C 323 -18.77 -28.76 -18.90
N GLY C 324 -18.62 -27.93 -19.92
CA GLY C 324 -18.05 -26.61 -19.76
C GLY C 324 -17.39 -26.09 -21.02
N LYS D 24 -53.38 7.82 -21.30
CA LYS D 24 -51.97 7.50 -21.43
C LYS D 24 -51.55 6.59 -20.28
N LEU D 25 -51.47 7.16 -19.08
CA LEU D 25 -51.33 6.41 -17.83
C LEU D 25 -50.09 5.53 -17.82
N LYS D 26 -48.92 6.17 -17.88
CA LYS D 26 -47.67 5.46 -17.71
C LYS D 26 -47.29 5.37 -16.23
N ALA D 27 -46.59 4.29 -15.88
CA ALA D 27 -46.18 4.08 -14.50
C ALA D 27 -45.16 5.14 -14.09
N PRO D 28 -45.18 5.57 -12.83
CA PRO D 28 -44.24 6.61 -12.39
C PRO D 28 -42.81 6.10 -12.41
N ALA D 29 -41.87 7.06 -12.36
CA ALA D 29 -40.46 6.72 -12.43
C ALA D 29 -40.03 5.86 -11.25
N VAL D 30 -40.53 6.18 -10.05
CA VAL D 30 -40.20 5.45 -8.84
C VAL D 30 -41.46 4.73 -8.35
N LEU D 31 -41.30 3.46 -8.00
CA LEU D 31 -42.42 2.64 -7.54
C LEU D 31 -41.84 1.39 -6.89
N ALA D 32 -42.42 1.00 -5.75
CA ALA D 32 -41.92 -0.16 -5.02
C ALA D 32 -43.01 -0.65 -4.09
N TYR D 33 -42.84 -1.88 -3.61
CA TYR D 33 -43.77 -2.50 -2.69
C TYR D 33 -43.00 -3.20 -1.58
N SER D 34 -43.61 -3.28 -0.41
CA SER D 34 -42.98 -3.91 0.75
C SER D 34 -43.26 -5.41 0.76
N ARG D 35 -42.28 -6.17 1.23
CA ARG D 35 -42.48 -7.60 1.40
C ARG D 35 -43.57 -7.85 2.43
N LYS D 36 -44.51 -8.73 2.10
CA LYS D 36 -45.68 -8.97 2.93
C LYS D 36 -45.63 -10.27 3.71
N ILE D 37 -44.75 -11.20 3.34
CA ILE D 37 -44.53 -12.43 4.10
C ILE D 37 -43.14 -12.35 4.72
N ASN D 38 -43.07 -12.46 6.04
CA ASN D 38 -41.82 -12.26 6.76
C ASN D 38 -41.43 -13.53 7.52
N PRO D 39 -40.48 -14.31 7.01
CA PRO D 39 -39.92 -15.41 7.79
C PRO D 39 -38.66 -14.94 8.53
N THR D 40 -38.26 -15.74 9.51
CA THR D 40 -37.05 -15.50 10.26
C THR D 40 -35.99 -16.51 9.85
N ASN D 41 -34.73 -16.15 10.10
CA ASN D 41 -33.62 -17.04 9.80
C ASN D 41 -33.82 -18.38 10.49
N ALA D 42 -33.68 -19.46 9.73
CA ALA D 42 -33.85 -20.79 10.29
C ALA D 42 -32.78 -21.07 11.33
N LEU D 43 -32.94 -22.15 12.09
CA LEU D 43 -32.04 -22.43 13.19
C LEU D 43 -31.99 -23.94 13.36
N MET D 44 -30.93 -24.56 12.84
CA MET D 44 -30.77 -26.00 12.94
C MET D 44 -30.61 -26.41 14.39
N PHE D 45 -31.10 -27.61 14.71
CA PHE D 45 -30.93 -28.20 16.04
C PHE D 45 -30.64 -29.68 15.86
N ALA D 46 -30.63 -30.42 16.96
CA ALA D 46 -30.37 -31.85 16.91
C ALA D 46 -31.03 -32.49 18.12
N VAL D 47 -31.90 -33.47 17.89
CA VAL D 47 -32.70 -34.09 18.94
C VAL D 47 -32.93 -35.55 18.57
N ASN D 48 -33.36 -36.34 19.55
CA ASN D 48 -33.74 -37.72 19.31
C ASN D 48 -35.13 -37.75 18.67
N TRP D 49 -35.69 -38.94 18.48
CA TRP D 49 -37.02 -39.08 17.88
C TRP D 49 -38.12 -39.21 18.92
N SER D 50 -37.94 -40.07 19.91
CA SER D 50 -38.91 -40.24 20.99
C SER D 50 -38.61 -39.36 22.20
N ASP D 51 -37.57 -38.54 22.14
CA ASP D 51 -37.17 -37.64 23.21
C ASP D 51 -37.03 -36.22 22.67
N ARG D 52 -38.06 -35.76 21.97
CA ARG D 52 -38.03 -34.48 21.26
C ARG D 52 -37.99 -33.27 22.19
N ASP D 53 -37.86 -33.43 23.51
CA ASP D 53 -37.81 -32.29 24.41
C ASP D 53 -36.38 -31.84 24.71
N ASN D 54 -35.44 -32.78 24.84
CA ASN D 54 -34.05 -32.44 25.13
C ASN D 54 -33.36 -31.99 23.85
N THR D 55 -33.05 -30.71 23.76
CA THR D 55 -32.58 -30.10 22.52
C THR D 55 -31.13 -29.65 22.66
N THR D 56 -30.33 -29.92 21.63
CA THR D 56 -28.94 -29.52 21.58
C THR D 56 -28.62 -28.93 20.21
N ALA D 57 -27.82 -27.87 20.20
CA ALA D 57 -27.50 -27.18 18.96
C ALA D 57 -26.53 -28.01 18.12
N VAL D 58 -26.29 -27.54 16.90
CA VAL D 58 -25.41 -28.19 15.94
C VAL D 58 -24.22 -27.28 15.68
N MET D 59 -23.02 -27.73 16.03
CA MET D 59 -21.82 -26.94 15.80
C MET D 59 -21.51 -26.89 14.31
N VAL D 60 -20.56 -26.03 13.95
CA VAL D 60 -20.15 -25.92 12.56
C VAL D 60 -18.85 -26.70 12.35
N GLY D 61 -17.77 -26.28 13.00
CA GLY D 61 -16.49 -26.95 12.84
C GLY D 61 -15.87 -26.65 11.48
N THR D 62 -14.74 -27.32 11.21
CA THR D 62 -14.01 -27.13 9.97
C THR D 62 -13.01 -28.26 9.75
N LYS D 63 -12.96 -28.81 8.53
CA LYS D 63 -12.02 -29.88 8.20
C LYS D 63 -11.33 -29.54 6.89
N THR D 64 -10.50 -30.47 6.41
CA THR D 64 -9.75 -30.27 5.17
C THR D 64 -9.98 -31.47 4.25
N VAL D 65 -9.87 -31.21 2.94
CA VAL D 65 -10.08 -32.21 1.91
C VAL D 65 -8.92 -32.14 0.93
N ALA D 66 -8.72 -33.25 0.21
CA ALA D 66 -7.63 -33.34 -0.77
C ALA D 66 -8.10 -34.22 -1.92
N GLY D 67 -8.56 -33.58 -2.99
CA GLY D 67 -9.02 -34.27 -4.17
C GLY D 67 -8.04 -34.17 -5.33
N THR D 68 -8.51 -34.57 -6.50
CA THR D 68 -7.74 -34.51 -7.73
C THR D 68 -8.23 -33.36 -8.59
N GLN D 69 -7.68 -33.24 -9.80
CA GLN D 69 -8.12 -32.26 -10.78
C GLN D 69 -8.72 -33.01 -11.98
N SER D 70 -9.94 -32.64 -12.36
CA SER D 70 -10.63 -33.31 -13.45
C SER D 70 -11.60 -32.32 -14.09
N VAL D 71 -11.21 -31.75 -15.23
CA VAL D 71 -12.04 -30.83 -15.98
C VAL D 71 -12.08 -31.30 -17.43
N ARG D 72 -13.25 -31.22 -18.05
CA ARG D 72 -13.41 -31.63 -19.44
C ARG D 72 -12.63 -30.69 -20.35
N GLY D 73 -11.65 -31.24 -21.07
CA GLY D 73 -10.91 -30.50 -22.07
C GLY D 73 -9.40 -30.45 -21.86
N ASN D 74 -8.93 -30.72 -20.65
CA ASN D 74 -7.50 -30.58 -20.31
C ASN D 74 -6.95 -31.82 -19.63
N PRO D 75 -6.80 -32.92 -20.39
CA PRO D 75 -6.25 -34.15 -19.80
C PRO D 75 -4.75 -34.10 -19.54
N ASN D 76 -4.07 -33.01 -19.90
CA ASN D 76 -2.64 -32.94 -19.69
C ASN D 76 -2.28 -32.83 -18.21
N ASP D 77 -3.04 -32.02 -17.46
CA ASP D 77 -2.74 -31.73 -16.07
C ASP D 77 -3.64 -32.51 -15.10
N ALA D 78 -3.95 -33.77 -15.42
CA ALA D 78 -4.77 -34.61 -14.56
C ALA D 78 -3.96 -35.37 -13.53
N ASP D 79 -2.77 -34.90 -13.19
CA ASP D 79 -1.88 -35.62 -12.27
C ASP D 79 -1.69 -34.93 -10.93
N LYS D 80 -1.91 -33.62 -10.84
CA LYS D 80 -1.63 -32.89 -9.62
C LYS D 80 -2.73 -33.13 -8.59
N GLY D 81 -2.44 -32.74 -7.34
CA GLY D 81 -3.41 -32.78 -6.27
C GLY D 81 -4.15 -31.46 -6.10
N ASN D 82 -5.10 -31.46 -5.18
CA ASN D 82 -5.92 -30.27 -4.92
C ASN D 82 -6.30 -30.28 -3.45
N ILE D 83 -5.66 -29.43 -2.66
CA ILE D 83 -5.86 -29.37 -1.22
C ILE D 83 -6.74 -28.17 -0.88
N GLN D 84 -7.72 -28.39 0.01
CA GLN D 84 -8.68 -27.35 0.35
C GLN D 84 -9.06 -27.52 1.82
N THR D 85 -9.62 -26.45 2.39
CA THR D 85 -10.20 -26.48 3.73
C THR D 85 -11.65 -26.04 3.64
N VAL D 86 -12.56 -26.86 4.16
CA VAL D 86 -13.99 -26.66 4.01
C VAL D 86 -14.67 -26.72 5.36
N ASN D 87 -15.91 -26.24 5.38
CA ASN D 87 -16.77 -26.26 6.57
C ASN D 87 -17.81 -27.36 6.42
N PHE D 88 -17.98 -28.16 7.45
CA PHE D 88 -18.94 -29.25 7.45
C PHE D 88 -19.99 -29.02 8.53
N ALA D 89 -20.96 -29.92 8.61
CA ALA D 89 -22.00 -29.86 9.64
C ALA D 89 -22.67 -31.21 9.74
N ASN D 90 -22.86 -31.69 10.96
CA ASN D 90 -23.37 -33.03 11.17
C ASN D 90 -24.09 -33.11 12.51
N LEU D 91 -24.91 -34.13 12.66
CA LEU D 91 -25.50 -34.45 13.94
C LEU D 91 -24.46 -35.11 14.84
N PRO D 92 -24.71 -35.15 16.15
CA PRO D 92 -23.85 -35.97 17.02
C PRO D 92 -24.00 -37.45 16.73
N HIS D 93 -23.23 -38.29 17.40
CA HIS D 93 -23.28 -39.73 17.18
C HIS D 93 -24.17 -40.45 18.19
N ASN D 94 -25.19 -39.76 18.72
CA ASN D 94 -26.20 -40.40 19.55
C ASN D 94 -27.61 -39.89 19.30
N LYS D 95 -27.84 -39.06 18.27
CA LYS D 95 -29.15 -38.48 18.00
C LYS D 95 -29.43 -38.57 16.51
N ASN D 96 -30.70 -38.89 16.17
CA ASN D 96 -31.13 -38.98 14.77
C ASN D 96 -32.44 -38.21 14.56
N THR D 97 -32.34 -36.90 14.36
CA THR D 97 -33.47 -36.07 13.95
C THR D 97 -32.98 -34.64 13.70
N LEU D 98 -33.59 -33.94 12.76
CA LEU D 98 -33.35 -32.52 12.57
C LEU D 98 -34.54 -31.72 13.10
N LEU D 99 -34.25 -30.50 13.55
CA LEU D 99 -35.24 -29.68 14.25
C LEU D 99 -35.21 -28.24 13.74
N VAL D 100 -35.24 -28.05 12.42
CA VAL D 100 -35.36 -26.70 11.88
C VAL D 100 -36.64 -26.07 12.40
N LYS D 101 -36.54 -24.84 12.89
CA LYS D 101 -37.70 -24.13 13.42
C LYS D 101 -37.63 -22.67 13.05
N TYR D 102 -38.77 -22.11 12.66
CA TYR D 102 -38.85 -20.70 12.28
C TYR D 102 -40.24 -20.16 12.56
N ASN D 103 -40.39 -18.86 12.36
CA ASN D 103 -41.66 -18.17 12.55
C ASN D 103 -41.97 -17.36 11.30
N VAL D 104 -43.20 -17.49 10.80
CA VAL D 104 -43.63 -16.82 9.58
C VAL D 104 -44.77 -15.87 9.93
N LYS D 105 -44.65 -14.62 9.51
CA LYS D 105 -45.64 -13.60 9.82
C LYS D 105 -46.24 -13.04 8.54
N PHE D 106 -47.57 -12.99 8.49
CA PHE D 106 -48.31 -12.43 7.38
C PHE D 106 -48.90 -11.08 7.79
N VAL D 107 -48.66 -10.06 6.98
CA VAL D 107 -49.21 -8.73 7.22
C VAL D 107 -50.12 -8.37 6.05
N GLY D 108 -51.10 -7.51 6.33
CA GLY D 108 -52.06 -7.09 5.33
C GLY D 108 -51.64 -5.84 4.58
N ASP D 109 -52.61 -4.95 4.33
CA ASP D 109 -52.37 -3.68 3.66
C ASP D 109 -51.73 -3.85 2.29
N VAL D 110 -52.15 -4.88 1.55
CA VAL D 110 -51.66 -5.13 0.20
C VAL D 110 -52.20 -4.01 -0.69
N PHE D 111 -51.59 -3.83 -1.85
CA PHE D 111 -51.94 -2.82 -2.86
C PHE D 111 -51.52 -1.41 -2.46
N LYS D 112 -50.92 -1.24 -1.30
CA LYS D 112 -50.52 0.08 -0.80
C LYS D 112 -49.04 0.28 -1.08
N ALA D 113 -48.74 0.92 -2.21
CA ALA D 113 -47.36 1.23 -2.55
C ALA D 113 -46.77 2.20 -1.53
N GLU D 114 -45.49 2.00 -1.21
CA GLU D 114 -44.82 2.80 -0.21
C GLU D 114 -43.88 3.85 -0.77
N LEU D 115 -43.54 3.78 -2.05
CA LEU D 115 -42.71 4.78 -2.70
C LEU D 115 -43.46 5.30 -3.92
N GLY D 116 -44.27 6.33 -3.71
CA GLY D 116 -45.03 6.94 -4.78
C GLY D 116 -46.24 6.11 -5.17
N GLY D 117 -47.13 6.74 -5.93
CA GLY D 117 -48.31 6.08 -6.41
C GLY D 117 -49.58 6.55 -5.72
N GLY D 118 -50.32 7.44 -6.38
CA GLY D 118 -51.60 7.89 -5.90
C GLY D 118 -52.66 7.76 -6.96
N GLU D 119 -52.23 7.59 -8.21
CA GLU D 119 -53.14 7.45 -9.34
C GLU D 119 -52.99 6.10 -10.02
N TYR D 120 -51.76 5.65 -10.30
CA TYR D 120 -51.56 4.37 -10.96
C TYR D 120 -51.88 3.22 -10.02
N SER D 121 -51.38 3.28 -8.78
CA SER D 121 -51.57 2.18 -7.84
C SER D 121 -53.03 1.99 -7.49
N ASN D 122 -53.77 3.10 -7.29
CA ASN D 122 -55.18 2.98 -6.94
C ASN D 122 -55.99 2.36 -8.06
N THR D 123 -55.74 2.77 -9.31
CA THR D 123 -56.44 2.16 -10.44
C THR D 123 -56.06 0.70 -10.60
N LEU D 124 -54.80 0.36 -10.35
CA LEU D 124 -54.40 -1.05 -10.38
C LEU D 124 -55.15 -1.84 -9.30
N GLN D 125 -55.31 -1.25 -8.12
CA GLN D 125 -56.03 -1.90 -7.04
C GLN D 125 -57.50 -2.13 -7.41
N THR D 126 -58.14 -1.11 -7.98
CA THR D 126 -59.56 -1.25 -8.28
C THR D 126 -59.79 -2.16 -9.47
N ALA D 127 -58.82 -2.26 -10.39
CA ALA D 127 -58.91 -3.28 -11.43
C ALA D 127 -58.74 -4.68 -10.86
N LEU D 128 -58.00 -4.80 -9.76
CA LEU D 128 -57.85 -6.04 -9.01
C LEU D 128 -58.94 -6.10 -7.93
N GLU D 129 -58.74 -6.97 -6.93
CA GLU D 129 -59.52 -7.27 -5.72
C GLU D 129 -60.76 -8.10 -6.06
N ASN D 130 -60.95 -8.48 -7.32
CA ASN D 130 -61.85 -9.57 -7.67
C ASN D 130 -61.15 -10.90 -7.68
N THR D 131 -59.84 -10.92 -7.42
CA THR D 131 -59.06 -12.14 -7.43
C THR D 131 -59.43 -13.02 -6.24
N ASP D 132 -59.13 -14.32 -6.37
CA ASP D 132 -59.43 -15.31 -5.34
C ASP D 132 -58.23 -15.40 -4.40
N PHE D 133 -58.33 -14.74 -3.24
CA PHE D 133 -57.28 -14.84 -2.24
C PHE D 133 -57.29 -16.19 -1.52
N GLY D 134 -58.42 -16.90 -1.57
CA GLY D 134 -58.50 -18.19 -0.87
C GLY D 134 -57.51 -19.19 -1.40
N THR D 135 -57.42 -19.32 -2.73
CA THR D 135 -56.49 -20.28 -3.31
C THR D 135 -55.04 -19.89 -3.05
N LEU D 136 -54.73 -18.60 -3.09
CA LEU D 136 -53.37 -18.16 -2.81
C LEU D 136 -52.98 -18.47 -1.36
N ALA D 137 -53.87 -18.17 -0.42
CA ALA D 137 -53.60 -18.50 0.98
C ALA D 137 -53.46 -20.01 1.16
N TYR D 138 -54.31 -20.78 0.48
CA TYR D 138 -54.24 -22.23 0.57
C TYR D 138 -52.90 -22.75 0.09
N ARG D 139 -52.43 -22.25 -1.06
CA ARG D 139 -51.15 -22.71 -1.57
C ARG D 139 -50.00 -22.25 -0.68
N TYR D 140 -50.06 -21.02 -0.17
CA TYR D 140 -48.98 -20.51 0.68
C TYR D 140 -48.85 -21.34 1.94
N VAL D 141 -49.97 -21.66 2.60
CA VAL D 141 -49.88 -22.49 3.80
C VAL D 141 -49.61 -23.94 3.48
N TYR D 142 -50.03 -24.43 2.30
CA TYR D 142 -49.75 -25.81 1.93
C TYR D 142 -48.27 -26.03 1.68
N ASN D 143 -47.59 -25.04 1.11
CA ASN D 143 -46.15 -25.17 0.90
C ASN D 143 -45.43 -25.35 2.23
N ILE D 144 -45.83 -24.60 3.25
CA ILE D 144 -45.23 -24.76 4.58
C ILE D 144 -45.61 -26.10 5.19
N ALA D 145 -46.87 -26.51 5.03
CA ALA D 145 -47.34 -27.73 5.68
C ALA D 145 -46.72 -28.99 5.08
N ALA D 146 -46.48 -28.98 3.77
CA ALA D 146 -45.93 -30.14 3.09
C ALA D 146 -44.42 -30.27 3.25
N GLY D 147 -43.76 -29.28 3.82
CA GLY D 147 -42.33 -29.35 4.04
C GLY D 147 -41.47 -28.92 2.88
N ARG D 148 -42.01 -28.13 1.94
CA ARG D 148 -41.20 -27.65 0.83
C ARG D 148 -40.10 -26.70 1.30
N THR D 149 -40.26 -26.05 2.45
CA THR D 149 -39.22 -25.17 2.97
C THR D 149 -37.94 -25.91 3.24
N LEU D 150 -37.99 -27.23 3.39
CA LEU D 150 -36.81 -28.05 3.54
C LEU D 150 -36.23 -28.34 2.17
N TRP D 151 -35.08 -27.74 1.88
CA TRP D 151 -34.31 -28.00 0.67
C TRP D 151 -33.55 -29.30 0.88
N ARG D 152 -32.43 -29.50 0.18
CA ARG D 152 -31.88 -30.85 0.08
C ARG D 152 -31.41 -31.31 1.46
N ASN D 153 -32.38 -31.50 2.34
CA ASN D 153 -32.22 -32.20 3.61
C ASN D 153 -33.23 -33.34 3.73
N ARG D 154 -34.14 -33.48 2.77
CA ARG D 154 -35.14 -34.53 2.77
C ARG D 154 -34.69 -35.77 2.03
N VAL D 155 -33.55 -35.72 1.35
CA VAL D 155 -33.08 -36.88 0.59
C VAL D 155 -32.68 -37.98 1.56
N GLY D 156 -33.21 -39.18 1.33
CA GLY D 156 -32.97 -40.28 2.25
C GLY D 156 -33.51 -40.02 3.65
N ALA D 157 -34.72 -39.48 3.74
CA ALA D 157 -35.37 -39.23 5.02
C ALA D 157 -36.45 -40.29 5.25
N GLU D 158 -36.36 -41.00 6.37
CA GLU D 158 -37.30 -42.08 6.64
C GLU D 158 -38.72 -41.56 6.81
N SER D 159 -38.88 -40.45 7.52
CA SER D 159 -40.20 -39.86 7.73
C SER D 159 -40.04 -38.38 8.01
N ILE D 160 -41.06 -37.61 7.62
CA ILE D 160 -41.11 -36.18 7.90
C ILE D 160 -42.41 -35.90 8.66
N GLU D 161 -42.28 -35.14 9.74
CA GLU D 161 -43.42 -34.73 10.56
C GLU D 161 -43.32 -33.24 10.81
N THR D 162 -44.42 -32.52 10.62
CA THR D 162 -44.43 -31.07 10.79
C THR D 162 -45.44 -30.68 11.86
N VAL D 163 -45.10 -29.67 12.65
CA VAL D 163 -45.97 -29.14 13.68
C VAL D 163 -46.08 -27.64 13.48
N ILE D 164 -47.31 -27.13 13.43
CA ILE D 164 -47.55 -25.70 13.23
C ILE D 164 -48.50 -25.22 14.32
N THR D 165 -48.44 -23.92 14.61
CA THR D 165 -49.22 -23.35 15.70
C THR D 165 -49.62 -21.94 15.33
N VAL D 166 -50.92 -21.68 15.31
CA VAL D 166 -51.46 -20.34 15.09
C VAL D 166 -52.58 -20.09 16.10
N ASN D 167 -52.54 -18.95 16.77
CA ASN D 167 -53.55 -18.55 17.75
C ASN D 167 -53.78 -19.63 18.80
N ASP D 168 -52.71 -20.35 19.17
CA ASP D 168 -52.76 -21.41 20.16
C ASP D 168 -53.68 -22.55 19.73
N GLN D 169 -53.39 -23.08 18.54
CA GLN D 169 -54.10 -24.25 18.02
C GLN D 169 -53.09 -25.09 17.23
N THR D 170 -52.61 -26.17 17.85
CA THR D 170 -51.58 -26.98 17.22
C THR D 170 -52.15 -27.82 16.09
N PHE D 171 -51.36 -27.98 15.04
CA PHE D 171 -51.72 -28.82 13.89
C PHE D 171 -50.52 -29.66 13.50
N THR D 172 -50.72 -30.97 13.38
CA THR D 172 -49.68 -31.91 13.03
C THR D 172 -49.92 -32.44 11.62
N PHE D 173 -48.84 -32.55 10.84
CA PHE D 173 -48.93 -32.95 9.45
C PHE D 173 -47.88 -33.99 9.12
N SER D 174 -48.25 -34.92 8.24
CA SER D 174 -47.36 -35.88 7.61
C SER D 174 -47.67 -35.97 6.13
N ASP D 175 -48.06 -34.84 5.54
CA ASP D 175 -48.59 -34.81 4.18
C ASP D 175 -47.49 -35.06 3.15
N LEU D 176 -47.82 -35.86 2.14
CA LEU D 176 -46.95 -36.16 1.02
C LEU D 176 -47.41 -35.34 -0.18
N LEU D 177 -46.85 -35.64 -1.36
CA LEU D 177 -47.25 -35.01 -2.62
C LEU D 177 -47.03 -33.49 -2.56
N VAL D 178 -45.75 -33.11 -2.50
CA VAL D 178 -45.38 -31.71 -2.47
C VAL D 178 -45.86 -30.96 -3.70
N ASN D 179 -46.19 -31.66 -4.77
CA ASN D 179 -46.79 -31.07 -5.97
C ASN D 179 -48.29 -31.39 -5.98
N GLU D 180 -48.95 -31.01 -7.07
CA GLU D 180 -50.37 -31.29 -7.32
C GLU D 180 -51.23 -31.03 -6.09
N PHE D 181 -51.35 -29.76 -5.70
CA PHE D 181 -52.05 -29.35 -4.48
C PHE D 181 -53.40 -30.05 -4.36
N ASP D 182 -53.56 -30.83 -3.30
CA ASP D 182 -54.75 -31.63 -3.05
C ASP D 182 -55.63 -30.93 -2.01
N GLU D 183 -56.67 -31.62 -1.57
CA GLU D 183 -57.63 -31.06 -0.61
C GLU D 183 -57.40 -31.69 0.76
N ASP D 184 -57.29 -30.84 1.78
CA ASP D 184 -57.08 -31.28 3.15
C ASP D 184 -57.95 -30.45 4.08
N VAL D 185 -58.21 -31.01 5.27
CA VAL D 185 -59.07 -30.34 6.24
C VAL D 185 -58.32 -29.37 7.14
N ASP D 186 -57.17 -29.76 7.69
CA ASP D 186 -56.43 -28.89 8.59
C ASP D 186 -55.86 -27.68 7.85
N VAL D 187 -55.44 -27.87 6.59
CA VAL D 187 -54.80 -26.79 5.84
C VAL D 187 -55.77 -25.64 5.62
N ALA D 188 -57.02 -25.95 5.28
CA ALA D 188 -58.00 -24.90 5.01
C ALA D 188 -58.31 -24.07 6.24
N GLU D 189 -58.20 -24.66 7.43
CA GLU D 189 -58.50 -23.93 8.66
C GLU D 189 -57.52 -22.78 8.86
N ILE D 190 -56.25 -22.98 8.53
CA ILE D 190 -55.29 -21.88 8.56
C ILE D 190 -55.41 -21.02 7.32
N ALA D 191 -55.80 -21.62 6.19
CA ALA D 191 -55.88 -20.88 4.94
C ALA D 191 -56.92 -19.78 5.01
N ASP D 192 -58.06 -20.05 5.65
CA ASP D 192 -59.08 -19.02 5.78
C ASP D 192 -58.58 -17.84 6.60
N MET D 193 -57.88 -18.12 7.69
CA MET D 193 -57.32 -17.04 8.51
C MET D 193 -56.30 -16.22 7.72
N VAL D 194 -55.42 -16.90 6.98
CA VAL D 194 -54.40 -16.20 6.23
C VAL D 194 -55.04 -15.35 5.13
N ALA D 195 -56.08 -15.88 4.47
CA ALA D 195 -56.77 -15.12 3.44
C ALA D 195 -57.48 -13.90 4.02
N GLY D 196 -58.09 -14.07 5.20
CA GLY D 196 -58.73 -12.93 5.85
C GLY D 196 -57.73 -11.85 6.22
N VAL D 197 -56.57 -12.24 6.73
CA VAL D 197 -55.53 -11.27 7.07
C VAL D 197 -55.01 -10.58 5.81
N LEU D 198 -54.85 -11.33 4.72
CA LEU D 198 -54.30 -10.76 3.49
C LEU D 198 -55.23 -9.69 2.90
N SER D 199 -56.54 -9.93 2.94
CA SER D 199 -57.49 -9.00 2.32
C SER D 199 -57.94 -7.91 3.28
N GLY D 200 -56.99 -7.29 3.97
CA GLY D 200 -57.22 -6.12 4.77
C GLY D 200 -57.41 -6.44 6.23
N GLU D 201 -56.34 -6.34 7.02
CA GLU D 201 -56.39 -6.63 8.45
C GLU D 201 -55.02 -6.23 9.03
N GLY D 202 -54.74 -6.63 10.27
CA GLY D 202 -53.43 -6.43 10.84
C GLY D 202 -52.49 -7.57 10.47
N PHE D 203 -52.04 -8.34 11.44
CA PHE D 203 -51.05 -9.38 11.17
C PHE D 203 -51.46 -10.69 11.81
N VAL D 204 -50.90 -11.78 11.29
CA VAL D 204 -51.05 -13.11 11.86
C VAL D 204 -49.67 -13.76 11.86
N THR D 205 -49.49 -14.75 12.74
CA THR D 205 -48.19 -15.38 12.91
C THR D 205 -48.36 -16.89 12.97
N LEU D 206 -47.28 -17.60 12.64
CA LEU D 206 -47.24 -19.05 12.66
C LEU D 206 -45.85 -19.51 13.09
N LYS D 207 -45.81 -20.64 13.79
CA LYS D 207 -44.57 -21.25 14.23
C LYS D 207 -44.42 -22.61 13.58
N VAL D 208 -43.25 -22.90 13.04
CA VAL D 208 -43.01 -24.12 12.28
C VAL D 208 -41.81 -24.83 12.88
N GLU D 209 -41.94 -26.15 13.09
CA GLU D 209 -40.99 -26.95 13.85
C GLU D 209 -40.69 -28.26 13.14
N HIS D 210 -40.30 -28.18 11.86
CA HIS D 210 -40.02 -29.35 11.03
C HIS D 210 -39.23 -30.42 11.78
N TYR D 211 -39.60 -31.68 11.55
CA TYR D 211 -38.94 -32.86 12.12
C TYR D 211 -38.55 -33.81 11.00
N MET D 212 -37.36 -34.41 11.12
CA MET D 212 -36.86 -35.33 10.12
C MET D 212 -36.35 -36.60 10.79
N LEU D 213 -36.04 -37.59 9.96
CA LEU D 213 -35.43 -38.84 10.39
C LEU D 213 -34.21 -39.13 9.52
N LEU D 214 -33.35 -38.12 9.37
CA LEU D 214 -32.20 -38.21 8.48
C LEU D 214 -31.33 -39.42 8.78
N GLY D 215 -31.29 -39.85 10.02
CA GLY D 215 -30.52 -41.01 10.42
C GLY D 215 -29.49 -40.67 11.48
N GLU D 216 -28.82 -41.71 11.95
CA GLU D 216 -27.86 -41.56 13.03
C GLU D 216 -26.57 -40.95 12.50
N GLY D 217 -26.19 -39.79 13.03
CA GLY D 217 -24.96 -39.14 12.64
C GLY D 217 -24.90 -38.74 11.19
N SER D 218 -25.98 -38.21 10.65
CA SER D 218 -26.07 -37.90 9.23
C SER D 218 -25.36 -36.59 8.94
N GLU D 219 -25.56 -36.06 7.73
CA GLU D 219 -24.97 -34.81 7.30
C GLU D 219 -26.08 -33.82 7.01
N VAL D 220 -25.83 -32.55 7.30
CA VAL D 220 -26.84 -31.50 7.21
C VAL D 220 -26.34 -30.44 6.25
N PHE D 221 -27.28 -29.80 5.54
CA PHE D 221 -26.96 -28.81 4.52
C PHE D 221 -27.52 -27.45 4.93
N PRO D 222 -26.79 -26.67 5.71
CA PRO D 222 -27.19 -25.26 5.90
C PRO D 222 -26.90 -24.45 4.65
N SER D 223 -27.15 -23.15 4.69
CA SER D 223 -26.97 -22.31 3.51
C SER D 223 -25.51 -21.87 3.40
N GLN D 224 -24.99 -21.92 2.19
CA GLN D 224 -23.60 -21.55 1.93
C GLN D 224 -23.49 -20.07 1.60
N GLU D 225 -22.26 -19.57 1.61
CA GLU D 225 -22.00 -18.14 1.50
C GLU D 225 -20.93 -17.86 0.47
N PHE D 226 -21.01 -16.68 -0.13
CA PHE D 226 -20.00 -16.22 -1.06
C PHE D 226 -18.67 -16.05 -0.33
N VAL D 227 -17.59 -16.53 -0.95
CA VAL D 227 -16.26 -16.50 -0.34
C VAL D 227 -15.34 -15.64 -1.20
N GLU D 228 -14.68 -14.68 -0.57
CA GLU D 228 -13.68 -13.85 -1.23
C GLU D 228 -12.33 -14.58 -1.18
N ASN D 229 -11.26 -13.88 -1.52
CA ASN D 229 -9.94 -14.46 -1.49
C ASN D 229 -9.51 -14.68 -0.04
N SER D 230 -9.76 -15.86 0.50
CA SER D 230 -9.52 -16.14 1.91
C SER D 230 -9.02 -17.57 2.04
N LYS D 231 -9.02 -18.09 3.27
CA LYS D 231 -8.49 -19.43 3.53
C LYS D 231 -9.47 -20.51 3.09
N LEU D 232 -10.71 -20.42 3.56
CA LEU D 232 -11.69 -21.46 3.33
C LEU D 232 -12.15 -21.49 1.87
N SER D 233 -12.74 -22.61 1.48
CA SER D 233 -13.30 -22.76 0.15
C SER D 233 -14.81 -22.92 0.14
N LYS D 234 -15.42 -23.26 1.27
CA LYS D 234 -16.88 -23.39 1.37
C LYS D 234 -17.30 -23.05 2.78
N GLN D 235 -18.10 -21.98 2.91
CA GLN D 235 -18.57 -21.51 4.20
C GLN D 235 -20.03 -21.89 4.42
N LEU D 236 -20.44 -21.87 5.69
CA LEU D 236 -21.80 -22.19 6.06
C LEU D 236 -22.36 -21.07 6.93
N PHE D 237 -23.66 -20.84 6.80
CA PHE D 237 -24.32 -19.77 7.54
C PHE D 237 -24.35 -20.12 9.03
N ASP D 238 -23.78 -19.25 9.85
CA ASP D 238 -23.60 -19.50 11.27
C ASP D 238 -24.23 -18.37 12.07
N LEU D 239 -24.99 -18.73 13.09
CA LEU D 239 -25.60 -17.77 14.02
C LEU D 239 -25.07 -18.07 15.42
N ASN D 240 -23.95 -17.43 15.76
CA ASN D 240 -23.33 -17.58 17.08
C ASN D 240 -22.94 -19.03 17.36
N GLY D 241 -22.29 -19.65 16.38
CA GLY D 241 -21.88 -21.04 16.54
C GLY D 241 -23.02 -22.01 16.38
N GLN D 242 -23.69 -21.99 15.22
CA GLN D 242 -24.81 -22.87 14.95
C GLN D 242 -25.17 -22.80 13.49
N ALA D 243 -25.42 -23.96 12.88
CA ALA D 243 -25.86 -24.00 11.50
C ALA D 243 -27.23 -23.35 11.35
N ALA D 244 -27.44 -22.64 10.25
CA ALA D 244 -28.68 -21.91 10.05
C ALA D 244 -28.89 -21.69 8.56
N MET D 245 -30.10 -21.29 8.20
CA MET D 245 -30.47 -21.04 6.81
C MET D 245 -30.97 -19.61 6.65
N HIS D 246 -30.56 -18.96 5.56
CA HIS D 246 -30.98 -17.61 5.26
C HIS D 246 -32.50 -17.52 5.17
N ASP D 247 -33.03 -16.33 5.40
CA ASP D 247 -34.47 -16.09 5.27
C ASP D 247 -34.84 -15.56 3.89
N GLN D 248 -34.34 -16.19 2.84
CA GLN D 248 -34.92 -16.09 1.50
C GLN D 248 -35.05 -17.44 0.84
N LYS D 249 -34.15 -18.38 1.13
CA LYS D 249 -34.34 -19.74 0.69
C LYS D 249 -35.66 -20.29 1.21
N ILE D 250 -35.96 -20.03 2.48
CA ILE D 250 -37.29 -20.34 3.01
C ILE D 250 -38.35 -19.52 2.31
N GLY D 251 -38.09 -18.22 2.12
CA GLY D 251 -39.05 -17.38 1.43
C GLY D 251 -39.33 -17.84 0.02
N ASN D 252 -38.27 -18.18 -0.72
CA ASN D 252 -38.45 -18.69 -2.08
C ASN D 252 -39.18 -20.02 -2.07
N ALA D 253 -38.90 -20.86 -1.08
CA ALA D 253 -39.57 -22.16 -1.00
C ALA D 253 -41.07 -22.01 -0.76
N ILE D 254 -41.46 -21.04 0.07
CA ILE D 254 -42.87 -20.90 0.41
C ILE D 254 -43.69 -20.48 -0.80
N ARG D 255 -43.23 -19.48 -1.54
CA ARG D 255 -44.04 -18.86 -2.58
C ARG D 255 -43.93 -19.55 -3.93
N THR D 256 -43.54 -20.82 -3.97
CA THR D 256 -43.49 -21.58 -5.21
C THR D 256 -44.90 -22.09 -5.50
N ILE D 257 -45.66 -21.29 -6.23
CA ILE D 257 -47.05 -21.62 -6.54
C ILE D 257 -47.41 -21.45 -8.00
N ASP D 258 -46.58 -20.81 -8.82
CA ASP D 258 -46.96 -20.46 -10.19
C ASP D 258 -47.01 -21.67 -11.10
N THR D 259 -48.20 -22.27 -11.25
CA THR D 259 -48.44 -23.32 -12.22
C THR D 259 -49.39 -22.89 -13.32
N TRP D 260 -49.59 -21.58 -13.48
CA TRP D 260 -50.57 -21.03 -14.40
C TRP D 260 -49.97 -20.61 -15.73
N TYR D 261 -48.69 -20.90 -15.96
CA TYR D 261 -48.06 -20.52 -17.22
C TYR D 261 -48.36 -21.59 -18.28
N GLU D 262 -47.72 -21.47 -19.44
CA GLU D 262 -48.22 -22.14 -20.65
C GLU D 262 -48.18 -23.66 -20.53
N ASP D 263 -47.14 -24.22 -19.94
CA ASP D 263 -46.98 -25.67 -19.86
C ASP D 263 -46.19 -25.99 -18.60
N ALA D 264 -45.56 -27.18 -18.57
CA ALA D 264 -44.48 -27.47 -17.64
C ALA D 264 -44.95 -27.42 -16.18
N THR D 265 -45.72 -28.44 -15.82
CA THR D 265 -46.12 -28.65 -14.43
C THR D 265 -44.90 -28.86 -13.55
N THR D 266 -45.10 -29.08 -12.24
CA THR D 266 -44.10 -28.87 -11.20
C THR D 266 -43.79 -27.38 -11.15
N PRO D 267 -44.69 -26.58 -10.57
CA PRO D 267 -44.65 -25.13 -10.71
C PRO D 267 -43.36 -24.50 -10.19
N ILE D 268 -43.22 -23.22 -10.50
CA ILE D 268 -42.03 -22.45 -10.15
C ILE D 268 -42.42 -21.35 -9.18
N ALA D 269 -41.41 -20.59 -8.74
CA ALA D 269 -41.63 -19.47 -7.84
C ALA D 269 -42.08 -18.24 -8.61
N VAL D 270 -42.80 -17.36 -7.92
CA VAL D 270 -43.42 -16.20 -8.55
C VAL D 270 -42.37 -15.10 -8.72
N GLU D 271 -41.97 -14.85 -9.96
CA GLU D 271 -41.02 -13.79 -10.28
C GLU D 271 -41.50 -13.04 -11.50
N PRO D 272 -41.20 -11.74 -11.60
CA PRO D 272 -41.40 -11.04 -12.86
C PRO D 272 -40.50 -11.64 -13.93
N TYR D 273 -41.02 -11.74 -15.15
CA TYR D 273 -40.35 -12.48 -16.21
C TYR D 273 -39.99 -13.89 -15.71
N GLY D 274 -41.02 -14.62 -15.28
CA GLY D 274 -40.83 -15.79 -14.45
C GLY D 274 -39.72 -16.71 -14.90
N SER D 275 -38.65 -16.76 -14.11
CA SER D 275 -37.40 -17.36 -14.55
C SER D 275 -36.86 -18.28 -13.47
N VAL D 276 -36.08 -19.26 -13.91
CA VAL D 276 -35.28 -20.10 -13.02
C VAL D 276 -33.85 -20.08 -13.52
N VAL D 277 -32.91 -19.73 -12.64
CA VAL D 277 -31.50 -19.65 -13.03
C VAL D 277 -30.80 -21.00 -12.91
N ARG D 278 -31.36 -21.92 -12.12
CA ARG D 278 -30.74 -23.24 -11.96
C ARG D 278 -30.61 -23.96 -13.28
N ASN D 279 -31.64 -23.92 -14.11
CA ASN D 279 -31.62 -24.52 -15.44
C ASN D 279 -31.39 -23.52 -16.56
N GLY D 280 -31.37 -22.23 -16.25
CA GLY D 280 -31.04 -21.21 -17.22
C GLY D 280 -32.15 -20.80 -18.16
N VAL D 281 -33.34 -21.40 -18.04
CA VAL D 281 -34.46 -21.07 -18.91
C VAL D 281 -35.30 -20.00 -18.24
N ALA D 282 -35.86 -19.09 -19.05
CA ALA D 282 -36.65 -17.97 -18.55
C ALA D 282 -38.05 -18.06 -19.17
N TYR D 283 -38.97 -18.70 -18.46
CA TYR D 283 -40.35 -18.74 -18.90
C TYR D 283 -40.95 -17.33 -18.84
N ARG D 284 -42.20 -17.22 -19.32
CA ARG D 284 -42.91 -15.95 -19.32
C ARG D 284 -42.06 -14.84 -19.93
N ALA D 285 -41.36 -15.17 -21.02
CA ALA D 285 -40.49 -14.24 -21.70
C ALA D 285 -41.32 -13.31 -22.59
N GLY D 286 -40.67 -12.59 -23.49
CA GLY D 286 -41.40 -11.66 -24.33
C GLY D 286 -42.29 -12.34 -25.33
N ASN D 287 -43.33 -13.01 -24.85
CA ASN D 287 -44.34 -13.67 -25.66
C ASN D 287 -45.72 -13.19 -25.26
N LYS D 288 -45.84 -11.89 -24.98
CA LYS D 288 -47.10 -11.27 -24.54
C LYS D 288 -47.61 -11.88 -23.24
N THR D 289 -46.71 -12.45 -22.43
CA THR D 289 -47.06 -13.00 -21.12
C THR D 289 -45.96 -12.58 -20.15
N ASP D 290 -46.12 -11.40 -19.56
CA ASP D 290 -45.14 -10.83 -18.65
C ASP D 290 -45.84 -10.29 -17.41
N LEU D 291 -45.12 -9.54 -16.60
CA LEU D 291 -45.74 -8.82 -15.49
C LEU D 291 -46.03 -7.37 -15.88
N PHE D 292 -45.03 -6.67 -16.41
CA PHE D 292 -45.19 -5.25 -16.70
C PHE D 292 -46.18 -5.02 -17.83
N THR D 293 -46.04 -5.78 -18.93
CA THR D 293 -46.98 -5.64 -20.03
C THR D 293 -48.40 -6.04 -19.60
N LEU D 294 -48.52 -7.13 -18.85
CA LEU D 294 -49.83 -7.58 -18.40
C LEU D 294 -50.45 -6.58 -17.43
N MET D 295 -49.64 -6.03 -16.51
CA MET D 295 -50.15 -5.03 -15.58
C MET D 295 -50.60 -3.78 -16.31
N ASP D 296 -49.82 -3.32 -17.29
CA ASP D 296 -50.21 -2.14 -18.04
C ASP D 296 -51.48 -2.39 -18.84
N GLY D 297 -51.64 -3.59 -19.40
CA GLY D 297 -52.89 -3.92 -20.06
C GLY D 297 -54.06 -3.95 -19.11
N ALA D 298 -53.86 -4.51 -17.91
CA ALA D 298 -54.94 -4.58 -16.93
C ALA D 298 -55.34 -3.20 -16.43
N VAL D 299 -54.40 -2.27 -16.37
CA VAL D 299 -54.73 -0.93 -15.88
C VAL D 299 -55.29 -0.05 -17.00
N ASN D 300 -55.03 -0.38 -18.26
CA ASN D 300 -55.50 0.40 -19.40
C ASN D 300 -56.41 -0.49 -20.25
N GLY D 301 -57.70 -0.49 -19.93
CA GLY D 301 -58.70 -1.17 -20.72
C GLY D 301 -59.34 -2.31 -19.95
N LYS D 302 -59.68 -3.38 -20.68
CA LYS D 302 -60.39 -4.51 -20.10
C LYS D 302 -59.48 -5.31 -19.19
N SER D 303 -60.09 -6.02 -18.25
CA SER D 303 -59.36 -6.82 -17.28
C SER D 303 -58.85 -8.10 -17.93
N LEU D 304 -58.32 -9.01 -17.12
CA LEU D 304 -57.79 -10.28 -17.59
C LEU D 304 -58.51 -11.42 -16.89
N THR D 305 -58.19 -12.64 -17.30
CA THR D 305 -58.84 -13.81 -16.75
C THR D 305 -58.40 -14.03 -15.30
N GLU D 306 -58.90 -15.10 -14.69
CA GLU D 306 -58.60 -15.38 -13.30
C GLU D 306 -57.10 -15.62 -13.09
N GLU D 307 -56.48 -16.38 -14.00
CA GLU D 307 -55.10 -16.81 -13.78
C GLU D 307 -54.15 -15.61 -13.68
N ASP D 308 -54.30 -14.64 -14.59
CA ASP D 308 -53.45 -13.46 -14.53
C ASP D 308 -53.76 -12.60 -13.31
N GLN D 309 -55.02 -12.56 -12.89
CA GLN D 309 -55.36 -11.83 -11.66
C GLN D 309 -54.65 -12.44 -10.46
N MET D 310 -54.68 -13.77 -10.35
CA MET D 310 -53.95 -14.41 -9.27
C MET D 310 -52.46 -14.16 -9.38
N PHE D 311 -51.91 -14.23 -10.59
CA PHE D 311 -50.48 -13.99 -10.78
C PHE D 311 -50.09 -12.60 -10.29
N VAL D 312 -50.84 -11.59 -10.68
CA VAL D 312 -50.50 -10.22 -10.30
C VAL D 312 -50.67 -10.03 -8.80
N THR D 313 -51.80 -10.46 -8.23
CA THR D 313 -52.01 -10.22 -6.81
C THR D 313 -51.15 -11.12 -5.92
N ALA D 314 -50.56 -12.17 -6.47
CA ALA D 314 -49.59 -12.98 -5.75
C ALA D 314 -48.17 -12.56 -6.01
N ASN D 315 -47.95 -11.66 -6.97
CA ASN D 315 -46.63 -11.05 -7.13
C ASN D 315 -46.54 -9.70 -6.45
N LEU D 316 -47.67 -9.04 -6.18
CA LEU D 316 -47.63 -7.81 -5.39
C LEU D 316 -47.23 -8.11 -3.95
N ILE D 317 -47.60 -9.29 -3.44
CA ILE D 317 -47.17 -9.69 -2.10
C ILE D 317 -45.65 -9.83 -2.05
N ARG D 318 -45.07 -10.48 -3.06
CA ARG D 318 -43.62 -10.53 -3.19
C ARG D 318 -43.13 -9.20 -3.72
N GLY D 319 -42.73 -8.29 -2.84
CA GLY D 319 -42.41 -6.94 -3.24
C GLY D 319 -41.29 -6.88 -4.27
N GLY D 320 -41.12 -5.68 -4.82
CA GLY D 320 -40.07 -5.49 -5.81
C GLY D 320 -39.96 -4.03 -6.19
N VAL D 321 -38.93 -3.73 -6.97
CA VAL D 321 -38.71 -2.38 -7.49
C VAL D 321 -39.34 -2.35 -8.87
N PHE D 322 -40.61 -1.98 -8.92
CA PHE D 322 -41.32 -1.84 -10.18
C PHE D 322 -41.06 -0.48 -10.79
N GLY D 323 -41.60 -0.28 -11.99
CA GLY D 323 -41.37 0.98 -12.69
C GLY D 323 -39.94 1.08 -13.18
N GLY D 324 -39.59 2.30 -13.60
CA GLY D 324 -38.26 2.57 -14.11
C GLY D 324 -38.07 3.99 -14.58
N LYS E 24 -35.22 47.64 1.16
CA LYS E 24 -36.40 47.42 1.99
C LYS E 24 -36.07 46.49 3.16
N LEU E 25 -34.98 46.79 3.86
CA LEU E 25 -34.52 46.04 5.03
C LEU E 25 -34.35 44.56 4.69
N LYS E 26 -33.45 44.32 3.75
CA LYS E 26 -33.15 42.96 3.32
C LYS E 26 -32.35 42.22 4.39
N ALA E 27 -32.44 40.90 4.37
CA ALA E 27 -31.68 40.08 5.28
C ALA E 27 -30.18 40.23 4.99
N PRO E 28 -29.32 40.16 6.01
CA PRO E 28 -27.89 40.37 5.78
C PRO E 28 -27.25 39.30 4.90
N ALA E 29 -25.97 39.46 4.60
CA ALA E 29 -25.29 38.54 3.69
C ALA E 29 -25.29 37.12 4.23
N VAL E 30 -25.01 36.96 5.52
CA VAL E 30 -24.98 35.65 6.16
C VAL E 30 -25.78 35.73 7.45
N LEU E 31 -26.58 34.69 7.71
CA LEU E 31 -27.43 34.65 8.89
C LEU E 31 -27.79 33.19 9.15
N ALA E 32 -27.73 32.78 10.41
CA ALA E 32 -27.96 31.38 10.74
C ALA E 32 -28.52 31.27 12.15
N TYR E 33 -29.18 30.14 12.42
CA TYR E 33 -29.72 29.82 13.73
C TYR E 33 -29.28 28.42 14.12
N SER E 34 -28.94 28.26 15.40
CA SER E 34 -28.52 26.96 15.89
C SER E 34 -29.72 26.08 16.20
N ARG E 35 -29.52 24.78 16.07
CA ARG E 35 -30.57 23.80 16.37
C ARG E 35 -30.93 23.87 17.85
N LYS E 36 -32.23 23.86 18.14
CA LYS E 36 -32.74 24.03 19.49
C LYS E 36 -33.32 22.76 20.09
N ILE E 37 -33.56 21.73 19.29
CA ILE E 37 -34.01 20.44 19.77
C ILE E 37 -32.90 19.44 19.49
N ASN E 38 -32.28 18.90 20.54
CA ASN E 38 -31.09 18.07 20.39
C ASN E 38 -31.38 16.65 20.86
N PRO E 39 -31.61 15.70 19.94
CA PRO E 39 -31.70 14.30 20.36
C PRO E 39 -30.33 13.64 20.36
N THR E 40 -30.27 12.36 20.66
CA THR E 40 -29.04 11.59 20.61
C THR E 40 -29.19 10.47 19.58
N ASN E 41 -28.18 9.61 19.52
CA ASN E 41 -28.25 8.44 18.65
C ASN E 41 -29.06 7.36 19.35
N ALA E 42 -30.18 6.96 18.75
CA ALA E 42 -31.03 5.95 19.36
C ALA E 42 -30.25 4.65 19.53
N LEU E 43 -30.50 3.96 20.64
CA LEU E 43 -29.78 2.73 20.93
C LEU E 43 -30.78 1.60 21.12
N MET E 44 -30.44 0.43 20.57
CA MET E 44 -31.36 -0.68 20.46
C MET E 44 -30.92 -1.85 21.34
N PHE E 45 -31.89 -2.47 22.01
CA PHE E 45 -31.65 -3.63 22.85
C PHE E 45 -32.80 -4.61 22.64
N ALA E 46 -32.61 -5.84 23.12
CA ALA E 46 -33.61 -6.90 23.02
C ALA E 46 -33.95 -7.42 24.40
N VAL E 47 -35.21 -7.27 24.80
CA VAL E 47 -35.68 -7.70 26.12
C VAL E 47 -37.03 -8.38 25.96
N ASN E 48 -37.42 -9.12 27.01
CA ASN E 48 -38.73 -9.73 27.07
C ASN E 48 -39.77 -8.74 27.57
N TRP E 49 -41.03 -8.98 27.19
CA TRP E 49 -42.10 -8.07 27.53
C TRP E 49 -42.37 -7.98 29.02
N SER E 50 -41.96 -9.01 29.79
CA SER E 50 -42.25 -9.06 31.22
C SER E 50 -41.01 -8.94 32.10
N ASP E 51 -39.81 -9.08 31.53
CA ASP E 51 -38.56 -9.07 32.29
C ASP E 51 -37.60 -8.03 31.71
N ARG E 52 -38.10 -6.82 31.51
CA ARG E 52 -37.30 -5.75 30.90
C ARG E 52 -36.24 -5.17 31.83
N ASP E 53 -35.96 -5.78 32.98
CA ASP E 53 -34.93 -5.25 33.87
C ASP E 53 -33.56 -5.36 33.24
N ASN E 54 -33.24 -6.51 32.65
CA ASN E 54 -31.94 -6.74 32.02
C ASN E 54 -32.02 -6.60 30.51
N THR E 55 -30.94 -6.08 29.92
CA THR E 55 -30.92 -5.75 28.49
C THR E 55 -29.70 -6.36 27.84
N THR E 56 -29.89 -6.86 26.62
CA THR E 56 -28.80 -7.37 25.78
C THR E 56 -28.75 -6.58 24.48
N ALA E 57 -27.54 -6.21 24.07
CA ALA E 57 -27.38 -5.43 22.85
C ALA E 57 -27.68 -6.28 21.62
N VAL E 58 -27.83 -5.61 20.48
CA VAL E 58 -28.12 -6.24 19.21
C VAL E 58 -26.95 -5.95 18.27
N MET E 59 -26.26 -7.01 17.85
CA MET E 59 -25.13 -6.87 16.93
C MET E 59 -25.62 -6.88 15.49
N VAL E 60 -24.70 -6.57 14.56
CA VAL E 60 -25.08 -6.42 13.17
C VAL E 60 -24.87 -7.72 12.40
N GLY E 61 -23.62 -8.18 12.29
CA GLY E 61 -23.35 -9.37 11.49
C GLY E 61 -23.37 -9.08 10.01
N THR E 62 -23.17 -10.12 9.21
CA THR E 62 -23.11 -10.00 7.76
C THR E 62 -23.55 -11.30 7.12
N LYS E 63 -24.23 -11.20 5.96
CA LYS E 63 -24.67 -12.38 5.22
C LYS E 63 -24.60 -12.07 3.74
N THR E 64 -25.00 -13.05 2.93
CA THR E 64 -24.94 -12.95 1.48
C THR E 64 -26.31 -13.25 0.87
N VAL E 65 -26.55 -12.65 -0.29
CA VAL E 65 -27.79 -12.86 -1.05
C VAL E 65 -27.43 -13.19 -2.49
N ALA E 66 -28.32 -13.94 -3.14
CA ALA E 66 -28.14 -14.31 -4.54
C ALA E 66 -29.50 -14.27 -5.20
N GLY E 67 -29.69 -13.30 -6.10
CA GLY E 67 -30.98 -13.09 -6.73
C GLY E 67 -30.87 -13.09 -8.25
N THR E 68 -32.04 -13.07 -8.87
CA THR E 68 -32.15 -13.00 -10.32
C THR E 68 -32.14 -11.53 -10.75
N GLN E 69 -32.47 -11.29 -12.02
CA GLN E 69 -32.57 -9.94 -12.55
C GLN E 69 -33.97 -9.71 -13.09
N SER E 70 -34.59 -8.61 -12.67
CA SER E 70 -35.94 -8.29 -13.13
C SER E 70 -36.05 -6.77 -13.21
N VAL E 71 -35.79 -6.23 -14.40
CA VAL E 71 -35.89 -4.80 -14.66
C VAL E 71 -36.88 -4.59 -15.78
N ARG E 72 -37.78 -3.62 -15.61
CA ARG E 72 -38.81 -3.36 -16.60
C ARG E 72 -38.20 -3.00 -17.95
N GLY E 73 -38.72 -3.62 -19.00
CA GLY E 73 -38.29 -3.35 -20.36
C GLY E 73 -37.09 -4.15 -20.83
N ASN E 74 -36.50 -4.99 -19.98
CA ASN E 74 -35.31 -5.77 -20.33
C ASN E 74 -35.58 -7.24 -20.05
N PRO E 75 -36.19 -7.95 -20.99
CA PRO E 75 -36.48 -9.38 -20.81
C PRO E 75 -35.41 -10.32 -21.32
N ASN E 76 -34.38 -9.82 -22.01
CA ASN E 76 -33.38 -10.70 -22.59
C ASN E 76 -32.47 -11.29 -21.51
N ASP E 77 -32.01 -10.46 -20.57
CA ASP E 77 -31.06 -10.88 -19.55
C ASP E 77 -31.73 -11.26 -18.24
N ALA E 78 -32.93 -11.84 -18.31
CA ALA E 78 -33.67 -12.21 -17.12
C ALA E 78 -33.35 -13.62 -16.62
N ASP E 79 -32.21 -14.18 -16.99
CA ASP E 79 -31.81 -15.51 -16.56
C ASP E 79 -30.35 -15.53 -16.14
N LYS E 80 -29.88 -14.46 -15.50
CA LYS E 80 -28.52 -14.35 -15.03
C LYS E 80 -28.50 -14.15 -13.52
N GLY E 81 -27.57 -14.80 -12.84
CA GLY E 81 -27.46 -14.68 -11.41
C GLY E 81 -26.93 -13.33 -10.97
N ASN E 82 -27.01 -13.09 -9.67
CA ASN E 82 -26.56 -11.83 -9.09
C ASN E 82 -26.15 -12.09 -7.65
N ILE E 83 -24.86 -12.00 -7.36
CA ILE E 83 -24.29 -12.27 -6.04
C ILE E 83 -24.03 -10.96 -5.34
N GLN E 84 -24.49 -10.84 -4.09
CA GLN E 84 -24.23 -9.65 -3.28
C GLN E 84 -23.99 -10.07 -1.84
N THR E 85 -23.35 -9.19 -1.09
CA THR E 85 -23.21 -9.34 0.35
C THR E 85 -23.86 -8.16 1.04
N VAL E 86 -24.69 -8.42 2.05
CA VAL E 86 -25.47 -7.40 2.73
C VAL E 86 -25.35 -7.59 4.23
N ASN E 87 -25.75 -6.56 4.97
CA ASN E 87 -25.85 -6.58 6.42
C ASN E 87 -27.29 -6.82 6.84
N PHE E 88 -27.46 -7.34 8.06
CA PHE E 88 -28.78 -7.59 8.61
C PHE E 88 -28.74 -7.31 10.11
N ALA E 89 -29.92 -7.39 10.73
CA ALA E 89 -30.05 -7.16 12.17
C ALA E 89 -31.41 -7.63 12.66
N ASN E 90 -31.43 -8.41 13.73
CA ASN E 90 -32.69 -8.95 14.25
C ASN E 90 -32.50 -9.36 15.70
N LEU E 91 -33.63 -9.53 16.39
CA LEU E 91 -33.60 -9.98 17.77
C LEU E 91 -33.06 -11.40 17.85
N PRO E 92 -32.46 -11.78 18.97
CA PRO E 92 -32.03 -13.18 19.15
C PRO E 92 -33.20 -14.14 19.12
N HIS E 93 -32.92 -15.44 19.14
CA HIS E 93 -33.97 -16.44 19.00
C HIS E 93 -34.87 -16.55 20.22
N ASN E 94 -34.47 -16.01 21.38
CA ASN E 94 -35.34 -15.97 22.56
C ASN E 94 -35.36 -14.55 23.12
N LYS E 95 -36.20 -13.71 22.51
CA LYS E 95 -36.51 -12.33 22.86
C LYS E 95 -37.75 -11.96 22.09
N ASN E 96 -38.60 -11.11 22.68
CA ASN E 96 -39.81 -10.70 21.98
C ASN E 96 -40.13 -9.23 22.18
N THR E 97 -39.12 -8.39 22.40
CA THR E 97 -39.36 -6.98 22.63
C THR E 97 -38.13 -6.18 22.23
N LEU E 98 -38.33 -5.18 21.38
CA LEU E 98 -37.26 -4.26 21.02
C LEU E 98 -37.34 -3.03 21.91
N LEU E 99 -36.22 -2.68 22.53
CA LEU E 99 -36.14 -1.52 23.41
C LEU E 99 -35.27 -0.47 22.73
N VAL E 100 -35.88 0.64 22.33
CA VAL E 100 -35.15 1.73 21.69
C VAL E 100 -35.15 2.91 22.65
N LYS E 101 -33.95 3.37 23.02
CA LYS E 101 -33.84 4.42 24.03
C LYS E 101 -32.95 5.54 23.53
N TYR E 102 -33.29 6.76 23.96
CA TYR E 102 -32.49 7.94 23.65
C TYR E 102 -32.88 9.07 24.59
N ASN E 103 -32.28 10.24 24.37
CA ASN E 103 -32.51 11.41 25.19
C ASN E 103 -32.68 12.63 24.29
N VAL E 104 -33.60 13.50 24.69
CA VAL E 104 -33.89 14.73 23.94
C VAL E 104 -33.68 15.91 24.88
N LYS E 105 -33.06 16.96 24.37
CA LYS E 105 -32.82 18.17 25.15
C LYS E 105 -33.42 19.37 24.44
N PHE E 106 -34.22 20.14 25.17
CA PHE E 106 -34.77 21.39 24.68
C PHE E 106 -34.08 22.54 25.38
N VAL E 107 -33.56 23.49 24.61
CA VAL E 107 -32.86 24.64 25.12
C VAL E 107 -33.59 25.91 24.70
N GLY E 108 -33.50 26.94 25.53
CA GLY E 108 -34.14 28.20 25.22
C GLY E 108 -33.29 29.04 24.29
N ASP E 109 -33.18 30.33 24.58
CA ASP E 109 -32.36 31.27 23.81
C ASP E 109 -32.82 31.37 22.36
N VAL E 110 -34.08 31.01 22.08
CA VAL E 110 -34.58 31.06 20.71
C VAL E 110 -34.66 32.51 20.25
N PHE E 111 -34.71 32.68 18.93
CA PHE E 111 -34.83 33.95 18.20
C PHE E 111 -33.50 34.72 18.18
N LYS E 112 -32.47 34.26 18.86
CA LYS E 112 -31.17 34.93 18.86
C LYS E 112 -30.30 34.33 17.76
N ALA E 113 -29.97 35.14 16.76
CA ALA E 113 -29.19 34.65 15.64
C ALA E 113 -27.78 34.29 16.08
N GLU E 114 -27.19 33.35 15.34
CA GLU E 114 -25.84 32.88 15.65
C GLU E 114 -24.76 33.68 14.94
N LEU E 115 -24.94 33.96 13.66
CA LEU E 115 -23.94 34.65 12.84
C LEU E 115 -24.51 36.02 12.47
N GLY E 116 -24.17 37.02 13.27
CA GLY E 116 -24.57 38.38 12.98
C GLY E 116 -26.05 38.62 13.22
N GLY E 117 -26.48 39.80 12.77
CA GLY E 117 -27.87 40.20 12.90
C GLY E 117 -28.12 41.16 14.04
N GLY E 118 -28.38 42.42 13.72
CA GLY E 118 -28.66 43.41 14.75
C GLY E 118 -29.83 44.31 14.40
N GLU E 119 -30.36 44.19 13.18
CA GLU E 119 -31.47 45.01 12.75
C GLU E 119 -32.60 44.17 12.19
N TYR E 120 -32.27 42.99 11.67
CA TYR E 120 -33.26 42.10 11.06
C TYR E 120 -33.80 41.09 12.06
N SER E 121 -32.91 40.49 12.86
CA SER E 121 -33.35 39.56 13.89
C SER E 121 -34.18 40.27 14.96
N ASN E 122 -33.80 41.49 15.31
CA ASN E 122 -34.58 42.26 16.28
C ASN E 122 -35.96 42.59 15.73
N THR E 123 -36.05 42.96 14.45
CA THR E 123 -37.36 43.21 13.85
C THR E 123 -38.20 41.94 13.84
N LEU E 124 -37.58 40.80 13.55
CA LEU E 124 -38.31 39.54 13.57
C LEU E 124 -38.77 39.19 14.98
N GLN E 125 -37.97 39.53 15.98
CA GLN E 125 -38.41 39.47 17.38
C GLN E 125 -39.67 40.30 17.60
N THR E 126 -39.66 41.53 17.09
CA THR E 126 -40.81 42.42 17.30
C THR E 126 -42.06 41.86 16.63
N ALA E 127 -41.91 41.33 15.42
CA ALA E 127 -43.08 40.82 14.70
C ALA E 127 -43.61 39.54 15.34
N LEU E 128 -42.73 38.67 15.80
CA LEU E 128 -43.09 37.38 16.38
C LEU E 128 -43.38 37.55 17.87
N GLU E 129 -43.37 36.43 18.61
CA GLU E 129 -43.56 36.23 20.05
C GLU E 129 -45.02 36.30 20.47
N ASN E 130 -45.94 36.64 19.56
CA ASN E 130 -47.36 36.45 19.81
C ASN E 130 -47.85 35.07 19.40
N THR E 131 -46.95 34.21 18.94
CA THR E 131 -47.31 32.85 18.57
C THR E 131 -47.65 32.02 19.80
N ASP E 132 -48.37 30.93 19.59
CA ASP E 132 -48.84 30.06 20.66
C ASP E 132 -47.87 28.89 20.81
N PHE E 133 -46.89 29.04 21.70
CA PHE E 133 -45.93 27.98 21.94
C PHE E 133 -46.56 26.76 22.58
N GLY E 134 -47.74 26.90 23.18
CA GLY E 134 -48.35 25.79 23.89
C GLY E 134 -48.67 24.63 22.97
N THR E 135 -49.30 24.90 21.84
CA THR E 135 -49.64 23.82 20.91
C THR E 135 -48.43 23.32 20.15
N LEU E 136 -47.42 24.17 19.92
CA LEU E 136 -46.17 23.69 19.34
C LEU E 136 -45.52 22.66 20.25
N ALA E 137 -45.41 22.98 21.55
CA ALA E 137 -44.87 22.02 22.50
C ALA E 137 -45.76 20.79 22.59
N TYR E 138 -47.08 20.97 22.50
CA TYR E 138 -47.99 19.84 22.53
C TYR E 138 -47.72 18.88 21.39
N ARG E 139 -47.58 19.41 20.17
CA ARG E 139 -47.30 18.56 19.02
C ARG E 139 -45.91 17.91 19.12
N TYR E 140 -44.92 18.67 19.60
CA TYR E 140 -43.58 18.13 19.74
C TYR E 140 -43.56 16.93 20.70
N VAL E 141 -44.26 17.05 21.83
CA VAL E 141 -44.28 15.93 22.77
C VAL E 141 -45.21 14.82 22.31
N TYR E 142 -46.27 15.15 21.56
CA TYR E 142 -47.16 14.12 21.06
C TYR E 142 -46.47 13.25 20.02
N ASN E 143 -45.61 13.84 19.19
CA ASN E 143 -44.87 13.04 18.21
C ASN E 143 -43.93 12.06 18.87
N ILE E 144 -43.61 12.24 20.15
CA ILE E 144 -42.77 11.30 20.88
C ILE E 144 -43.61 10.30 21.67
N ALA E 145 -44.70 10.77 22.29
CA ALA E 145 -45.56 9.88 23.05
C ALA E 145 -46.23 8.85 22.16
N ALA E 146 -46.67 9.26 20.96
CA ALA E 146 -47.34 8.35 20.05
C ALA E 146 -46.38 7.38 19.38
N GLY E 147 -45.08 7.56 19.54
CA GLY E 147 -44.12 6.66 18.92
C GLY E 147 -43.91 6.86 17.44
N ARG E 148 -43.93 8.11 16.97
CA ARG E 148 -43.62 8.35 15.57
C ARG E 148 -42.13 8.34 15.30
N THR E 149 -41.30 8.45 16.34
CA THR E 149 -39.86 8.59 16.15
C THR E 149 -39.25 7.35 15.49
N LEU E 150 -39.69 6.17 15.90
CA LEU E 150 -39.30 4.94 15.22
C LEU E 150 -40.17 4.75 13.99
N TRP E 151 -39.53 4.47 12.86
CA TRP E 151 -40.21 4.57 11.58
C TRP E 151 -40.81 3.26 11.09
N ARG E 152 -39.97 2.26 10.83
CA ARG E 152 -40.41 1.02 10.22
C ARG E 152 -40.60 -0.10 11.23
N ASN E 153 -40.08 0.04 12.44
CA ASN E 153 -40.27 -0.98 13.46
C ASN E 153 -41.71 -1.09 13.93
N ARG E 154 -42.58 -0.14 13.56
CA ARG E 154 -43.96 -0.17 14.03
C ARG E 154 -44.74 -1.30 13.35
N VAL E 155 -44.45 -1.59 12.09
CA VAL E 155 -45.22 -2.59 11.36
C VAL E 155 -44.98 -3.97 11.97
N GLY E 156 -46.04 -4.77 12.04
CA GLY E 156 -45.95 -6.09 12.62
C GLY E 156 -45.85 -6.12 14.13
N ALA E 157 -46.07 -5.00 14.81
CA ALA E 157 -46.01 -4.90 16.25
C ALA E 157 -47.42 -4.72 16.80
N GLU E 158 -47.84 -5.60 17.69
CA GLU E 158 -49.18 -5.55 18.24
C GLU E 158 -49.30 -4.69 19.49
N SER E 159 -48.19 -4.22 20.04
CA SER E 159 -48.24 -3.38 21.24
C SER E 159 -47.03 -2.48 21.27
N ILE E 160 -47.26 -1.19 21.53
CA ILE E 160 -46.21 -0.19 21.67
C ILE E 160 -46.42 0.52 23.00
N GLU E 161 -45.37 0.62 23.81
CA GLU E 161 -45.43 1.29 25.10
C GLU E 161 -44.26 2.25 25.22
N THR E 162 -44.55 3.50 25.59
CA THR E 162 -43.51 4.52 25.69
C THR E 162 -43.39 5.00 27.12
N VAL E 163 -42.15 5.10 27.60
CA VAL E 163 -41.86 5.61 28.93
C VAL E 163 -40.99 6.86 28.78
N ILE E 164 -41.40 7.95 29.40
CA ILE E 164 -40.69 9.22 29.31
C ILE E 164 -40.45 9.75 30.71
N THR E 165 -39.23 10.19 30.98
CA THR E 165 -38.84 10.70 32.29
C THR E 165 -38.28 12.10 32.17
N VAL E 166 -38.74 12.99 33.04
CA VAL E 166 -38.24 14.37 33.11
C VAL E 166 -38.45 14.89 34.52
N ASN E 167 -37.38 15.44 35.11
CA ASN E 167 -37.42 16.02 36.45
C ASN E 167 -37.94 15.02 37.47
N ASP E 168 -37.53 13.76 37.31
CA ASP E 168 -37.92 12.66 38.20
C ASP E 168 -39.44 12.52 38.29
N GLN E 169 -40.08 12.44 37.12
CA GLN E 169 -41.53 12.24 37.03
C GLN E 169 -41.78 11.30 35.85
N THR E 170 -41.98 10.03 36.15
CA THR E 170 -42.18 9.03 35.11
C THR E 170 -43.57 9.17 34.50
N PHE E 171 -43.65 8.98 33.18
CA PHE E 171 -44.93 8.95 32.47
C PHE E 171 -44.95 7.78 31.50
N THR E 172 -46.07 7.09 31.44
CA THR E 172 -46.25 5.92 30.60
C THR E 172 -47.39 6.16 29.62
N PHE E 173 -47.15 5.84 28.35
CA PHE E 173 -48.12 6.06 27.30
C PHE E 173 -48.33 4.77 26.51
N SER E 174 -49.60 4.41 26.33
CA SER E 174 -50.02 3.42 25.34
C SER E 174 -50.87 4.12 24.27
N ASP E 175 -50.50 5.36 23.95
CA ASP E 175 -51.34 6.23 23.16
C ASP E 175 -51.45 5.74 21.72
N LEU E 176 -52.68 5.71 21.21
CA LEU E 176 -52.96 5.34 19.84
C LEU E 176 -52.98 6.62 18.98
N LEU E 177 -53.53 6.53 17.78
CA LEU E 177 -53.82 7.70 16.94
C LEU E 177 -52.54 8.47 16.61
N VAL E 178 -51.69 7.80 15.83
CA VAL E 178 -50.42 8.38 15.40
C VAL E 178 -50.63 9.69 14.65
N ASN E 179 -51.76 9.83 13.97
CA ASN E 179 -52.13 11.07 13.29
C ASN E 179 -53.27 11.74 14.05
N GLU E 180 -53.80 12.81 13.44
CA GLU E 180 -54.97 13.55 13.96
C GLU E 180 -54.83 13.83 15.46
N PHE E 181 -53.88 14.71 15.76
CA PHE E 181 -53.46 15.05 17.12
C PHE E 181 -54.64 15.16 18.06
N ASP E 182 -54.63 14.33 19.10
CA ASP E 182 -55.75 14.23 20.03
C ASP E 182 -55.44 15.03 21.30
N GLU E 183 -56.31 14.94 22.30
CA GLU E 183 -56.15 15.65 23.56
C GLU E 183 -55.97 14.66 24.69
N ASP E 184 -54.92 14.85 25.48
CA ASP E 184 -54.61 14.01 26.63
C ASP E 184 -54.21 14.92 27.79
N VAL E 185 -53.96 14.32 28.95
CA VAL E 185 -53.67 15.06 30.17
C VAL E 185 -52.17 15.10 30.48
N ASP E 186 -51.48 13.95 30.34
CA ASP E 186 -50.05 13.93 30.62
C ASP E 186 -49.28 14.76 29.60
N VAL E 187 -49.68 14.69 28.34
CA VAL E 187 -49.00 15.45 27.29
C VAL E 187 -49.07 16.93 27.59
N ALA E 188 -50.19 17.40 28.15
CA ALA E 188 -50.27 18.78 28.60
C ALA E 188 -49.28 19.03 29.75
N GLU E 189 -49.18 18.09 30.68
CA GLU E 189 -48.31 18.24 31.84
C GLU E 189 -46.83 18.20 31.48
N ILE E 190 -46.49 17.79 30.26
CA ILE E 190 -45.12 17.90 29.77
C ILE E 190 -44.95 19.10 28.85
N ALA E 191 -45.94 19.37 28.01
CA ALA E 191 -45.86 20.48 27.07
C ALA E 191 -45.86 21.81 27.79
N ASP E 192 -46.46 21.91 28.98
CA ASP E 192 -46.38 23.16 29.73
C ASP E 192 -44.94 23.50 30.09
N MET E 193 -44.21 22.50 30.61
CA MET E 193 -42.80 22.72 30.93
C MET E 193 -41.99 23.02 29.68
N VAL E 194 -42.24 22.27 28.60
CA VAL E 194 -41.46 22.47 27.39
C VAL E 194 -41.70 23.86 26.80
N ALA E 195 -42.96 24.30 26.80
CA ALA E 195 -43.28 25.63 26.28
C ALA E 195 -42.72 26.72 27.17
N GLY E 196 -42.79 26.55 28.49
CA GLY E 196 -42.19 27.53 29.38
C GLY E 196 -40.71 27.65 29.17
N VAL E 197 -40.04 26.54 28.87
CA VAL E 197 -38.61 26.60 28.57
C VAL E 197 -38.36 27.26 27.22
N LEU E 198 -39.20 26.98 26.22
CA LEU E 198 -38.94 27.47 24.87
C LEU E 198 -39.02 28.99 24.79
N SER E 199 -39.87 29.62 25.60
CA SER E 199 -40.03 31.07 25.53
C SER E 199 -39.11 31.79 26.51
N GLY E 200 -37.83 31.42 26.50
CA GLY E 200 -36.81 32.09 27.28
C GLY E 200 -36.61 31.43 28.63
N GLU E 201 -35.58 30.59 28.74
CA GLU E 201 -35.35 29.82 29.95
C GLU E 201 -33.99 29.11 29.86
N GLY E 202 -33.77 28.14 30.73
CA GLY E 202 -32.60 27.29 30.64
C GLY E 202 -32.87 26.12 29.72
N PHE E 203 -32.87 24.89 30.25
CA PHE E 203 -33.05 23.73 29.40
C PHE E 203 -33.79 22.65 30.15
N VAL E 204 -34.34 21.70 29.40
CA VAL E 204 -34.94 20.49 29.95
C VAL E 204 -34.49 19.28 29.14
N THR E 205 -34.57 18.11 29.77
CA THR E 205 -34.14 16.86 29.17
C THR E 205 -35.19 15.78 29.41
N LEU E 206 -35.59 15.11 28.34
CA LEU E 206 -36.52 13.98 28.41
C LEU E 206 -35.75 12.71 28.08
N LYS E 207 -35.90 11.69 28.93
CA LYS E 207 -35.34 10.37 28.67
C LYS E 207 -36.46 9.49 28.12
N VAL E 208 -36.26 8.97 26.91
CA VAL E 208 -37.32 8.35 26.14
C VAL E 208 -36.98 6.89 25.89
N GLU E 209 -37.94 6.00 26.14
CA GLU E 209 -37.79 4.56 25.91
C GLU E 209 -39.04 4.04 25.22
N HIS E 210 -38.85 3.29 24.12
CA HIS E 210 -39.94 2.65 23.39
C HIS E 210 -39.80 1.14 23.49
N TYR E 211 -40.91 0.47 23.78
CA TYR E 211 -40.98 -0.99 23.85
C TYR E 211 -42.00 -1.48 22.84
N MET E 212 -41.61 -2.47 22.03
CA MET E 212 -42.48 -3.11 21.06
C MET E 212 -42.68 -4.57 21.45
N LEU E 213 -43.45 -5.28 20.65
CA LEU E 213 -43.69 -6.71 20.85
C LEU E 213 -43.56 -7.44 19.52
N LEU E 214 -42.46 -7.17 18.82
CA LEU E 214 -42.30 -7.65 17.44
C LEU E 214 -42.44 -9.16 17.33
N GLY E 215 -41.71 -9.89 18.17
CA GLY E 215 -41.75 -11.34 18.11
C GLY E 215 -40.38 -11.98 18.07
N GLU E 216 -40.31 -13.26 18.42
CA GLU E 216 -39.04 -13.95 18.52
C GLU E 216 -38.33 -14.00 17.18
N GLY E 217 -37.13 -13.43 17.12
CA GLY E 217 -36.34 -13.44 15.91
C GLY E 217 -36.75 -12.41 14.88
N SER E 218 -37.71 -11.55 15.19
CA SER E 218 -38.17 -10.54 14.23
C SER E 218 -37.02 -9.63 13.82
N GLU E 219 -37.14 -9.07 12.63
CA GLU E 219 -36.09 -8.24 12.06
C GLU E 219 -36.29 -6.79 12.45
N VAL E 220 -35.20 -6.11 12.80
CA VAL E 220 -35.21 -4.69 13.11
C VAL E 220 -34.50 -3.94 11.99
N PHE E 221 -34.82 -2.65 11.87
CA PHE E 221 -34.35 -1.83 10.75
C PHE E 221 -33.60 -0.62 11.28
N PRO E 222 -32.31 -0.76 11.58
CA PRO E 222 -31.49 0.41 11.89
C PRO E 222 -31.32 1.29 10.66
N SER E 223 -30.64 2.42 10.86
CA SER E 223 -30.45 3.37 9.78
C SER E 223 -29.34 2.91 8.86
N GLN E 224 -29.58 3.02 7.56
CA GLN E 224 -28.65 2.51 6.56
C GLN E 224 -27.54 3.52 6.28
N GLU E 225 -26.54 3.06 5.53
CA GLU E 225 -25.32 3.82 5.33
C GLU E 225 -24.90 3.77 3.87
N PHE E 226 -24.13 4.77 3.47
CA PHE E 226 -23.54 4.84 2.13
C PHE E 226 -22.05 5.09 2.26
N VAL E 227 -21.26 4.24 1.60
CA VAL E 227 -19.81 4.35 1.57
C VAL E 227 -19.36 4.15 0.13
N GLU E 228 -18.16 4.64 -0.17
CA GLU E 228 -17.55 4.38 -1.47
C GLU E 228 -17.58 2.88 -1.78
N ASN E 229 -17.55 2.55 -3.07
CA ASN E 229 -17.74 1.18 -3.53
C ASN E 229 -16.92 0.16 -2.76
N SER E 230 -17.61 -0.77 -2.10
CA SER E 230 -16.96 -1.78 -1.28
C SER E 230 -17.65 -3.14 -1.47
N LYS E 231 -17.23 -4.13 -0.67
CA LYS E 231 -17.84 -5.46 -0.78
C LYS E 231 -19.31 -5.42 -0.44
N LEU E 232 -19.68 -4.71 0.62
CA LEU E 232 -21.07 -4.68 1.07
C LEU E 232 -21.93 -3.90 0.09
N SER E 233 -23.20 -4.32 0.01
CA SER E 233 -24.20 -3.64 -0.81
C SER E 233 -25.25 -2.91 0.01
N LYS E 234 -25.33 -3.16 1.31
CA LYS E 234 -26.24 -2.43 2.18
C LYS E 234 -25.66 -2.49 3.59
N GLN E 235 -25.27 -1.34 4.12
CA GLN E 235 -24.65 -1.24 5.44
C GLN E 235 -25.62 -0.64 6.44
N LEU E 236 -25.35 -0.92 7.71
CA LEU E 236 -26.21 -0.47 8.80
C LEU E 236 -25.39 0.31 9.81
N PHE E 237 -25.95 1.40 10.31
CA PHE E 237 -25.26 2.25 11.26
C PHE E 237 -24.98 1.48 12.55
N ASP E 238 -23.75 1.57 13.05
CA ASP E 238 -23.37 0.88 14.26
C ASP E 238 -22.48 1.78 15.11
N LEU E 239 -22.49 1.50 16.41
CA LEU E 239 -21.60 2.15 17.38
C LEU E 239 -20.94 1.03 18.18
N ASN E 240 -19.67 0.77 17.90
CA ASN E 240 -18.96 -0.39 18.45
C ASN E 240 -19.66 -1.69 18.08
N GLY E 241 -20.15 -1.76 16.85
CA GLY E 241 -20.86 -2.93 16.37
C GLY E 241 -22.19 -3.20 17.03
N GLN E 242 -22.99 -2.15 17.25
CA GLN E 242 -24.33 -2.28 17.79
C GLN E 242 -25.30 -1.48 16.93
N ALA E 243 -26.41 -2.10 16.54
CA ALA E 243 -27.37 -1.45 15.66
C ALA E 243 -27.91 -0.17 16.29
N ALA E 244 -27.97 0.90 15.51
CA ALA E 244 -28.41 2.19 16.04
C ALA E 244 -28.91 3.06 14.89
N MET E 245 -29.88 3.91 15.21
CA MET E 245 -30.44 4.86 14.26
C MET E 245 -29.73 6.21 14.38
N HIS E 246 -29.66 6.92 13.25
CA HIS E 246 -28.98 8.20 13.21
C HIS E 246 -29.71 9.24 14.06
N ASP E 247 -29.13 10.43 14.18
CA ASP E 247 -29.68 11.50 15.01
C ASP E 247 -30.68 12.36 14.26
N GLN E 248 -30.30 12.84 13.06
CA GLN E 248 -31.21 13.63 12.27
C GLN E 248 -32.44 12.83 11.86
N LYS E 249 -32.36 11.50 11.86
CA LYS E 249 -33.54 10.68 11.64
C LYS E 249 -34.59 10.94 12.72
N ILE E 250 -34.18 10.84 13.99
CA ILE E 250 -35.09 11.13 15.09
C ILE E 250 -35.54 12.59 15.04
N GLY E 251 -34.63 13.49 14.69
CA GLY E 251 -35.00 14.90 14.59
C GLY E 251 -36.10 15.14 13.58
N ASN E 252 -35.97 14.56 12.39
CA ASN E 252 -37.02 14.65 11.39
C ASN E 252 -38.31 14.02 11.89
N ALA E 253 -38.21 12.85 12.53
CA ALA E 253 -39.40 12.18 13.02
C ALA E 253 -40.14 12.97 14.09
N ILE E 254 -39.45 13.85 14.81
CA ILE E 254 -40.09 14.62 15.87
C ILE E 254 -40.81 15.86 15.33
N ARG E 255 -40.24 16.54 14.35
CA ARG E 255 -40.75 17.84 13.91
C ARG E 255 -41.66 17.73 12.70
N THR E 256 -42.42 16.64 12.56
CA THR E 256 -43.47 16.56 11.55
C THR E 256 -44.75 17.10 12.19
N ILE E 257 -44.99 18.40 12.01
CA ILE E 257 -46.13 19.08 12.61
C ILE E 257 -46.88 19.95 11.63
N ASP E 258 -46.52 19.96 10.35
CA ASP E 258 -47.04 20.93 9.40
C ASP E 258 -48.39 20.48 8.88
N THR E 259 -49.46 20.96 9.53
CA THR E 259 -50.84 20.77 9.09
C THR E 259 -51.49 22.13 8.88
N TRP E 260 -50.77 23.05 8.24
CA TRP E 260 -51.26 24.41 8.10
C TRP E 260 -51.29 24.91 6.66
N TYR E 261 -50.80 24.14 5.70
CA TYR E 261 -50.89 24.54 4.31
C TYR E 261 -52.30 24.21 3.80
N GLU E 262 -52.53 24.40 2.50
CA GLU E 262 -53.91 24.54 2.00
C GLU E 262 -54.72 23.25 2.11
N ASP E 263 -54.06 22.09 2.07
CA ASP E 263 -54.80 20.83 1.98
C ASP E 263 -53.88 19.70 2.49
N ALA E 264 -54.21 18.47 2.11
CA ALA E 264 -53.28 17.35 2.26
C ALA E 264 -52.90 17.05 3.70
N THR E 265 -53.83 16.49 4.47
CA THR E 265 -53.57 16.04 5.83
C THR E 265 -52.54 14.91 5.84
N THR E 266 -52.29 14.32 7.01
CA THR E 266 -51.09 13.50 7.27
C THR E 266 -49.87 14.39 7.15
N PRO E 267 -49.63 15.23 8.16
CA PRO E 267 -48.68 16.34 8.03
C PRO E 267 -47.27 15.90 7.66
N ILE E 268 -46.47 16.90 7.29
CA ILE E 268 -45.09 16.71 6.86
C ILE E 268 -44.17 17.45 7.82
N ALA E 269 -42.87 17.25 7.64
CA ALA E 269 -41.87 17.92 8.45
C ALA E 269 -41.69 19.36 7.99
N VAL E 270 -41.40 20.24 8.94
CA VAL E 270 -41.24 21.66 8.64
C VAL E 270 -39.91 21.88 7.91
N GLU E 271 -40.00 22.37 6.68
CA GLU E 271 -38.82 22.69 5.87
C GLU E 271 -39.10 23.96 5.09
N PRO E 272 -38.07 24.76 4.82
CA PRO E 272 -38.22 25.85 3.85
C PRO E 272 -38.43 25.26 2.45
N TYR E 273 -39.44 25.77 1.74
CA TYR E 273 -39.95 25.11 0.54
C TYR E 273 -40.32 23.65 0.86
N GLY E 274 -41.30 23.52 1.75
CA GLY E 274 -41.65 22.23 2.32
C GLY E 274 -41.73 21.11 1.30
N SER E 275 -40.82 20.15 1.40
CA SER E 275 -40.64 19.16 0.36
C SER E 275 -40.47 17.78 0.99
N VAL E 276 -40.90 16.76 0.25
CA VAL E 276 -40.73 15.36 0.64
C VAL E 276 -40.06 14.67 -0.54
N VAL E 277 -38.76 14.38 -0.40
CA VAL E 277 -37.99 13.87 -1.52
C VAL E 277 -38.49 12.49 -1.96
N ARG E 278 -38.98 11.68 -1.02
CA ARG E 278 -39.43 10.33 -1.36
C ARG E 278 -40.56 10.37 -2.39
N ASN E 279 -41.54 11.25 -2.19
CA ASN E 279 -42.59 11.42 -3.18
C ASN E 279 -42.13 12.26 -4.37
N GLY E 280 -41.15 13.13 -4.19
CA GLY E 280 -40.69 13.98 -5.26
C GLY E 280 -41.48 15.25 -5.47
N VAL E 281 -42.38 15.59 -4.55
CA VAL E 281 -43.19 16.80 -4.65
C VAL E 281 -42.65 17.83 -3.67
N ALA E 282 -42.74 19.10 -4.05
CA ALA E 282 -42.25 20.21 -3.24
C ALA E 282 -43.43 21.14 -2.97
N TYR E 283 -44.09 20.96 -1.84
CA TYR E 283 -45.18 21.85 -1.46
C TYR E 283 -44.63 23.26 -1.24
N ARG E 284 -45.50 24.24 -1.43
CA ARG E 284 -45.13 25.65 -1.38
C ARG E 284 -44.03 25.97 -2.39
N ALA E 285 -44.01 25.28 -3.52
CA ALA E 285 -43.03 25.56 -4.56
C ALA E 285 -43.21 26.99 -5.07
N GLY E 286 -44.33 27.25 -5.73
CA GLY E 286 -44.77 28.62 -5.88
C GLY E 286 -46.18 28.79 -5.38
N ASN E 287 -46.33 29.42 -4.22
CA ASN E 287 -47.65 29.72 -3.67
C ASN E 287 -47.71 31.08 -2.99
N LYS E 288 -46.62 31.87 -3.01
CA LYS E 288 -46.45 33.11 -2.27
C LYS E 288 -46.34 32.86 -0.77
N THR E 289 -46.57 31.62 -0.31
CA THR E 289 -46.50 31.26 1.10
C THR E 289 -45.23 30.46 1.32
N ASP E 290 -44.13 31.17 1.60
CA ASP E 290 -42.83 30.57 1.81
C ASP E 290 -42.20 31.16 3.06
N LEU E 291 -41.24 30.42 3.63
CA LEU E 291 -40.55 30.90 4.82
C LEU E 291 -39.90 32.26 4.57
N PHE E 292 -39.19 32.39 3.45
CA PHE E 292 -38.53 33.65 3.15
C PHE E 292 -39.53 34.75 2.83
N THR E 293 -40.58 34.42 2.07
CA THR E 293 -41.60 35.42 1.75
C THR E 293 -42.34 35.89 3.00
N LEU E 294 -42.71 34.95 3.88
CA LEU E 294 -43.37 35.33 5.11
C LEU E 294 -42.44 36.13 6.03
N MET E 295 -41.15 35.78 6.06
CA MET E 295 -40.20 36.55 6.83
C MET E 295 -40.12 37.98 6.30
N ASP E 296 -40.06 38.14 4.98
CA ASP E 296 -40.02 39.47 4.39
C ASP E 296 -41.29 40.25 4.70
N GLY E 297 -42.45 39.59 4.64
CA GLY E 297 -43.68 40.25 5.01
C GLY E 297 -43.69 40.70 6.46
N ALA E 298 -43.20 39.85 7.37
CA ALA E 298 -43.18 40.20 8.78
C ALA E 298 -42.25 41.38 9.04
N VAL E 299 -41.05 41.36 8.45
CA VAL E 299 -40.13 42.48 8.65
C VAL E 299 -40.62 43.73 7.95
N ASN E 300 -41.17 43.58 6.74
CA ASN E 300 -41.58 44.73 5.93
C ASN E 300 -43.09 44.93 6.01
N GLY E 301 -43.53 45.45 7.15
CA GLY E 301 -44.89 45.94 7.25
C GLY E 301 -45.96 44.95 7.64
N LYS E 302 -46.65 44.41 6.63
CA LYS E 302 -47.91 43.69 6.86
C LYS E 302 -47.72 42.52 7.83
N SER E 303 -48.72 42.32 8.68
CA SER E 303 -48.67 41.31 9.72
C SER E 303 -48.85 39.91 9.15
N LEU E 304 -48.83 38.92 10.03
CA LEU E 304 -48.95 37.52 9.66
C LEU E 304 -50.14 36.90 10.38
N THR E 305 -50.65 35.81 9.81
CA THR E 305 -51.75 35.09 10.43
C THR E 305 -51.23 34.25 11.58
N GLU E 306 -52.16 33.57 12.27
CA GLU E 306 -51.78 32.71 13.38
C GLU E 306 -50.97 31.52 12.89
N GLU E 307 -51.47 30.82 11.87
CA GLU E 307 -50.76 29.65 11.35
C GLU E 307 -49.41 30.04 10.76
N ASP E 308 -49.34 31.18 10.07
CA ASP E 308 -48.09 31.58 9.45
C ASP E 308 -47.05 31.96 10.49
N GLN E 309 -47.46 32.69 11.53
CA GLN E 309 -46.54 32.99 12.62
C GLN E 309 -46.05 31.71 13.28
N MET E 310 -46.96 30.76 13.51
CA MET E 310 -46.58 29.52 14.15
C MET E 310 -45.60 28.72 13.30
N PHE E 311 -45.84 28.69 11.98
CA PHE E 311 -44.93 27.99 11.08
C PHE E 311 -43.56 28.67 11.06
N VAL E 312 -43.53 30.00 11.05
CA VAL E 312 -42.25 30.70 11.04
C VAL E 312 -41.47 30.40 12.31
N THR E 313 -42.16 30.39 13.46
CA THR E 313 -41.48 30.05 14.71
C THR E 313 -40.96 28.61 14.69
N ALA E 314 -41.81 27.67 14.26
CA ALA E 314 -41.41 26.27 14.27
C ALA E 314 -40.29 25.98 13.27
N ASN E 315 -40.17 26.79 12.22
CA ASN E 315 -39.09 26.63 11.27
C ASN E 315 -37.83 27.36 11.72
N LEU E 316 -37.98 28.41 12.54
CA LEU E 316 -36.82 29.10 13.08
C LEU E 316 -36.21 28.34 14.25
N ILE E 317 -37.01 27.51 14.93
CA ILE E 317 -36.43 26.62 15.94
C ILE E 317 -35.46 25.65 15.27
N ARG E 318 -35.85 25.08 14.14
CA ARG E 318 -34.92 24.34 13.30
C ARG E 318 -33.84 25.28 12.78
N GLY E 319 -32.66 24.73 12.53
CA GLY E 319 -31.53 25.54 12.14
C GLY E 319 -31.56 25.97 10.68
N GLY E 320 -30.40 26.09 10.07
CA GLY E 320 -30.27 26.46 8.68
C GLY E 320 -29.66 27.84 8.51
N VAL E 321 -29.52 28.23 7.25
CA VAL E 321 -29.01 29.55 6.87
C VAL E 321 -30.10 30.29 6.12
N PHE E 322 -30.35 31.54 6.50
CA PHE E 322 -31.34 32.39 5.86
C PHE E 322 -30.64 33.68 5.43
N GLY E 323 -30.10 33.68 4.22
CA GLY E 323 -29.41 34.85 3.71
C GLY E 323 -28.87 34.58 2.32
N GLY E 324 -28.38 35.65 1.71
CA GLY E 324 -27.85 35.58 0.36
C GLY E 324 -26.34 35.67 0.30
N LYS F 24 10.82 61.42 10.95
CA LYS F 24 9.91 61.31 12.08
C LYS F 24 10.05 59.94 12.77
N LEU F 25 11.24 59.37 12.68
CA LEU F 25 11.59 58.11 13.32
C LEU F 25 10.62 56.99 12.91
N LYS F 26 10.66 56.69 11.61
CA LYS F 26 9.82 55.63 11.06
C LYS F 26 10.32 54.26 11.51
N ALA F 27 9.39 53.31 11.54
CA ALA F 27 9.73 51.95 11.93
C ALA F 27 10.53 51.27 10.80
N PRO F 28 11.40 50.32 11.14
CA PRO F 28 12.18 49.64 10.10
C PRO F 28 11.29 48.87 9.13
N ALA F 29 11.94 48.36 8.08
CA ALA F 29 11.20 47.67 7.02
C ALA F 29 10.53 46.40 7.55
N VAL F 30 11.28 45.58 8.28
CA VAL F 30 10.77 44.35 8.86
C VAL F 30 10.97 44.40 10.36
N LEU F 31 9.90 44.16 11.11
CA LEU F 31 9.96 44.17 12.56
C LEU F 31 8.88 43.21 13.07
N ALA F 32 9.25 42.36 14.03
CA ALA F 32 8.37 41.29 14.45
C ALA F 32 8.59 41.00 15.93
N TYR F 33 7.64 40.26 16.51
CA TYR F 33 7.71 39.85 17.90
C TYR F 33 7.34 38.38 17.99
N SER F 34 7.37 37.85 19.21
CA SER F 34 7.02 36.46 19.48
C SER F 34 5.96 36.43 20.56
N ARG F 35 5.01 35.50 20.42
CA ARG F 35 3.91 35.41 21.38
C ARG F 35 4.44 35.04 22.76
N LYS F 36 3.94 35.74 23.78
CA LYS F 36 4.36 35.54 25.15
C LYS F 36 3.34 34.74 25.97
N ILE F 37 2.30 34.22 25.33
CA ILE F 37 1.35 33.31 25.96
C ILE F 37 1.22 32.11 25.04
N ASN F 38 1.62 30.94 25.52
CA ASN F 38 1.65 29.74 24.68
C ASN F 38 0.74 28.66 25.24
N PRO F 39 -0.42 28.43 24.64
CA PRO F 39 -1.24 27.28 25.06
C PRO F 39 -0.98 26.04 24.24
N THR F 40 -1.16 24.87 24.83
CA THR F 40 -1.06 23.62 24.10
C THR F 40 -2.40 23.31 23.43
N ASN F 41 -2.39 22.29 22.57
CA ASN F 41 -3.64 21.84 21.96
C ASN F 41 -4.54 21.24 23.03
N ALA F 42 -5.79 21.69 23.07
CA ALA F 42 -6.73 21.17 24.06
C ALA F 42 -6.99 19.70 23.79
N LEU F 43 -7.26 18.95 24.85
CA LEU F 43 -7.47 17.52 24.72
C LEU F 43 -8.72 17.13 25.49
N MET F 44 -9.58 16.33 24.84
CA MET F 44 -10.93 16.05 25.31
C MET F 44 -11.04 14.62 25.82
N PHE F 45 -11.75 14.45 26.93
CA PHE F 45 -11.99 13.15 27.53
C PHE F 45 -13.42 13.09 28.04
N ALA F 46 -13.90 11.87 28.30
CA ALA F 46 -15.25 11.64 28.80
C ALA F 46 -15.16 10.92 30.14
N VAL F 47 -15.54 11.62 31.21
CA VAL F 47 -15.51 11.07 32.56
C VAL F 47 -16.85 11.34 33.22
N ASN F 48 -17.10 10.62 34.30
CA ASN F 48 -18.31 10.84 35.09
C ASN F 48 -18.15 12.08 35.96
N TRP F 49 -19.18 12.38 36.75
CA TRP F 49 -19.18 13.57 37.61
C TRP F 49 -18.67 13.28 39.01
N SER F 50 -19.22 12.26 39.67
CA SER F 50 -18.80 11.91 41.02
C SER F 50 -17.71 10.85 41.04
N ASP F 51 -17.24 10.41 39.87
CA ASP F 51 -16.20 9.39 39.74
C ASP F 51 -15.10 9.89 38.82
N ARG F 52 -14.59 11.08 39.10
CA ARG F 52 -13.60 11.71 38.22
C ARG F 52 -12.23 11.12 38.44
N ASP F 53 -12.11 9.80 38.31
CA ASP F 53 -10.83 9.10 38.38
C ASP F 53 -10.48 8.41 37.07
N ASN F 54 -11.38 7.59 36.54
CA ASN F 54 -11.17 7.01 35.23
C ASN F 54 -11.23 8.09 34.16
N THR F 55 -10.70 7.79 32.98
CA THR F 55 -10.63 8.78 31.92
C THR F 55 -10.50 8.06 30.58
N THR F 56 -11.52 8.15 29.75
CA THR F 56 -11.51 7.57 28.41
C THR F 56 -11.60 8.68 27.37
N ALA F 57 -10.90 8.50 26.25
CA ALA F 57 -10.84 9.51 25.22
C ALA F 57 -12.15 9.55 24.43
N VAL F 58 -12.27 10.59 23.59
CA VAL F 58 -13.41 10.77 22.71
C VAL F 58 -12.96 10.52 21.28
N MET F 59 -13.58 9.53 20.63
CA MET F 59 -13.20 9.15 19.28
C MET F 59 -13.80 10.13 18.28
N VAL F 60 -13.68 9.84 16.99
CA VAL F 60 -14.28 10.70 15.98
C VAL F 60 -15.31 9.92 15.15
N GLY F 61 -14.87 8.92 14.42
CA GLY F 61 -15.79 8.13 13.62
C GLY F 61 -16.32 8.90 12.42
N THR F 62 -17.23 8.25 11.70
CA THR F 62 -17.78 8.79 10.46
C THR F 62 -19.21 8.31 10.28
N LYS F 63 -20.04 9.13 9.64
CA LYS F 63 -21.41 8.75 9.33
C LYS F 63 -21.86 9.47 8.07
N THR F 64 -23.06 9.15 7.61
CA THR F 64 -23.64 9.75 6.41
C THR F 64 -24.89 10.52 6.76
N VAL F 65 -25.19 11.54 5.95
CA VAL F 65 -26.39 12.36 6.12
C VAL F 65 -27.01 12.60 4.75
N ALA F 66 -28.34 12.47 4.70
CA ALA F 66 -29.12 12.74 3.50
C ALA F 66 -29.98 13.96 3.75
N GLY F 67 -29.89 14.95 2.85
CA GLY F 67 -30.59 16.20 3.05
C GLY F 67 -31.30 16.65 1.79
N THR F 68 -32.03 17.75 1.93
CA THR F 68 -32.69 18.40 0.81
C THR F 68 -31.92 19.66 0.41
N GLN F 69 -32.43 20.34 -0.60
CA GLN F 69 -31.86 21.61 -1.06
C GLN F 69 -32.80 22.73 -0.63
N SER F 70 -32.36 23.53 0.34
CA SER F 70 -33.17 24.60 0.91
C SER F 70 -32.30 25.85 1.01
N VAL F 71 -32.32 26.66 -0.05
CA VAL F 71 -31.53 27.88 -0.13
C VAL F 71 -32.46 29.05 -0.41
N ARG F 72 -31.88 30.23 -0.54
CA ARG F 72 -32.66 31.45 -0.77
C ARG F 72 -32.76 31.72 -2.27
N GLY F 73 -33.98 31.83 -2.77
CA GLY F 73 -34.20 32.23 -4.14
C GLY F 73 -34.06 31.14 -5.18
N ASN F 74 -34.07 29.88 -4.78
CA ASN F 74 -33.97 28.75 -5.71
C ASN F 74 -35.04 27.72 -5.39
N PRO F 75 -36.30 28.02 -5.68
CA PRO F 75 -37.39 27.07 -5.40
C PRO F 75 -37.66 26.07 -6.51
N ASN F 76 -36.99 26.17 -7.65
CA ASN F 76 -37.27 25.26 -8.75
C ASN F 76 -36.77 23.85 -8.47
N ASP F 77 -35.67 23.71 -7.73
CA ASP F 77 -35.08 22.41 -7.44
C ASP F 77 -35.25 22.02 -5.97
N ALA F 78 -36.24 22.60 -5.30
CA ALA F 78 -36.49 22.29 -3.90
C ALA F 78 -36.92 20.85 -3.66
N ASP F 79 -37.32 20.13 -4.70
CA ASP F 79 -37.70 18.73 -4.60
C ASP F 79 -36.56 17.79 -5.00
N LYS F 80 -35.33 18.19 -4.75
CA LYS F 80 -34.15 17.37 -5.03
C LYS F 80 -33.39 17.13 -3.73
N GLY F 81 -32.65 16.03 -3.69
CA GLY F 81 -31.92 15.67 -2.49
C GLY F 81 -30.44 15.46 -2.73
N ASN F 82 -29.66 15.48 -1.65
CA ASN F 82 -28.22 15.24 -1.72
C ASN F 82 -27.80 14.27 -0.63
N ILE F 83 -26.73 13.54 -0.93
CA ILE F 83 -26.15 12.53 -0.03
C ILE F 83 -24.73 12.98 0.27
N GLN F 84 -24.35 12.96 1.54
CA GLN F 84 -23.01 13.40 1.90
C GLN F 84 -22.54 12.66 3.15
N THR F 85 -21.24 12.79 3.41
CA THR F 85 -20.59 12.07 4.51
C THR F 85 -19.94 13.09 5.44
N VAL F 86 -20.16 12.92 6.75
CA VAL F 86 -19.68 13.87 7.74
C VAL F 86 -19.06 13.12 8.92
N ASN F 87 -18.28 13.86 9.70
CA ASN F 87 -17.74 13.38 10.97
C ASN F 87 -18.55 13.93 12.12
N PHE F 88 -18.73 13.09 13.14
CA PHE F 88 -19.45 13.47 14.36
C PHE F 88 -18.57 13.17 15.56
N ALA F 89 -18.96 13.69 16.72
CA ALA F 89 -18.20 13.45 17.95
C ALA F 89 -19.14 13.65 19.13
N ASN F 90 -19.18 12.66 20.02
CA ASN F 90 -20.09 12.72 21.15
C ASN F 90 -19.61 11.79 22.25
N LEU F 91 -20.16 12.00 23.44
CA LEU F 91 -19.79 11.19 24.59
C LEU F 91 -20.28 9.76 24.42
N PRO F 92 -19.66 8.81 25.13
CA PRO F 92 -20.26 7.47 25.22
C PRO F 92 -21.60 7.52 25.94
N HIS F 93 -22.31 6.39 25.96
CA HIS F 93 -23.64 6.36 26.56
C HIS F 93 -23.63 6.09 28.05
N ASN F 94 -22.46 5.90 28.67
CA ASN F 94 -22.35 5.67 30.10
C ASN F 94 -21.47 6.71 30.79
N LYS F 95 -21.21 7.83 30.12
CA LYS F 95 -20.45 8.94 30.71
C LYS F 95 -21.21 10.23 30.47
N ASN F 96 -21.23 11.10 31.47
CA ASN F 96 -21.98 12.36 31.40
C ASN F 96 -21.15 13.52 31.92
N THR F 97 -19.88 13.57 31.52
CA THR F 97 -19.02 14.69 31.91
C THR F 97 -17.92 14.86 30.88
N LEU F 98 -17.81 16.07 30.33
CA LEU F 98 -16.73 16.42 29.43
C LEU F 98 -15.54 16.93 30.24
N LEU F 99 -14.33 16.55 29.82
CA LEU F 99 -13.10 16.95 30.48
C LEU F 99 -12.16 17.52 29.44
N VAL F 100 -11.95 18.83 29.46
CA VAL F 100 -11.07 19.49 28.52
C VAL F 100 -9.83 19.94 29.28
N LYS F 101 -8.67 19.36 28.95
CA LYS F 101 -7.45 19.69 29.66
C LYS F 101 -6.41 20.22 28.69
N TYR F 102 -5.62 21.17 29.17
CA TYR F 102 -4.53 21.76 28.40
C TYR F 102 -3.59 22.49 29.36
N ASN F 103 -2.54 23.09 28.80
CA ASN F 103 -1.53 23.81 29.56
C ASN F 103 -1.25 25.15 28.91
N VAL F 104 -0.94 26.14 29.75
CA VAL F 104 -0.65 27.50 29.30
C VAL F 104 0.69 27.92 29.90
N LYS F 105 1.54 28.52 29.08
CA LYS F 105 2.84 29.01 29.54
C LYS F 105 2.91 30.51 29.35
N PHE F 106 3.16 31.23 30.45
CA PHE F 106 3.41 32.66 30.42
C PHE F 106 4.91 32.89 30.52
N VAL F 107 5.48 33.56 29.52
CA VAL F 107 6.90 33.86 29.48
C VAL F 107 7.08 35.37 29.47
N GLY F 108 8.07 35.85 30.22
CA GLY F 108 8.34 37.27 30.32
C GLY F 108 9.19 37.79 29.18
N ASP F 109 10.04 38.77 29.50
CA ASP F 109 10.96 39.39 28.54
C ASP F 109 10.19 39.98 27.37
N VAL F 110 9.33 40.94 27.70
CA VAL F 110 8.57 41.70 26.73
C VAL F 110 9.40 42.91 26.33
N PHE F 111 9.02 43.54 25.21
CA PHE F 111 9.65 44.72 24.60
C PHE F 111 10.97 44.38 23.92
N LYS F 112 11.32 43.11 23.81
CA LYS F 112 12.54 42.69 23.13
C LYS F 112 12.12 41.96 21.84
N ALA F 113 12.24 42.65 20.71
CA ALA F 113 11.78 42.10 19.44
C ALA F 113 12.64 40.92 19.02
N GLU F 114 12.02 39.99 18.31
CA GLU F 114 12.71 38.79 17.82
C GLU F 114 13.41 39.03 16.49
N LEU F 115 12.93 39.96 15.68
CA LEU F 115 13.49 40.24 14.35
C LEU F 115 13.89 41.71 14.30
N GLY F 116 15.14 41.98 14.65
CA GLY F 116 15.67 43.33 14.57
C GLY F 116 15.14 44.25 15.65
N GLY F 117 15.51 45.52 15.51
CA GLY F 117 15.07 46.54 16.44
C GLY F 117 16.14 46.93 17.43
N GLY F 118 16.80 48.06 17.19
CA GLY F 118 17.82 48.51 18.10
C GLY F 118 17.56 49.87 18.72
N GLU F 119 16.89 50.75 17.97
CA GLU F 119 16.60 52.10 18.43
C GLU F 119 15.11 52.39 18.51
N TYR F 120 14.35 52.07 17.46
CA TYR F 120 12.92 52.33 17.47
C TYR F 120 12.22 51.50 18.54
N SER F 121 12.53 50.21 18.62
CA SER F 121 11.95 49.38 19.67
C SER F 121 12.43 49.79 21.05
N ASN F 122 13.71 50.17 21.17
CA ASN F 122 14.23 50.59 22.48
C ASN F 122 13.54 51.86 22.96
N THR F 123 13.33 52.83 22.06
CA THR F 123 12.64 54.05 22.49
C THR F 123 11.16 53.81 22.70
N LEU F 124 10.57 52.85 22.00
CA LEU F 124 9.19 52.46 22.31
C LEU F 124 9.10 51.87 23.70
N GLN F 125 10.07 51.04 24.08
CA GLN F 125 10.13 50.51 25.44
C GLN F 125 10.31 51.64 26.46
N THR F 126 11.18 52.61 26.14
CA THR F 126 11.43 53.71 27.06
C THR F 126 10.17 54.55 27.27
N ALA F 127 9.45 54.85 26.19
CA ALA F 127 8.22 55.64 26.32
C ALA F 127 7.14 54.84 27.06
N LEU F 128 7.03 53.55 26.77
CA LEU F 128 6.08 52.67 27.44
C LEU F 128 6.68 52.17 28.75
N GLU F 129 6.10 51.12 29.31
CA GLU F 129 6.44 50.45 30.57
C GLU F 129 5.90 51.23 31.76
N ASN F 130 5.33 52.42 31.58
CA ASN F 130 4.64 53.12 32.65
C ASN F 130 3.16 52.75 32.68
N THR F 131 2.89 51.45 32.70
CA THR F 131 1.54 50.91 32.69
C THR F 131 1.34 50.03 33.93
N ASP F 132 0.16 49.41 34.00
CA ASP F 132 -0.21 48.55 35.11
C ASP F 132 -0.51 47.16 34.58
N PHE F 133 0.41 46.23 34.82
CA PHE F 133 0.21 44.85 34.41
C PHE F 133 -0.86 44.14 35.24
N GLY F 134 -1.31 44.74 36.34
CA GLY F 134 -2.25 44.06 37.21
C GLY F 134 -3.57 43.76 36.55
N THR F 135 -4.14 44.75 35.86
CA THR F 135 -5.44 44.56 35.22
C THR F 135 -5.37 43.54 34.10
N LEU F 136 -4.33 43.64 33.25
CA LEU F 136 -4.19 42.70 32.15
C LEU F 136 -3.99 41.29 32.66
N ALA F 137 -3.14 41.12 33.69
CA ALA F 137 -2.95 39.80 34.27
C ALA F 137 -4.25 39.27 34.88
N TYR F 138 -4.98 40.14 35.56
CA TYR F 138 -6.24 39.73 36.18
C TYR F 138 -7.24 39.24 35.15
N ARG F 139 -7.37 39.97 34.04
CA ARG F 139 -8.30 39.55 33.00
C ARG F 139 -7.82 38.30 32.27
N TYR F 140 -6.51 38.17 32.06
CA TYR F 140 -5.96 36.96 31.45
C TYR F 140 -6.30 35.73 32.30
N VAL F 141 -6.11 35.83 33.61
CA VAL F 141 -6.48 34.71 34.47
C VAL F 141 -7.98 34.52 34.51
N TYR F 142 -8.74 35.61 34.48
CA TYR F 142 -10.19 35.52 34.58
C TYR F 142 -10.81 34.82 33.38
N ASN F 143 -10.20 34.94 32.20
CA ASN F 143 -10.76 34.24 31.04
C ASN F 143 -10.73 32.74 31.23
N ILE F 144 -9.65 32.19 31.78
CA ILE F 144 -9.63 30.77 32.12
C ILE F 144 -10.56 30.49 33.29
N ALA F 145 -10.58 31.37 34.29
CA ALA F 145 -11.37 31.12 35.49
C ALA F 145 -12.86 31.00 35.18
N ALA F 146 -13.38 31.89 34.33
CA ALA F 146 -14.79 31.82 33.96
C ALA F 146 -15.05 30.65 33.03
N GLY F 147 -14.21 30.49 32.02
CA GLY F 147 -14.38 29.38 31.08
C GLY F 147 -14.70 29.83 29.68
N ARG F 148 -14.24 31.03 29.28
CA ARG F 148 -14.44 31.48 27.91
C ARG F 148 -13.72 30.60 26.90
N THR F 149 -12.63 29.92 27.31
CA THR F 149 -11.98 28.97 26.42
C THR F 149 -12.90 27.81 26.08
N LEU F 150 -13.85 27.49 26.97
CA LEU F 150 -14.91 26.53 26.67
C LEU F 150 -15.87 27.18 25.69
N TRP F 151 -15.75 26.80 24.42
CA TRP F 151 -16.56 27.35 23.34
C TRP F 151 -17.93 26.70 23.35
N ARG F 152 -18.62 26.69 22.21
CA ARG F 152 -20.04 26.37 22.12
C ARG F 152 -20.41 25.11 22.89
N ASN F 153 -19.43 24.28 23.25
CA ASN F 153 -19.69 23.17 24.15
C ASN F 153 -20.32 23.61 25.47
N ARG F 154 -20.34 24.91 25.76
CA ARG F 154 -20.88 25.39 27.03
C ARG F 154 -22.41 25.29 27.08
N VAL F 155 -23.09 25.61 25.97
CA VAL F 155 -24.54 25.75 26.01
C VAL F 155 -25.18 24.41 26.36
N GLY F 156 -26.14 24.44 27.27
CA GLY F 156 -26.81 23.22 27.69
C GLY F 156 -26.08 22.43 28.74
N ALA F 157 -25.22 23.08 29.54
CA ALA F 157 -24.48 22.42 30.60
C ALA F 157 -25.09 22.78 31.96
N GLU F 158 -25.28 21.76 32.79
CA GLU F 158 -25.85 22.00 34.12
C GLU F 158 -24.90 22.83 34.98
N SER F 159 -23.63 22.42 35.06
CA SER F 159 -22.67 23.10 35.91
C SER F 159 -21.29 23.05 35.27
N ILE F 160 -20.49 24.07 35.56
CA ILE F 160 -19.12 24.17 35.07
C ILE F 160 -18.21 24.37 36.27
N GLU F 161 -17.09 23.65 36.29
CA GLU F 161 -16.15 23.72 37.39
C GLU F 161 -14.74 23.56 36.85
N THR F 162 -13.87 24.52 37.14
CA THR F 162 -12.51 24.51 36.62
C THR F 162 -11.50 24.26 37.74
N VAL F 163 -10.37 23.69 37.37
CA VAL F 163 -9.28 23.40 38.31
C VAL F 163 -7.99 23.92 37.70
N ILE F 164 -7.23 24.68 38.49
CA ILE F 164 -5.98 25.28 38.04
C ILE F 164 -4.89 24.91 39.03
N THR F 165 -3.65 24.91 38.56
CA THR F 165 -2.52 24.50 39.38
C THR F 165 -1.27 25.27 38.96
N VAL F 166 -0.73 26.06 39.87
CA VAL F 166 0.50 26.82 39.61
C VAL F 166 1.41 26.69 40.84
N ASN F 167 2.69 26.45 40.59
CA ASN F 167 3.70 26.37 41.64
C ASN F 167 3.30 25.38 42.73
N ASP F 168 2.73 24.24 42.33
CA ASP F 168 2.26 23.20 43.23
C ASP F 168 1.24 23.75 44.23
N GLN F 169 0.13 24.23 43.68
CA GLN F 169 -0.96 24.75 44.50
C GLN F 169 -2.24 24.68 43.68
N THR F 170 -3.23 23.94 44.17
CA THR F 170 -4.45 23.67 43.44
C THR F 170 -5.54 24.64 43.84
N PHE F 171 -6.26 25.16 42.84
CA PHE F 171 -7.38 26.06 43.05
C PHE F 171 -8.57 25.60 42.24
N THR F 172 -9.76 25.70 42.83
CA THR F 172 -10.99 25.24 42.20
C THR F 172 -11.94 26.42 42.05
N PHE F 173 -12.60 26.51 40.89
CA PHE F 173 -13.49 27.62 40.59
C PHE F 173 -14.84 27.10 40.10
N SER F 174 -15.90 27.77 40.53
CA SER F 174 -17.24 27.60 40.00
C SER F 174 -17.80 28.95 39.57
N ASP F 175 -16.94 29.76 38.95
CA ASP F 175 -17.24 31.17 38.71
C ASP F 175 -18.34 31.34 37.68
N LEU F 176 -19.22 32.30 37.93
CA LEU F 176 -20.26 32.70 37.01
C LEU F 176 -19.86 34.01 36.33
N LEU F 177 -20.79 34.59 35.56
CA LEU F 177 -20.63 35.91 34.97
C LEU F 177 -19.37 35.98 34.09
N VAL F 178 -19.43 35.24 32.99
CA VAL F 178 -18.31 35.16 32.07
C VAL F 178 -17.91 36.55 31.58
N ASN F 179 -18.88 37.45 31.40
CA ASN F 179 -18.59 38.83 31.05
C ASN F 179 -18.63 39.70 32.30
N GLU F 180 -18.35 41.00 32.12
CA GLU F 180 -18.39 41.98 33.20
C GLU F 180 -17.44 41.57 34.34
N PHE F 181 -16.15 41.63 34.01
CA PHE F 181 -15.09 41.20 34.92
C PHE F 181 -15.29 41.77 36.32
N ASP F 182 -15.53 40.90 37.29
CA ASP F 182 -15.79 41.29 38.68
C ASP F 182 -14.53 41.12 39.51
N GLU F 183 -14.66 41.35 40.81
CA GLU F 183 -13.54 41.20 41.73
C GLU F 183 -13.56 39.83 42.38
N ASP F 184 -12.38 39.37 42.79
CA ASP F 184 -12.24 38.08 43.45
C ASP F 184 -10.97 38.09 44.29
N VAL F 185 -10.89 37.12 45.21
CA VAL F 185 -9.75 37.04 46.11
C VAL F 185 -8.81 35.93 45.65
N ASP F 186 -9.35 34.97 44.91
CA ASP F 186 -8.55 33.82 44.48
C ASP F 186 -7.85 34.07 43.15
N VAL F 187 -8.51 34.78 42.22
CA VAL F 187 -7.90 35.03 40.92
C VAL F 187 -6.75 36.02 41.04
N ALA F 188 -6.93 37.08 41.83
CA ALA F 188 -5.93 38.13 41.92
C ALA F 188 -4.61 37.60 42.49
N GLU F 189 -4.68 36.75 43.51
CA GLU F 189 -3.46 36.16 44.06
C GLU F 189 -2.79 35.20 43.09
N ILE F 190 -3.47 34.83 42.01
CA ILE F 190 -2.79 34.17 40.90
C ILE F 190 -2.29 35.19 39.88
N ALA F 191 -3.10 36.22 39.61
CA ALA F 191 -2.72 37.22 38.61
C ALA F 191 -1.46 37.97 39.00
N ASP F 192 -1.17 38.09 40.29
CA ASP F 192 0.04 38.78 40.70
C ASP F 192 1.28 38.06 40.20
N MET F 193 1.25 36.72 40.21
CA MET F 193 2.40 35.95 39.73
C MET F 193 2.69 36.23 38.27
N VAL F 194 1.67 36.15 37.42
CA VAL F 194 1.89 36.37 35.99
C VAL F 194 2.20 37.84 35.71
N ALA F 195 1.66 38.76 36.51
CA ALA F 195 2.02 40.17 36.35
C ALA F 195 3.49 40.40 36.66
N GLY F 196 4.00 39.77 37.72
CA GLY F 196 5.42 39.88 38.02
C GLY F 196 6.28 39.20 36.99
N VAL F 197 5.82 38.06 36.47
CA VAL F 197 6.60 37.33 35.46
C VAL F 197 6.66 38.10 34.15
N LEU F 198 5.59 38.81 33.79
CA LEU F 198 5.58 39.59 32.56
C LEU F 198 6.59 40.74 32.60
N SER F 199 7.12 41.09 33.76
CA SER F 199 8.06 42.20 33.89
C SER F 199 9.50 41.70 33.89
N GLY F 200 9.89 41.08 32.76
CA GLY F 200 11.26 40.67 32.55
C GLY F 200 11.69 39.42 33.29
N GLU F 201 10.79 38.75 34.00
CA GLU F 201 11.12 37.55 34.76
C GLU F 201 11.17 36.33 33.86
N GLY F 202 11.15 35.15 34.48
CA GLY F 202 11.22 33.90 33.74
C GLY F 202 9.88 33.47 33.21
N PHE F 203 9.43 32.26 33.55
CA PHE F 203 8.18 31.73 33.02
C PHE F 203 7.41 31.01 34.11
N VAL F 204 6.10 30.91 33.90
CA VAL F 204 5.21 30.11 34.74
C VAL F 204 4.30 29.28 33.85
N THR F 205 3.78 28.20 34.43
CA THR F 205 2.96 27.24 33.70
C THR F 205 1.70 26.92 34.49
N LEU F 206 0.58 26.88 33.79
CA LEU F 206 -0.73 26.60 34.35
C LEU F 206 -1.29 25.35 33.70
N LYS F 207 -1.96 24.51 34.50
CA LYS F 207 -2.64 23.32 34.01
C LYS F 207 -4.13 23.51 34.21
N VAL F 208 -4.90 23.41 33.12
CA VAL F 208 -6.32 23.73 33.12
C VAL F 208 -7.11 22.47 32.79
N GLU F 209 -8.17 22.23 33.57
CA GLU F 209 -8.90 20.96 33.60
C GLU F 209 -10.41 21.20 33.59
N HIS F 210 -10.90 21.96 32.62
CA HIS F 210 -12.32 22.30 32.55
C HIS F 210 -13.21 21.06 32.62
N TYR F 211 -14.28 21.16 33.41
CA TYR F 211 -15.24 20.08 33.61
C TYR F 211 -16.63 20.56 33.21
N MET F 212 -17.46 19.63 32.71
CA MET F 212 -18.82 19.94 32.30
C MET F 212 -19.76 18.84 32.76
N LEU F 213 -21.06 19.10 32.63
CA LEU F 213 -22.12 18.18 33.01
C LEU F 213 -23.16 18.08 31.91
N LEU F 214 -22.70 17.84 30.69
CA LEU F 214 -23.57 17.84 29.51
C LEU F 214 -24.70 16.83 29.63
N GLY F 215 -24.38 15.56 29.72
CA GLY F 215 -25.38 14.50 29.81
C GLY F 215 -24.97 13.27 29.05
N GLU F 216 -25.61 12.15 29.36
CA GLU F 216 -25.28 10.87 28.76
C GLU F 216 -25.53 10.88 27.26
N GLY F 217 -24.46 10.75 26.48
CA GLY F 217 -24.59 10.67 25.04
C GLY F 217 -24.73 11.99 24.32
N SER F 218 -24.53 13.12 25.00
CA SER F 218 -24.67 14.42 24.36
C SER F 218 -23.58 14.62 23.31
N GLU F 219 -23.63 15.73 22.59
CA GLU F 219 -22.74 16.00 21.46
C GLU F 219 -21.76 17.09 21.83
N VAL F 220 -20.48 16.87 21.50
CA VAL F 220 -19.41 17.83 21.75
C VAL F 220 -18.87 18.32 20.42
N PHE F 221 -18.36 19.55 20.42
CA PHE F 221 -17.90 20.20 19.20
C PHE F 221 -16.41 20.48 19.27
N PRO F 222 -15.57 19.65 18.66
CA PRO F 222 -14.15 20.00 18.54
C PRO F 222 -13.92 21.02 17.44
N SER F 223 -12.67 21.34 17.16
CA SER F 223 -12.37 22.26 16.07
C SER F 223 -12.50 21.54 14.72
N GLN F 224 -12.75 22.32 13.68
CA GLN F 224 -13.02 21.78 12.36
C GLN F 224 -11.82 21.98 11.44
N GLU F 225 -11.74 21.12 10.43
CA GLU F 225 -10.64 21.09 9.48
C GLU F 225 -11.15 21.44 8.07
N PHE F 226 -10.22 21.49 7.12
CA PHE F 226 -10.58 21.72 5.72
C PHE F 226 -9.44 21.24 4.85
N VAL F 227 -9.72 20.28 3.98
CA VAL F 227 -8.72 19.66 3.13
C VAL F 227 -9.20 19.79 1.68
N GLU F 228 -8.27 19.56 0.74
CA GLU F 228 -8.61 19.39 -0.66
C GLU F 228 -9.80 18.46 -0.81
N ASN F 229 -10.66 18.76 -1.78
CA ASN F 229 -11.94 18.08 -1.92
C ASN F 229 -11.76 16.57 -1.87
N SER F 230 -12.52 15.93 -0.99
CA SER F 230 -12.40 14.50 -0.76
C SER F 230 -13.80 13.95 -0.49
N LYS F 231 -13.86 12.72 0.03
CA LYS F 231 -15.15 12.08 0.28
C LYS F 231 -15.95 12.84 1.33
N LEU F 232 -15.29 13.29 2.39
CA LEU F 232 -15.98 13.97 3.49
C LEU F 232 -16.37 15.38 3.11
N SER F 233 -17.40 15.89 3.79
CA SER F 233 -17.83 17.27 3.63
C SER F 233 -17.71 18.09 4.92
N LYS F 234 -17.42 17.44 6.05
CA LYS F 234 -17.19 18.16 7.30
C LYS F 234 -16.30 17.29 8.18
N GLN F 235 -15.05 17.70 8.34
CA GLN F 235 -14.09 16.94 9.13
C GLN F 235 -13.84 17.61 10.46
N LEU F 236 -13.15 16.89 11.35
CA LEU F 236 -12.85 17.37 12.69
C LEU F 236 -11.38 17.17 12.99
N PHE F 237 -10.82 18.09 13.77
CA PHE F 237 -9.42 18.01 14.13
C PHE F 237 -9.22 16.95 15.20
N ASP F 238 -8.26 16.05 14.97
CA ASP F 238 -7.95 15.00 15.93
C ASP F 238 -6.44 14.80 16.01
N LEU F 239 -5.98 14.36 17.17
CA LEU F 239 -4.58 14.06 17.41
C LEU F 239 -4.47 12.57 17.69
N ASN F 240 -3.94 11.82 16.73
CA ASN F 240 -3.88 10.36 16.81
C ASN F 240 -5.27 9.76 17.01
N GLY F 241 -6.25 10.33 16.32
CA GLY F 241 -7.63 9.86 16.39
C GLY F 241 -8.29 10.14 17.72
N GLN F 242 -8.45 11.41 18.07
CA GLN F 242 -9.08 11.80 19.32
C GLN F 242 -9.49 13.27 19.27
N ALA F 243 -10.72 13.57 19.68
CA ALA F 243 -11.25 14.92 19.54
C ALA F 243 -10.36 15.94 20.25
N ALA F 244 -10.06 17.03 19.57
CA ALA F 244 -9.15 18.04 20.10
C ALA F 244 -9.41 19.36 19.39
N MET F 245 -8.90 20.43 19.98
CA MET F 245 -9.03 21.77 19.42
C MET F 245 -7.65 22.37 19.19
N HIS F 246 -7.55 23.21 18.16
CA HIS F 246 -6.29 23.87 17.87
C HIS F 246 -5.88 24.76 19.03
N ASP F 247 -4.57 24.96 19.17
CA ASP F 247 -4.08 25.90 20.18
C ASP F 247 -4.00 27.32 19.65
N GLN F 248 -5.03 27.71 18.92
CA GLN F 248 -5.22 29.08 18.46
C GLN F 248 -6.65 29.56 18.63
N LYS F 249 -7.61 28.68 18.88
CA LYS F 249 -8.90 29.10 19.41
C LYS F 249 -8.78 29.39 20.89
N ILE F 250 -8.01 28.58 21.62
CA ILE F 250 -7.75 28.83 23.03
C ILE F 250 -7.02 30.15 23.21
N GLY F 251 -6.00 30.38 22.40
CA GLY F 251 -5.31 31.66 22.44
C GLY F 251 -6.24 32.82 22.13
N ASN F 252 -7.16 32.63 21.18
CA ASN F 252 -8.12 33.67 20.84
C ASN F 252 -9.05 33.96 22.01
N ALA F 253 -9.52 32.92 22.70
CA ALA F 253 -10.40 33.13 23.85
C ALA F 253 -9.65 33.81 25.00
N ILE F 254 -8.39 33.42 25.22
CA ILE F 254 -7.65 33.96 26.37
C ILE F 254 -7.43 35.45 26.21
N ARG F 255 -7.06 35.90 25.00
CA ARG F 255 -6.80 37.31 24.76
C ARG F 255 -8.04 38.10 24.38
N THR F 256 -9.23 37.61 24.74
CA THR F 256 -10.47 38.37 24.55
C THR F 256 -10.55 39.39 25.68
N ILE F 257 -9.82 40.49 25.49
CA ILE F 257 -9.68 41.51 26.53
C ILE F 257 -10.06 42.90 26.05
N ASP F 258 -10.05 43.18 24.75
CA ASP F 258 -10.18 44.54 24.23
C ASP F 258 -11.59 45.07 24.47
N THR F 259 -11.74 45.88 25.51
CA THR F 259 -13.01 46.53 25.83
C THR F 259 -12.91 48.04 25.83
N TRP F 260 -11.74 48.61 25.56
CA TRP F 260 -11.48 50.02 25.80
C TRP F 260 -11.87 50.91 24.62
N TYR F 261 -12.73 50.43 23.73
CA TYR F 261 -13.21 51.28 22.65
C TYR F 261 -14.47 52.00 23.10
N GLU F 262 -15.11 52.73 22.18
CA GLU F 262 -16.09 53.73 22.59
C GLU F 262 -17.36 53.13 23.19
N ASP F 263 -17.79 51.97 22.71
CA ASP F 263 -19.08 51.42 23.10
C ASP F 263 -19.01 49.90 23.04
N ALA F 264 -20.17 49.26 22.95
CA ALA F 264 -20.28 47.84 22.61
C ALA F 264 -19.55 46.95 23.61
N THR F 265 -20.13 46.89 24.81
CA THR F 265 -19.67 45.99 25.87
C THR F 265 -19.79 44.54 25.41
N THR F 266 -19.41 43.59 26.29
CA THR F 266 -19.13 42.21 25.90
C THR F 266 -17.97 42.22 24.92
N PRO F 267 -16.76 42.49 25.41
CA PRO F 267 -15.63 42.82 24.53
C PRO F 267 -15.20 41.72 23.58
N ILE F 268 -14.18 42.01 22.77
CA ILE F 268 -13.69 41.14 21.73
C ILE F 268 -12.19 40.93 21.91
N ALA F 269 -11.60 40.17 20.99
CA ALA F 269 -10.18 39.84 21.07
C ALA F 269 -9.31 41.04 20.70
N VAL F 270 -8.10 41.04 21.24
CA VAL F 270 -7.14 42.11 21.00
C VAL F 270 -6.41 41.81 19.69
N GLU F 271 -6.76 42.54 18.64
CA GLU F 271 -6.13 42.40 17.33
C GLU F 271 -5.88 43.78 16.76
N PRO F 272 -4.81 43.95 15.97
CA PRO F 272 -4.66 45.20 15.22
C PRO F 272 -5.81 45.36 14.25
N TYR F 273 -6.29 46.61 14.13
CA TYR F 273 -7.50 46.91 13.38
C TYR F 273 -8.65 46.05 13.89
N GLY F 274 -9.02 46.28 15.15
CA GLY F 274 -9.92 45.40 15.88
C GLY F 274 -11.17 45.06 15.11
N SER F 275 -11.30 43.79 14.73
CA SER F 275 -12.36 43.36 13.83
C SER F 275 -12.76 41.94 14.17
N VAL F 276 -13.98 41.59 13.76
CA VAL F 276 -14.50 40.24 13.87
C VAL F 276 -15.04 39.85 12.50
N VAL F 277 -14.51 38.75 11.94
CA VAL F 277 -14.95 38.31 10.63
C VAL F 277 -16.32 37.63 10.69
N ARG F 278 -16.71 37.14 11.87
CA ARG F 278 -18.01 36.46 11.98
C ARG F 278 -19.16 37.41 11.71
N ASN F 279 -19.07 38.65 12.21
CA ASN F 279 -20.10 39.65 11.96
C ASN F 279 -19.74 40.64 10.86
N GLY F 280 -18.46 41.01 10.75
CA GLY F 280 -17.98 41.87 9.69
C GLY F 280 -17.59 43.27 10.13
N VAL F 281 -17.96 43.69 11.34
CA VAL F 281 -17.62 45.02 11.82
C VAL F 281 -16.13 45.07 12.15
N ALA F 282 -15.49 46.17 11.74
CA ALA F 282 -14.05 46.35 11.92
C ALA F 282 -13.82 47.68 12.63
N TYR F 283 -13.70 47.63 13.95
CA TYR F 283 -13.47 48.83 14.73
C TYR F 283 -12.04 49.34 14.54
N ARG F 284 -11.74 50.47 15.17
CA ARG F 284 -10.38 51.03 15.22
C ARG F 284 -9.83 51.28 13.82
N ALA F 285 -10.72 51.62 12.90
CA ALA F 285 -10.34 51.88 11.52
C ALA F 285 -9.88 53.34 11.38
N GLY F 286 -9.68 53.77 10.14
CA GLY F 286 -9.34 55.16 9.88
C GLY F 286 -10.54 56.07 10.03
N ASN F 287 -11.01 56.23 11.26
CA ASN F 287 -12.26 56.92 11.57
C ASN F 287 -12.01 58.07 12.54
N LYS F 288 -11.05 58.93 12.20
CA LYS F 288 -10.66 60.10 12.97
C LYS F 288 -10.04 59.74 14.32
N THR F 289 -9.70 58.47 14.51
CA THR F 289 -8.86 58.02 15.62
C THR F 289 -8.02 56.86 15.08
N ASP F 290 -6.72 56.91 15.34
CA ASP F 290 -5.80 55.94 14.76
C ASP F 290 -4.78 55.52 15.80
N LEU F 291 -4.53 54.21 15.85
CA LEU F 291 -3.52 53.67 16.75
C LEU F 291 -2.16 54.31 16.53
N PHE F 292 -1.78 54.49 15.26
CA PHE F 292 -0.43 54.94 14.94
C PHE F 292 -0.24 56.41 15.28
N THR F 293 -1.31 57.20 15.27
CA THR F 293 -1.18 58.60 15.68
C THR F 293 -0.74 58.71 17.14
N LEU F 294 -1.45 58.03 18.05
CA LEU F 294 -1.04 58.06 19.45
C LEU F 294 0.28 57.32 19.64
N MET F 295 0.57 56.31 18.83
CA MET F 295 1.86 55.64 18.92
C MET F 295 2.99 56.62 18.64
N ASP F 296 2.87 57.39 17.56
CA ASP F 296 3.87 58.40 17.23
C ASP F 296 3.93 59.49 18.29
N GLY F 297 2.77 59.90 18.80
CA GLY F 297 2.77 60.87 19.89
C GLY F 297 3.49 60.36 21.12
N ALA F 298 3.39 59.05 21.38
CA ALA F 298 4.09 58.45 22.50
C ALA F 298 5.60 58.44 22.27
N VAL F 299 6.04 57.98 21.10
CA VAL F 299 7.47 57.99 20.82
C VAL F 299 7.96 59.41 20.56
N ASN F 300 7.25 60.17 19.74
CA ASN F 300 7.60 61.56 19.43
C ASN F 300 6.77 62.53 20.27
N GLY F 301 7.00 62.51 21.58
CA GLY F 301 6.32 63.44 22.45
C GLY F 301 6.05 62.81 23.81
N LYS F 302 5.02 63.34 24.46
CA LYS F 302 4.66 62.90 25.80
C LYS F 302 3.90 61.58 25.74
N SER F 303 3.50 61.08 26.91
CA SER F 303 2.88 59.77 27.04
C SER F 303 1.44 59.83 26.52
N LEU F 304 0.71 58.74 26.69
CA LEU F 304 -0.66 58.61 26.22
C LEU F 304 -1.59 58.39 27.41
N THR F 305 -2.85 58.15 27.09
CA THR F 305 -3.84 57.83 28.11
C THR F 305 -3.52 56.48 28.75
N GLU F 306 -3.86 56.36 30.03
CA GLU F 306 -3.74 55.09 30.72
C GLU F 306 -4.71 54.06 30.15
N GLU F 307 -5.69 54.49 29.36
CA GLU F 307 -6.70 53.62 28.80
C GLU F 307 -6.18 52.78 27.62
N ASP F 308 -5.18 53.29 26.89
CA ASP F 308 -4.71 52.64 25.67
C ASP F 308 -3.26 52.16 25.73
N GLN F 309 -2.47 52.64 26.69
CA GLN F 309 -1.13 52.08 26.86
C GLN F 309 -1.20 50.59 27.17
N MET F 310 -2.15 50.19 28.01
CA MET F 310 -2.33 48.78 28.32
C MET F 310 -2.78 48.00 27.09
N PHE F 311 -3.62 48.60 26.24
CA PHE F 311 -4.02 47.94 25.01
C PHE F 311 -2.82 47.72 24.09
N VAL F 312 -1.97 48.74 23.96
CA VAL F 312 -0.78 48.61 23.12
C VAL F 312 0.16 47.54 23.69
N THR F 313 0.32 47.52 25.01
CA THR F 313 1.16 46.49 25.63
C THR F 313 0.60 45.11 25.38
N ALA F 314 -0.72 44.95 25.47
CA ALA F 314 -1.33 43.66 25.17
C ALA F 314 -1.14 43.27 23.72
N ASN F 315 -1.25 44.23 22.80
CA ASN F 315 -0.97 43.96 21.40
C ASN F 315 0.48 43.56 21.18
N LEU F 316 1.39 44.04 22.02
CA LEU F 316 2.78 43.60 21.97
C LEU F 316 2.94 42.19 22.56
N ILE F 317 2.17 41.86 23.59
CA ILE F 317 2.22 40.51 24.16
C ILE F 317 1.82 39.49 23.12
N ARG F 318 0.75 39.77 22.38
CA ARG F 318 0.43 39.00 21.19
C ARG F 318 1.49 39.27 20.12
N GLY F 319 1.75 38.27 19.30
CA GLY F 319 2.73 38.42 18.24
C GLY F 319 2.28 39.36 17.14
N GLY F 320 2.94 39.30 15.99
CA GLY F 320 2.53 40.11 14.86
C GLY F 320 3.71 40.53 14.02
N VAL F 321 3.39 41.10 12.86
CA VAL F 321 4.38 41.62 11.93
C VAL F 321 4.07 43.10 11.72
N PHE F 322 4.99 43.96 12.18
CA PHE F 322 4.80 45.41 12.13
C PHE F 322 5.86 46.00 11.21
N GLY F 323 5.50 46.28 9.97
CA GLY F 323 6.41 46.87 9.02
C GLY F 323 6.02 46.51 7.60
N GLY F 324 6.94 46.77 6.69
CA GLY F 324 6.71 46.52 5.28
C GLY F 324 7.18 47.65 4.40
N LYS G 24 54.36 40.54 -8.32
CA LYS G 24 53.12 41.23 -8.02
C LYS G 24 52.17 40.28 -7.28
N LEU G 25 52.24 39.00 -7.62
CA LEU G 25 51.55 37.93 -6.92
C LEU G 25 50.04 38.16 -6.88
N LYS G 26 49.44 38.15 -8.06
CA LYS G 26 47.99 38.25 -8.17
C LYS G 26 47.34 36.95 -7.70
N ALA G 27 46.13 37.08 -7.16
CA ALA G 27 45.39 35.91 -6.71
C ALA G 27 45.03 35.02 -7.90
N PRO G 28 45.07 33.70 -7.74
CA PRO G 28 44.74 32.80 -8.85
C PRO G 28 43.30 32.97 -9.30
N ALA G 29 43.02 32.43 -10.49
CA ALA G 29 41.66 32.49 -11.03
C ALA G 29 40.69 31.68 -10.18
N VAL G 30 41.11 30.50 -9.73
CA VAL G 30 40.26 29.60 -8.94
C VAL G 30 41.01 29.21 -7.68
N LEU G 31 40.34 29.33 -6.53
CA LEU G 31 40.93 28.90 -5.27
C LEU G 31 39.78 28.43 -4.37
N ALA G 32 39.57 27.12 -4.31
CA ALA G 32 38.46 26.54 -3.57
C ALA G 32 38.97 25.77 -2.37
N TYR G 33 38.33 25.98 -1.22
CA TYR G 33 38.69 25.30 0.01
C TYR G 33 37.50 24.49 0.51
N SER G 34 37.78 23.28 0.99
CA SER G 34 36.75 22.41 1.53
C SER G 34 36.57 22.69 3.02
N ARG G 35 35.33 22.58 3.50
CA ARG G 35 35.06 22.83 4.90
C ARG G 35 35.70 21.77 5.78
N LYS G 36 35.98 22.16 7.03
CA LYS G 36 36.68 21.28 7.97
C LYS G 36 35.82 20.80 9.12
N ILE G 37 34.78 21.54 9.48
CA ILE G 37 33.87 21.15 10.55
C ILE G 37 32.60 20.65 9.88
N ASN G 38 32.41 19.33 9.83
CA ASN G 38 31.25 18.76 9.20
C ASN G 38 30.28 18.29 10.27
N PRO G 39 29.11 18.92 10.42
CA PRO G 39 28.11 18.40 11.36
C PRO G 39 27.15 17.44 10.69
N THR G 40 26.67 16.49 11.48
CA THR G 40 25.65 15.57 11.01
C THR G 40 24.32 16.31 10.85
N ASN G 41 23.29 15.57 10.46
CA ASN G 41 21.97 16.13 10.24
C ASN G 41 21.13 15.79 11.47
N ALA G 42 20.81 16.81 12.26
CA ALA G 42 20.26 16.60 13.59
C ALA G 42 18.92 15.86 13.54
N LEU G 43 18.54 15.29 14.67
CA LEU G 43 17.27 14.59 14.80
C LEU G 43 16.67 14.89 16.16
N MET G 44 15.35 14.77 16.23
CA MET G 44 14.56 15.22 17.38
C MET G 44 13.67 14.10 17.88
N PHE G 45 13.70 13.86 19.19
CA PHE G 45 12.95 12.81 19.84
C PHE G 45 12.31 13.38 21.11
N ALA G 46 11.43 12.60 21.72
CA ALA G 46 10.76 12.99 22.96
C ALA G 46 10.97 11.92 24.02
N VAL G 47 11.45 12.34 25.19
CA VAL G 47 11.66 11.44 26.33
C VAL G 47 11.21 12.16 27.59
N ASN G 48 11.16 11.41 28.68
CA ASN G 48 10.84 11.96 30.00
C ASN G 48 12.10 12.50 30.65
N TRP G 49 12.01 12.87 31.92
CA TRP G 49 13.16 13.41 32.63
C TRP G 49 13.93 12.37 33.42
N SER G 50 13.34 11.19 33.65
CA SER G 50 14.00 10.13 34.39
C SER G 50 14.15 8.83 33.61
N ASP G 51 13.44 8.67 32.49
CA ASP G 51 13.49 7.43 31.73
C ASP G 51 14.10 7.70 30.36
N ARG G 52 15.22 8.43 30.32
CA ARG G 52 15.84 8.87 29.09
C ARG G 52 16.38 7.71 28.25
N ASP G 53 16.22 6.48 28.74
CA ASP G 53 16.71 5.32 28.00
C ASP G 53 15.90 5.08 26.74
N ASN G 54 14.58 5.19 26.80
CA ASN G 54 13.71 4.95 25.66
C ASN G 54 13.27 6.27 25.05
N THR G 55 13.31 6.34 23.72
CA THR G 55 12.99 7.55 22.98
C THR G 55 11.85 7.29 22.01
N THR G 56 11.05 8.33 21.75
CA THR G 56 10.01 8.28 20.74
C THR G 56 10.18 9.45 19.79
N ALA G 57 9.71 9.26 18.56
CA ALA G 57 9.92 10.23 17.51
C ALA G 57 8.99 11.44 17.67
N VAL G 58 9.20 12.43 16.81
CA VAL G 58 8.36 13.62 16.75
C VAL G 58 7.86 13.73 15.32
N MET G 59 6.55 13.59 15.14
CA MET G 59 5.94 13.61 13.81
C MET G 59 5.66 15.04 13.39
N VAL G 60 5.09 15.19 12.19
CA VAL G 60 4.93 16.52 11.60
C VAL G 60 3.45 16.83 11.39
N GLY G 61 2.78 16.05 10.54
CA GLY G 61 1.35 16.25 10.37
C GLY G 61 1.01 17.47 9.54
N THR G 62 -0.18 18.03 9.81
CA THR G 62 -0.68 19.22 9.12
C THR G 62 -1.96 19.67 9.81
N LYS G 63 -2.33 20.94 9.57
CA LYS G 63 -3.57 21.48 10.12
C LYS G 63 -3.91 22.76 9.35
N THR G 64 -5.01 23.40 9.75
CA THR G 64 -5.49 24.60 9.09
C THR G 64 -5.50 25.77 10.07
N VAL G 65 -5.49 26.99 9.52
CA VAL G 65 -5.52 28.21 10.29
C VAL G 65 -6.43 29.21 9.59
N ALA G 66 -6.98 30.14 10.37
CA ALA G 66 -7.79 31.23 9.82
C ALA G 66 -7.54 32.47 10.65
N GLY G 67 -7.54 33.62 10.00
CA GLY G 67 -7.30 34.86 10.71
C GLY G 67 -7.46 36.06 9.80
N THR G 68 -7.44 37.23 10.43
CA THR G 68 -7.64 38.48 9.70
C THR G 68 -6.35 38.88 8.99
N GLN G 69 -6.45 39.95 8.21
CA GLN G 69 -5.32 40.52 7.47
C GLN G 69 -4.96 41.84 8.14
N SER G 70 -3.93 41.82 8.99
CA SER G 70 -3.50 42.99 9.74
C SER G 70 -2.09 43.35 9.28
N VAL G 71 -1.98 44.40 8.46
CA VAL G 71 -0.69 44.85 7.95
C VAL G 71 -0.55 46.34 8.21
N ARG G 72 0.55 46.92 7.75
CA ARG G 72 0.86 48.33 8.02
C ARG G 72 0.05 49.22 7.09
N GLY G 73 -0.73 50.13 7.67
CA GLY G 73 -1.40 51.18 6.91
C GLY G 73 -2.39 50.68 5.88
N ASN G 74 -3.19 49.67 6.22
CA ASN G 74 -4.23 49.16 5.33
C ASN G 74 -5.51 48.93 6.12
N PRO G 75 -6.19 50.00 6.54
CA PRO G 75 -7.51 49.82 7.19
C PRO G 75 -8.55 49.22 6.27
N ASN G 76 -8.42 49.37 4.95
CA ASN G 76 -9.51 49.04 4.04
C ASN G 76 -9.75 47.53 3.95
N ASP G 77 -8.69 46.74 3.92
CA ASP G 77 -8.80 45.30 3.68
C ASP G 77 -9.02 44.50 4.96
N ALA G 78 -9.39 45.16 6.06
CA ALA G 78 -9.62 44.49 7.34
C ALA G 78 -10.99 43.85 7.45
N ASP G 79 -11.69 43.66 6.33
CA ASP G 79 -13.03 43.09 6.34
C ASP G 79 -13.06 41.61 5.94
N LYS G 80 -11.94 41.04 5.52
CA LYS G 80 -11.89 39.66 5.06
C LYS G 80 -11.18 38.77 6.06
N GLY G 81 -11.47 37.47 5.97
CA GLY G 81 -10.80 36.48 6.79
C GLY G 81 -10.10 35.43 5.96
N ASN G 82 -8.76 35.43 6.01
CA ASN G 82 -7.97 34.53 5.19
C ASN G 82 -7.80 33.18 5.88
N ILE G 83 -7.94 32.11 5.10
CA ILE G 83 -7.78 30.74 5.57
C ILE G 83 -6.59 30.11 4.86
N GLN G 84 -5.74 29.43 5.63
CA GLN G 84 -4.55 28.78 5.10
C GLN G 84 -4.44 27.39 5.71
N THR G 85 -3.53 26.60 5.17
CA THR G 85 -3.15 25.32 5.76
C THR G 85 -1.67 25.36 6.09
N VAL G 86 -1.32 25.03 7.33
CA VAL G 86 0.05 25.11 7.81
C VAL G 86 0.47 23.75 8.33
N ASN G 87 1.77 23.62 8.59
CA ASN G 87 2.37 22.40 9.10
C ASN G 87 2.99 22.70 10.46
N PHE G 88 2.60 21.93 11.47
CA PHE G 88 2.99 22.17 12.85
C PHE G 88 3.84 21.01 13.37
N ALA G 89 4.30 21.15 14.62
CA ALA G 89 5.06 20.10 15.29
C ALA G 89 5.15 20.41 16.78
N ASN G 90 4.91 19.40 17.62
CA ASN G 90 4.99 19.58 19.06
C ASN G 90 5.10 18.21 19.72
N LEU G 91 5.44 18.24 21.01
CA LEU G 91 5.57 17.01 21.78
C LEU G 91 4.21 16.36 22.01
N PRO G 92 4.19 15.06 22.27
CA PRO G 92 2.96 14.43 22.77
C PRO G 92 2.60 14.93 24.17
N HIS G 93 1.47 14.46 24.71
CA HIS G 93 1.00 14.92 26.00
C HIS G 93 1.49 14.08 27.16
N ASN G 94 2.31 13.06 26.91
CA ASN G 94 2.86 12.22 27.97
C ASN G 94 4.38 12.29 28.06
N LYS G 95 5.01 13.23 27.36
CA LYS G 95 6.45 13.45 27.45
C LYS G 95 6.72 14.92 27.70
N ASN G 96 7.77 15.21 28.46
CA ASN G 96 8.13 16.58 28.80
C ASN G 96 9.64 16.79 28.71
N THR G 97 10.27 16.20 27.69
CA THR G 97 11.71 16.39 27.49
C THR G 97 12.01 16.19 26.01
N LEU G 98 12.79 17.11 25.45
CA LEU G 98 13.15 17.09 24.03
C LEU G 98 14.59 16.63 23.89
N LEU G 99 14.83 15.67 23.02
CA LEU G 99 16.15 15.11 22.78
C LEU G 99 16.59 15.48 21.38
N VAL G 100 17.61 16.32 21.26
CA VAL G 100 18.14 16.72 19.97
C VAL G 100 19.55 16.14 19.87
N LYS G 101 19.77 15.29 18.87
CA LYS G 101 21.03 14.56 18.77
C LYS G 101 21.61 14.66 17.37
N TYR G 102 22.93 14.66 17.32
CA TYR G 102 23.69 14.68 16.07
C TYR G 102 25.15 14.41 16.41
N ASN G 103 26.00 14.46 15.37
CA ASN G 103 27.43 14.22 15.50
C ASN G 103 28.19 15.31 14.75
N VAL G 104 29.41 15.57 15.20
CA VAL G 104 30.29 16.56 14.60
C VAL G 104 31.61 15.89 14.26
N LYS G 105 32.21 16.30 13.16
CA LYS G 105 33.50 15.76 12.73
C LYS G 105 34.44 16.90 12.40
N PHE G 106 35.55 16.99 13.12
CA PHE G 106 36.61 17.94 12.83
C PHE G 106 37.70 17.24 12.04
N VAL G 107 37.95 17.69 10.82
CA VAL G 107 38.94 17.11 9.93
C VAL G 107 40.06 18.11 9.73
N GLY G 108 41.28 17.71 10.07
CA GLY G 108 42.42 18.60 9.97
C GLY G 108 42.93 18.76 8.56
N ASP G 109 44.25 18.85 8.41
CA ASP G 109 44.90 18.98 7.11
C ASP G 109 44.45 20.27 6.42
N VAL G 110 44.53 21.38 7.16
CA VAL G 110 44.15 22.70 6.66
C VAL G 110 45.31 23.19 5.79
N PHE G 111 45.08 24.28 5.05
CA PHE G 111 46.10 25.01 4.30
C PHE G 111 46.47 24.33 2.99
N LYS G 112 45.51 23.65 2.36
CA LYS G 112 45.69 23.19 0.99
C LYS G 112 44.37 23.34 0.26
N ALA G 113 44.38 24.12 -0.82
CA ALA G 113 43.17 24.34 -1.60
C ALA G 113 42.77 23.06 -2.33
N GLU G 114 41.46 22.80 -2.38
CA GLU G 114 40.99 21.61 -3.06
C GLU G 114 41.11 21.76 -4.57
N LEU G 115 40.88 22.96 -5.10
CA LEU G 115 40.98 23.23 -6.53
C LEU G 115 42.05 24.29 -6.74
N GLY G 116 43.05 23.94 -7.54
CA GLY G 116 44.11 24.88 -7.89
C GLY G 116 44.96 25.35 -6.72
N GLY G 117 45.98 26.15 -7.02
CA GLY G 117 46.82 26.72 -5.99
C GLY G 117 48.10 25.95 -5.75
N GLY G 118 49.21 26.48 -6.22
CA GLY G 118 50.50 25.88 -5.98
C GLY G 118 51.50 26.82 -5.34
N GLU G 119 51.31 28.12 -5.57
CA GLU G 119 52.21 29.15 -5.04
C GLU G 119 51.51 30.14 -4.13
N TYR G 120 50.30 30.56 -4.47
CA TYR G 120 49.55 31.45 -3.60
C TYR G 120 49.18 30.77 -2.29
N SER G 121 48.60 29.57 -2.39
CA SER G 121 48.20 28.84 -1.19
C SER G 121 49.40 28.46 -0.34
N ASN G 122 50.50 28.03 -0.97
CA ASN G 122 51.68 27.64 -0.21
C ASN G 122 52.29 28.82 0.53
N THR G 123 52.40 29.98 -0.14
CA THR G 123 52.93 31.17 0.52
C THR G 123 52.00 31.61 1.65
N LEU G 124 50.69 31.57 1.42
CA LEU G 124 49.74 31.93 2.47
C LEU G 124 49.89 31.01 3.67
N GLN G 125 50.09 29.71 3.42
CA GLN G 125 50.34 28.78 4.51
C GLN G 125 51.61 29.13 5.26
N THR G 126 52.70 29.39 4.53
CA THR G 126 53.97 29.71 5.18
C THR G 126 53.83 30.95 6.06
N ALA G 127 53.03 31.92 5.63
CA ALA G 127 52.76 33.06 6.48
C ALA G 127 51.96 32.67 7.72
N LEU G 128 51.11 31.66 7.61
CA LEU G 128 50.20 31.27 8.67
C LEU G 128 50.84 30.19 9.55
N GLU G 129 50.02 29.49 10.35
CA GLU G 129 50.42 28.57 11.42
C GLU G 129 51.49 29.20 12.32
N ASN G 130 51.29 30.48 12.63
CA ASN G 130 51.98 31.13 13.72
C ASN G 130 51.01 31.55 14.83
N THR G 131 49.71 31.51 14.56
CA THR G 131 48.69 31.87 15.53
C THR G 131 48.45 30.70 16.48
N ASP G 132 47.40 30.79 17.29
CA ASP G 132 47.08 29.78 18.29
C ASP G 132 45.78 29.09 17.90
N PHE G 133 45.84 27.78 17.73
CA PHE G 133 44.65 26.99 17.47
C PHE G 133 43.85 26.71 18.74
N GLY G 134 44.47 26.90 19.91
CA GLY G 134 43.78 26.62 21.15
C GLY G 134 42.58 27.52 21.39
N THR G 135 42.72 28.82 21.07
CA THR G 135 41.61 29.74 21.25
C THR G 135 40.43 29.36 20.36
N LEU G 136 40.69 29.05 19.09
CA LEU G 136 39.61 28.68 18.19
C LEU G 136 38.95 27.39 18.62
N ALA G 137 39.74 26.39 18.99
CA ALA G 137 39.17 25.12 19.46
C ALA G 137 38.34 25.34 20.71
N TYR G 138 38.83 26.16 21.64
CA TYR G 138 38.11 26.42 22.87
C TYR G 138 36.77 27.09 22.59
N ARG G 139 36.76 28.09 21.70
CA ARG G 139 35.51 28.78 21.39
C ARG G 139 34.53 27.85 20.69
N TYR G 140 35.03 27.01 19.77
CA TYR G 140 34.15 26.06 19.10
C TYR G 140 33.53 25.08 20.09
N VAL G 141 34.34 24.51 20.97
CA VAL G 141 33.82 23.54 21.92
C VAL G 141 32.90 24.21 22.93
N TYR G 142 33.14 25.47 23.26
CA TYR G 142 32.22 26.18 24.16
C TYR G 142 30.88 26.42 23.48
N ASN G 143 30.90 26.82 22.21
CA ASN G 143 29.65 26.97 21.47
C ASN G 143 28.89 25.65 21.40
N ILE G 144 29.60 24.53 21.25
CA ILE G 144 28.93 23.23 21.27
C ILE G 144 28.34 22.96 22.66
N ALA G 145 29.11 23.22 23.71
CA ALA G 145 28.68 22.84 25.07
C ALA G 145 27.62 23.79 25.62
N ALA G 146 27.73 25.08 25.30
CA ALA G 146 26.79 26.06 25.86
C ALA G 146 25.37 25.83 25.41
N GLY G 147 25.16 25.06 24.34
CA GLY G 147 23.84 24.86 23.79
C GLY G 147 23.40 25.89 22.79
N ARG G 148 24.28 26.84 22.44
CA ARG G 148 23.94 27.82 21.42
C ARG G 148 23.64 27.17 20.07
N THR G 149 24.17 25.97 19.84
CA THR G 149 23.81 25.25 18.62
C THR G 149 22.33 24.90 18.58
N LEU G 150 21.69 24.85 19.75
CA LEU G 150 20.26 24.60 19.84
C LEU G 150 19.55 25.94 19.72
N TRP G 151 18.88 26.15 18.59
CA TRP G 151 18.26 27.44 18.30
C TRP G 151 16.96 27.57 19.09
N ARG G 152 16.08 28.51 18.71
CA ARG G 152 15.10 29.00 19.67
C ARG G 152 14.04 27.96 20.02
N ASN G 153 14.49 26.80 20.50
CA ASN G 153 13.73 25.97 21.40
C ASN G 153 14.06 26.29 22.85
N ARG G 154 15.22 26.91 23.08
CA ARG G 154 15.73 27.19 24.41
C ARG G 154 14.98 28.30 25.12
N VAL G 155 14.14 29.05 24.41
CA VAL G 155 13.31 30.04 25.06
C VAL G 155 12.33 29.35 26.01
N GLY G 156 12.22 29.88 27.22
CA GLY G 156 11.38 29.25 28.23
C GLY G 156 11.87 27.89 28.68
N ALA G 157 13.17 27.76 28.92
CA ALA G 157 13.76 26.50 29.36
C ALA G 157 14.07 26.57 30.85
N GLU G 158 13.66 25.54 31.59
CA GLU G 158 13.93 25.50 33.02
C GLU G 158 15.38 25.14 33.30
N SER G 159 15.82 23.98 32.79
CA SER G 159 17.19 23.54 32.99
C SER G 159 17.59 22.62 31.84
N ILE G 160 18.82 22.76 31.37
CA ILE G 160 19.31 22.00 30.23
C ILE G 160 20.64 21.37 30.59
N GLU G 161 20.97 20.28 29.88
CA GLU G 161 22.24 19.59 30.06
C GLU G 161 22.72 19.11 28.71
N THR G 162 24.04 19.00 28.57
CA THR G 162 24.65 18.51 27.34
C THR G 162 25.55 17.33 27.65
N VAL G 163 25.35 16.23 26.94
CA VAL G 163 26.16 15.02 27.11
C VAL G 163 26.98 14.85 25.84
N ILE G 164 28.30 14.92 25.96
CA ILE G 164 29.19 14.84 24.82
C ILE G 164 30.20 13.71 25.06
N THR G 165 30.38 12.87 24.05
CA THR G 165 31.19 11.66 24.17
C THR G 165 32.32 11.71 23.15
N VAL G 166 33.56 11.59 23.63
CA VAL G 166 34.74 11.53 22.76
C VAL G 166 35.71 10.50 23.33
N ASN G 167 36.23 9.64 22.43
CA ASN G 167 37.19 8.60 22.80
C ASN G 167 36.67 7.74 23.96
N ASP G 168 35.39 7.37 23.87
CA ASP G 168 34.73 6.55 24.89
C ASP G 168 34.80 7.19 26.27
N GLN G 169 34.81 8.52 26.30
CA GLN G 169 34.78 9.28 27.55
C GLN G 169 33.64 10.28 27.46
N THR G 170 32.80 10.32 28.49
CA THR G 170 31.59 11.12 28.49
C THR G 170 31.76 12.34 29.39
N PHE G 171 31.11 13.44 29.01
CA PHE G 171 31.13 14.67 29.77
C PHE G 171 29.74 15.27 29.80
N THR G 172 29.33 15.73 30.98
CA THR G 172 28.01 16.31 31.18
C THR G 172 28.15 17.78 31.56
N PHE G 173 27.30 18.62 30.97
CA PHE G 173 27.35 20.06 31.18
C PHE G 173 25.99 20.58 31.59
N SER G 174 26.01 21.57 32.48
CA SER G 174 24.87 22.40 32.83
C SER G 174 25.26 23.87 32.71
N ASP G 175 25.94 24.19 31.61
CA ASP G 175 26.64 25.46 31.48
C ASP G 175 25.66 26.60 31.23
N LEU G 176 25.94 27.74 31.85
CA LEU G 176 25.21 28.98 31.65
C LEU G 176 26.05 29.90 30.77
N LEU G 177 25.61 31.16 30.63
CA LEU G 177 26.37 32.20 29.95
C LEU G 177 26.68 31.81 28.50
N VAL G 178 25.61 31.75 27.71
CA VAL G 178 25.73 31.41 26.29
C VAL G 178 26.70 32.37 25.61
N ASN G 179 26.61 33.66 25.91
CA ASN G 179 27.57 34.65 25.45
C ASN G 179 28.63 34.87 26.53
N GLU G 180 29.53 35.81 26.28
CA GLU G 180 30.55 36.21 27.24
C GLU G 180 31.41 35.02 27.66
N PHE G 181 32.17 34.53 26.69
CA PHE G 181 33.03 33.36 26.86
C PHE G 181 33.85 33.46 28.14
N ASP G 182 33.59 32.54 29.07
CA ASP G 182 34.29 32.48 30.34
C ASP G 182 35.36 31.39 30.29
N GLU G 183 35.98 31.10 31.43
CA GLU G 183 37.01 30.08 31.54
C GLU G 183 36.43 28.86 32.25
N ASP G 184 36.69 27.67 31.69
CA ASP G 184 36.23 26.43 32.28
C ASP G 184 37.30 25.36 32.10
N VAL G 185 37.28 24.37 32.98
CA VAL G 185 38.22 23.26 32.91
C VAL G 185 37.65 22.03 32.23
N ASP G 186 36.32 21.89 32.18
CA ASP G 186 35.72 20.71 31.56
C ASP G 186 35.91 20.69 30.06
N VAL G 187 35.95 21.87 29.42
CA VAL G 187 36.16 21.93 27.98
C VAL G 187 37.63 22.07 27.61
N ALA G 188 38.52 22.22 28.58
CA ALA G 188 39.93 22.51 28.29
C ALA G 188 40.60 21.36 27.54
N GLU G 189 40.39 20.13 28.01
CA GLU G 189 41.08 19.00 27.37
C GLU G 189 40.50 18.69 26.00
N ILE G 190 39.18 18.86 25.83
CA ILE G 190 38.58 18.67 24.51
C ILE G 190 39.09 19.73 23.55
N ALA G 191 39.23 20.97 24.02
CA ALA G 191 39.80 22.02 23.19
C ALA G 191 41.25 21.71 22.83
N ASP G 192 42.02 21.17 23.77
CA ASP G 192 43.40 20.79 23.48
C ASP G 192 43.44 19.69 22.41
N MET G 193 42.56 18.70 22.52
CA MET G 193 42.51 17.64 21.51
C MET G 193 42.13 18.19 20.14
N VAL G 194 41.16 19.10 20.09
CA VAL G 194 40.74 19.67 18.81
C VAL G 194 41.85 20.52 18.21
N ALA G 195 42.55 21.29 19.05
CA ALA G 195 43.68 22.07 18.54
C ALA G 195 44.79 21.17 18.02
N GLY G 196 45.05 20.06 18.71
CA GLY G 196 46.06 19.13 18.23
C GLY G 196 45.70 18.50 16.90
N VAL G 197 44.43 18.10 16.75
CA VAL G 197 44.02 17.47 15.49
C VAL G 197 43.86 18.51 14.39
N LEU G 198 43.75 19.79 14.74
CA LEU G 198 43.53 20.82 13.73
C LEU G 198 44.82 21.35 13.11
N SER G 199 45.96 21.23 13.79
CA SER G 199 47.23 21.71 13.23
C SER G 199 47.96 20.61 12.47
N GLY G 200 47.23 19.93 11.58
CA GLY G 200 47.80 18.89 10.74
C GLY G 200 47.65 17.54 11.40
N GLU G 201 46.65 16.78 10.98
CA GLU G 201 46.32 15.49 11.60
C GLU G 201 45.23 14.85 10.76
N GLY G 202 44.64 13.77 11.30
CA GLY G 202 43.46 13.17 10.72
C GLY G 202 42.19 13.85 11.21
N PHE G 203 41.35 13.09 11.92
CA PHE G 203 39.99 13.52 12.23
C PHE G 203 39.64 13.18 13.66
N VAL G 204 38.62 13.88 14.18
CA VAL G 204 38.05 13.59 15.49
C VAL G 204 36.53 13.72 15.40
N THR G 205 35.81 12.86 16.12
CA THR G 205 34.36 12.80 16.04
C THR G 205 33.76 12.96 17.43
N LEU G 206 32.68 13.73 17.50
CA LEU G 206 31.93 13.96 18.72
C LEU G 206 30.46 13.59 18.50
N LYS G 207 29.83 13.08 19.55
CA LYS G 207 28.40 12.75 19.53
C LYS G 207 27.71 13.52 20.64
N VAL G 208 26.64 14.26 20.31
CA VAL G 208 25.99 15.12 21.28
C VAL G 208 24.53 14.69 21.46
N GLU G 209 24.01 14.92 22.66
CA GLU G 209 22.71 14.41 23.08
C GLU G 209 21.91 15.46 23.84
N HIS G 210 21.75 16.65 23.26
CA HIS G 210 21.11 17.76 23.95
C HIS G 210 19.76 17.36 24.53
N TYR G 211 19.56 17.67 25.81
CA TYR G 211 18.34 17.36 26.54
C TYR G 211 17.65 18.65 26.95
N MET G 212 16.32 18.66 26.88
CA MET G 212 15.56 19.89 26.99
C MET G 212 14.31 19.66 27.83
N LEU G 213 13.89 20.67 28.58
CA LEU G 213 12.79 20.50 29.52
C LEU G 213 11.74 21.57 29.25
N LEU G 214 11.29 21.66 28.00
CA LEU G 214 10.24 22.61 27.64
C LEU G 214 9.01 22.44 28.54
N GLY G 215 8.54 21.22 28.68
CA GLY G 215 7.32 20.93 29.40
C GLY G 215 6.39 20.02 28.61
N GLU G 216 5.33 19.61 29.28
CA GLU G 216 4.42 18.62 28.73
C GLU G 216 3.52 19.29 27.69
N GLY G 217 3.65 18.86 26.43
CA GLY G 217 2.82 19.37 25.36
C GLY G 217 3.29 20.64 24.70
N SER G 218 4.48 21.14 25.04
CA SER G 218 4.99 22.35 24.41
C SER G 218 5.32 22.08 22.95
N GLU G 219 5.64 23.13 22.20
CA GLU G 219 5.93 23.01 20.78
C GLU G 219 7.43 23.13 20.52
N VAL G 220 7.83 22.68 19.33
CA VAL G 220 9.22 22.73 18.91
C VAL G 220 9.34 23.54 17.64
N PHE G 221 10.56 23.69 17.12
CA PHE G 221 10.80 24.52 15.94
C PHE G 221 11.89 23.90 15.09
N PRO G 222 11.53 23.03 14.16
CA PRO G 222 12.50 22.55 13.16
C PRO G 222 12.66 23.56 12.03
N SER G 223 13.43 23.18 11.03
CA SER G 223 13.70 24.08 9.92
C SER G 223 12.49 24.17 8.98
N GLN G 224 12.53 25.13 8.07
CA GLN G 224 11.44 25.40 7.16
C GLN G 224 11.92 25.40 5.72
N GLU G 225 11.03 25.04 4.80
CA GLU G 225 11.31 24.99 3.37
C GLU G 225 10.60 26.12 2.65
N PHE G 226 11.20 26.57 1.56
CA PHE G 226 10.62 27.59 0.68
C PHE G 226 10.42 26.94 -0.68
N VAL G 227 9.22 26.42 -0.89
CA VAL G 227 8.88 25.73 -2.11
C VAL G 227 7.98 26.66 -2.93
N GLU G 228 7.73 26.30 -4.18
CA GLU G 228 6.89 27.10 -5.07
C GLU G 228 5.46 27.06 -4.56
N ASN G 229 4.54 27.68 -5.32
CA ASN G 229 3.17 27.84 -4.85
C ASN G 229 2.47 26.50 -4.79
N SER G 230 2.49 25.87 -3.62
CA SER G 230 1.82 24.60 -3.37
C SER G 230 0.69 24.82 -2.37
N LYS G 231 0.05 23.72 -1.98
CA LYS G 231 -1.08 23.82 -1.06
C LYS G 231 -0.65 24.37 0.30
N LEU G 232 0.47 23.89 0.82
CA LEU G 232 0.93 24.30 2.13
C LEU G 232 1.44 25.73 2.11
N SER G 233 1.42 26.36 3.28
CA SER G 233 1.92 27.72 3.45
C SER G 233 3.14 27.82 4.36
N LYS G 234 3.39 26.82 5.20
CA LYS G 234 4.59 26.80 6.06
C LYS G 234 5.00 25.34 6.23
N GLN G 235 5.93 24.89 5.39
CA GLN G 235 6.37 23.51 5.45
C GLN G 235 7.44 23.34 6.52
N LEU G 236 7.77 22.09 6.82
CA LEU G 236 8.78 21.76 7.81
C LEU G 236 9.69 20.66 7.28
N PHE G 237 10.94 20.70 7.69
CA PHE G 237 11.91 19.70 7.28
C PHE G 237 11.68 18.39 8.04
N ASP G 238 11.81 17.28 7.33
CA ASP G 238 11.59 15.98 7.95
C ASP G 238 12.33 14.91 7.18
N LEU G 239 12.86 13.93 7.92
CA LEU G 239 13.52 12.77 7.36
C LEU G 239 12.63 11.55 7.63
N ASN G 240 11.97 11.06 6.59
CA ASN G 240 11.01 9.95 6.70
C ASN G 240 9.94 10.28 7.75
N GLY G 241 9.46 11.52 7.72
CA GLY G 241 8.47 11.97 8.68
C GLY G 241 9.02 12.07 10.09
N GLN G 242 9.95 12.99 10.30
CA GLN G 242 10.55 13.20 11.62
C GLN G 242 11.19 14.57 11.64
N ALA G 243 10.75 15.42 12.56
CA ALA G 243 11.24 16.79 12.59
C ALA G 243 12.74 16.82 12.84
N ALA G 244 13.42 17.72 12.13
CA ALA G 244 14.87 17.79 12.17
C ALA G 244 15.32 19.17 11.72
N MET G 245 16.63 19.40 11.81
CA MET G 245 17.23 20.66 11.38
C MET G 245 18.30 20.40 10.34
N HIS G 246 18.43 21.33 9.40
CA HIS G 246 19.44 21.23 8.36
C HIS G 246 20.83 21.23 8.99
N ASP G 247 21.79 20.61 8.30
CA ASP G 247 23.17 20.60 8.81
C ASP G 247 23.98 21.77 8.25
N GLN G 248 23.39 22.96 8.30
CA GLN G 248 24.13 24.21 8.15
C GLN G 248 23.67 25.29 9.10
N LYS G 249 22.45 25.22 9.65
CA LYS G 249 22.10 26.03 10.80
C LYS G 249 22.99 25.70 11.98
N ILE G 250 23.23 24.41 12.22
CA ILE G 250 24.17 24.00 13.26
C ILE G 250 25.57 24.50 12.93
N GLY G 251 25.96 24.39 11.66
CA GLY G 251 27.25 24.92 11.26
C GLY G 251 27.37 26.41 11.51
N ASN G 252 26.30 27.15 11.23
CA ASN G 252 26.32 28.59 11.49
C ASN G 252 26.36 28.88 12.98
N ALA G 253 25.80 27.98 13.80
CA ALA G 253 25.84 28.17 15.25
C ALA G 253 27.20 27.85 15.83
N ILE G 254 27.93 26.90 15.22
CA ILE G 254 29.22 26.50 15.77
C ILE G 254 30.26 27.60 15.56
N ARG G 255 30.27 28.22 14.39
CA ARG G 255 31.34 29.16 14.01
C ARG G 255 30.95 30.61 14.23
N THR G 256 30.17 30.91 15.26
CA THR G 256 29.86 32.29 15.63
C THR G 256 30.76 32.70 16.81
N ILE G 257 32.00 33.05 16.47
CA ILE G 257 33.00 33.39 17.47
C ILE G 257 33.67 34.71 17.10
N ASP G 258 33.17 35.36 16.05
CA ASP G 258 33.83 36.54 15.49
C ASP G 258 33.61 37.75 16.41
N THR G 259 34.42 37.79 17.48
CA THR G 259 34.42 38.89 18.43
C THR G 259 35.56 39.88 18.15
N TRP G 260 35.89 40.10 16.89
CA TRP G 260 37.17 40.68 16.54
C TRP G 260 37.00 41.87 15.61
N TYR G 261 36.09 42.77 15.95
CA TYR G 261 36.00 44.07 15.29
C TYR G 261 35.72 45.12 16.34
N GLU G 262 35.44 46.35 15.88
CA GLU G 262 35.53 47.51 16.76
C GLU G 262 34.46 47.53 17.85
N ASP G 263 33.37 46.80 17.69
CA ASP G 263 32.25 46.94 18.62
C ASP G 263 31.39 45.68 18.56
N ALA G 264 30.16 45.78 19.07
CA ALA G 264 29.11 44.78 18.88
C ALA G 264 29.51 43.42 19.45
N THR G 265 29.57 43.39 20.79
CA THR G 265 29.67 42.13 21.53
C THR G 265 28.40 41.32 21.23
N THR G 266 28.31 40.08 21.74
CA THR G 266 27.32 39.11 21.28
C THR G 266 27.60 38.90 19.79
N PRO G 267 28.69 38.20 19.47
CA PRO G 267 29.26 38.25 18.12
C PRO G 267 28.40 37.63 17.02
N ILE G 268 28.95 37.62 15.81
CA ILE G 268 28.32 37.06 14.64
C ILE G 268 29.18 35.93 14.09
N ALA G 269 28.71 35.27 13.04
CA ALA G 269 29.44 34.15 12.47
C ALA G 269 30.68 34.64 11.72
N VAL G 270 31.39 33.69 11.11
CA VAL G 270 32.63 33.98 10.39
C VAL G 270 32.34 33.77 8.90
N GLU G 271 32.42 34.86 8.14
CA GLU G 271 32.23 34.84 6.70
C GLU G 271 32.81 36.13 6.11
N PRO G 272 33.28 36.09 4.87
CA PRO G 272 33.72 37.33 4.21
C PRO G 272 32.56 38.30 4.09
N TYR G 273 32.86 39.59 4.25
CA TYR G 273 31.85 40.63 4.35
C TYR G 273 30.82 40.28 5.44
N GLY G 274 31.33 40.21 6.67
CA GLY G 274 30.53 39.73 7.79
C GLY G 274 29.14 40.33 7.83
N SER G 275 28.13 39.50 7.57
CA SER G 275 26.79 39.99 7.36
C SER G 275 25.78 39.10 8.06
N VAL G 276 24.72 39.71 8.55
CA VAL G 276 23.54 39.00 9.05
C VAL G 276 22.32 39.59 8.36
N VAL G 277 21.62 38.74 7.59
CA VAL G 277 20.49 39.23 6.80
C VAL G 277 19.32 39.62 7.69
N ARG G 278 19.14 38.94 8.83
CA ARG G 278 18.02 39.24 9.71
C ARG G 278 18.10 40.66 10.28
N ASN G 279 19.29 41.25 10.32
CA ASN G 279 19.44 42.65 10.72
C ASN G 279 19.75 43.58 9.57
N GLY G 280 20.24 43.07 8.45
CA GLY G 280 20.52 43.91 7.29
C GLY G 280 21.77 44.75 7.39
N VAL G 281 22.62 44.53 8.40
CA VAL G 281 23.86 45.26 8.57
C VAL G 281 25.02 44.35 8.23
N ALA G 282 25.94 44.84 7.39
CA ALA G 282 27.06 44.04 6.90
C ALA G 282 28.35 44.63 7.46
N TYR G 283 28.84 44.04 8.54
CA TYR G 283 30.15 44.40 9.07
C TYR G 283 31.24 43.89 8.12
N ARG G 284 32.48 44.25 8.44
CA ARG G 284 33.65 43.85 7.64
C ARG G 284 33.48 44.25 6.18
N ALA G 285 32.85 45.41 5.96
CA ALA G 285 32.68 45.96 4.62
C ALA G 285 33.99 46.62 4.17
N GLY G 286 33.92 47.44 3.13
CA GLY G 286 35.12 48.09 2.64
C GLY G 286 35.57 49.18 3.59
N ASN G 287 35.99 48.76 4.79
CA ASN G 287 36.46 49.64 5.85
C ASN G 287 37.75 49.11 6.46
N LYS G 288 38.66 48.67 5.59
CA LYS G 288 40.04 48.30 5.91
C LYS G 288 40.14 46.95 6.63
N THR G 289 39.00 46.34 6.96
CA THR G 289 38.99 44.99 7.50
C THR G 289 38.11 44.10 6.63
N ASP G 290 38.67 42.98 6.18
CA ASP G 290 37.99 42.04 5.31
C ASP G 290 38.89 40.83 5.12
N LEU G 291 38.30 39.67 4.77
CA LEU G 291 39.11 38.49 4.52
C LEU G 291 40.08 38.71 3.36
N PHE G 292 39.60 39.36 2.29
CA PHE G 292 40.40 39.46 1.08
C PHE G 292 41.57 40.43 1.25
N THR G 293 41.31 41.59 1.86
CA THR G 293 42.38 42.55 2.09
C THR G 293 43.44 42.00 3.04
N LEU G 294 43.01 41.34 4.12
CA LEU G 294 43.96 40.73 5.05
C LEU G 294 44.74 39.60 4.39
N MET G 295 44.08 38.82 3.52
CA MET G 295 44.78 37.78 2.80
C MET G 295 45.82 38.37 1.86
N ASP G 296 45.48 39.46 1.17
CA ASP G 296 46.45 40.13 0.31
C ASP G 296 47.63 40.66 1.11
N GLY G 297 47.36 41.23 2.28
CA GLY G 297 48.45 41.67 3.14
C GLY G 297 49.33 40.53 3.60
N ALA G 298 48.71 39.39 3.93
CA ALA G 298 49.47 38.24 4.42
C ALA G 298 50.32 37.61 3.33
N VAL G 299 49.81 37.58 2.10
CA VAL G 299 50.52 36.88 1.04
C VAL G 299 51.71 37.66 0.51
N ASN G 300 51.64 39.00 0.49
CA ASN G 300 52.76 39.84 0.06
C ASN G 300 52.71 41.18 0.81
N GLY G 301 53.52 41.27 1.86
CA GLY G 301 53.54 42.46 2.69
C GLY G 301 53.96 42.14 4.12
N LYS G 302 53.60 43.01 5.06
CA LYS G 302 53.98 42.83 6.44
C LYS G 302 53.05 41.83 7.13
N SER G 303 53.33 41.54 8.40
CA SER G 303 52.60 40.53 9.14
C SER G 303 51.25 41.09 9.61
N LEU G 304 50.47 40.25 10.28
CA LEU G 304 49.15 40.62 10.79
C LEU G 304 49.17 40.61 12.30
N THR G 305 48.13 41.20 12.88
CA THR G 305 47.98 41.19 14.32
C THR G 305 47.49 39.83 14.80
N GLU G 306 47.46 39.66 16.13
CA GLU G 306 47.01 38.39 16.69
C GLU G 306 45.56 38.11 16.35
N GLU G 307 44.70 39.14 16.38
CA GLU G 307 43.28 38.93 16.12
C GLU G 307 43.02 38.56 14.66
N ASP G 308 43.60 39.32 13.73
CA ASP G 308 43.33 39.13 12.31
C ASP G 308 43.88 37.81 11.76
N GLN G 309 45.06 37.39 12.23
CA GLN G 309 45.62 36.13 11.76
C GLN G 309 44.72 34.95 12.12
N MET G 310 44.25 34.91 13.37
CA MET G 310 43.37 33.82 13.78
C MET G 310 41.98 33.97 13.16
N PHE G 311 41.53 35.20 12.90
CA PHE G 311 40.29 35.37 12.15
C PHE G 311 40.41 34.76 10.75
N VAL G 312 41.55 35.01 10.09
CA VAL G 312 41.76 34.50 8.74
C VAL G 312 41.82 32.97 8.75
N THR G 313 42.54 32.39 9.71
CA THR G 313 42.62 30.93 9.72
C THR G 313 41.27 30.30 10.11
N ALA G 314 40.51 30.97 10.98
CA ALA G 314 39.18 30.47 11.31
C ALA G 314 38.26 30.52 10.10
N ASN G 315 38.35 31.59 9.30
CA ASN G 315 37.56 31.65 8.08
C ASN G 315 38.02 30.60 7.08
N LEU G 316 39.33 30.31 7.05
CA LEU G 316 39.84 29.23 6.22
C LEU G 316 39.32 27.87 6.67
N ILE G 317 39.02 27.73 7.97
CA ILE G 317 38.46 26.47 8.45
C ILE G 317 37.13 26.17 7.75
N ARG G 318 36.28 27.18 7.62
CA ARG G 318 35.12 27.06 6.76
C ARG G 318 35.56 27.05 5.30
N GLY G 319 34.90 26.22 4.50
CA GLY G 319 35.23 26.15 3.08
C GLY G 319 34.79 27.37 2.32
N GLY G 320 34.72 27.27 0.99
CA GLY G 320 34.26 28.34 0.16
C GLY G 320 35.03 28.39 -1.14
N VAL G 321 34.76 29.43 -1.93
CA VAL G 321 35.44 29.68 -3.19
C VAL G 321 35.95 31.12 -3.18
N PHE G 322 37.14 31.33 -3.72
CA PHE G 322 37.75 32.64 -3.79
C PHE G 322 38.49 32.77 -5.12
N GLY G 323 38.45 33.97 -5.69
CA GLY G 323 39.08 34.20 -6.97
C GLY G 323 38.11 34.07 -8.12
N GLY G 324 38.10 35.05 -9.02
CA GLY G 324 37.22 35.04 -10.17
C GLY G 324 36.48 36.34 -10.36
N LYS H 24 54.52 11.07 -48.50
CA LYS H 24 55.01 9.75 -48.10
C LYS H 24 54.90 9.59 -46.59
N LEU H 25 54.23 8.52 -46.16
CA LEU H 25 53.94 8.25 -44.75
C LEU H 25 53.23 9.45 -44.11
N LYS H 26 52.24 9.97 -44.83
CA LYS H 26 51.43 11.05 -44.30
C LYS H 26 50.67 10.59 -43.07
N ALA H 27 50.68 11.41 -42.02
CA ALA H 27 49.97 11.08 -40.81
C ALA H 27 48.47 10.99 -41.08
N PRO H 28 47.85 9.85 -40.76
CA PRO H 28 46.42 9.71 -41.03
C PRO H 28 45.59 10.62 -40.13
N ALA H 29 44.62 11.29 -40.76
CA ALA H 29 43.72 12.17 -40.02
C ALA H 29 42.55 11.42 -39.40
N VAL H 30 42.40 10.12 -39.69
CA VAL H 30 41.36 9.30 -39.11
C VAL H 30 41.99 8.02 -38.57
N LEU H 31 41.83 7.77 -37.28
CA LEU H 31 42.23 6.52 -36.67
C LEU H 31 41.37 6.31 -35.43
N ALA H 32 41.10 5.04 -35.12
CA ALA H 32 40.23 4.75 -33.99
C ALA H 32 40.71 3.50 -33.28
N TYR H 33 40.40 3.41 -31.99
CA TYR H 33 40.72 2.24 -31.20
C TYR H 33 39.61 2.00 -30.19
N SER H 34 39.40 0.73 -29.86
CA SER H 34 38.30 0.33 -28.99
C SER H 34 38.62 0.61 -27.54
N ARG H 35 37.56 0.78 -26.74
CA ARG H 35 37.67 1.02 -25.31
C ARG H 35 38.10 -0.29 -24.66
N LYS H 36 39.40 -0.45 -24.39
CA LYS H 36 39.88 -1.69 -23.80
C LYS H 36 39.31 -1.89 -22.39
N ILE H 37 39.26 -0.84 -21.59
CA ILE H 37 38.72 -0.92 -20.24
C ILE H 37 37.28 -0.43 -20.25
N ASN H 38 36.36 -1.29 -19.84
CA ASN H 38 34.94 -0.93 -19.75
C ASN H 38 34.50 -0.93 -18.30
N PRO H 39 34.27 0.22 -17.69
CA PRO H 39 33.68 0.25 -16.35
C PRO H 39 32.16 0.34 -16.42
N THR H 40 31.52 -0.08 -15.32
CA THR H 40 30.08 -0.05 -15.20
C THR H 40 29.65 1.12 -14.33
N ASN H 41 28.34 1.22 -14.11
CA ASN H 41 27.80 2.25 -13.24
C ASN H 41 27.98 1.84 -11.79
N ALA H 42 28.79 2.60 -11.06
CA ALA H 42 29.01 2.31 -9.65
C ALA H 42 27.74 2.54 -8.85
N LEU H 43 27.43 1.60 -7.96
CA LEU H 43 26.21 1.65 -7.18
C LEU H 43 26.56 1.74 -5.70
N MET H 44 25.74 2.49 -4.96
CA MET H 44 26.05 2.93 -3.61
C MET H 44 25.02 2.38 -2.64
N PHE H 45 25.49 1.88 -1.51
CA PHE H 45 24.64 1.21 -0.52
C PHE H 45 25.09 1.59 0.88
N ALA H 46 24.17 1.46 1.83
CA ALA H 46 24.45 1.62 3.24
C ALA H 46 24.32 0.27 3.93
N VAL H 47 25.38 -0.14 4.64
CA VAL H 47 25.41 -1.42 5.33
C VAL H 47 26.16 -1.23 6.65
N ASN H 48 25.84 -2.08 7.62
CA ASN H 48 26.49 -2.03 8.92
C ASN H 48 27.85 -2.70 8.86
N TRP H 49 28.72 -2.31 9.80
CA TRP H 49 30.05 -2.91 9.89
C TRP H 49 29.98 -4.39 10.24
N SER H 50 29.11 -4.74 11.20
CA SER H 50 29.04 -6.10 11.70
C SER H 50 27.78 -6.85 11.26
N ASP H 51 26.95 -6.22 10.43
CA ASP H 51 25.72 -6.84 9.93
C ASP H 51 25.70 -6.77 8.40
N ARG H 52 26.78 -7.21 7.79
CA ARG H 52 26.98 -7.07 6.35
C ARG H 52 26.03 -7.95 5.53
N ASP H 53 25.21 -8.78 6.17
CA ASP H 53 24.23 -9.56 5.45
C ASP H 53 23.07 -8.69 4.94
N ASN H 54 22.65 -7.72 5.75
CA ASN H 54 21.51 -6.86 5.43
C ASN H 54 22.03 -5.49 5.02
N THR H 55 21.62 -5.04 3.83
CA THR H 55 22.02 -3.75 3.28
C THR H 55 20.78 -2.96 2.88
N THR H 56 20.98 -1.68 2.57
CA THR H 56 19.90 -0.82 2.15
C THR H 56 20.41 0.14 1.08
N ALA H 57 19.51 0.58 0.21
CA ALA H 57 19.88 1.60 -0.75
C ALA H 57 19.81 2.98 -0.09
N VAL H 58 20.49 3.95 -0.71
CA VAL H 58 20.49 5.33 -0.24
C VAL H 58 19.67 6.17 -1.21
N MET H 59 18.70 6.90 -0.67
CA MET H 59 17.83 7.73 -1.48
C MET H 59 18.54 9.05 -1.79
N VAL H 60 17.80 10.01 -2.35
CA VAL H 60 18.40 11.31 -2.68
C VAL H 60 17.68 12.42 -1.92
N GLY H 61 16.39 12.61 -2.19
CA GLY H 61 15.65 13.66 -1.53
C GLY H 61 16.05 15.04 -2.00
N THR H 62 15.40 16.08 -1.48
CA THR H 62 15.68 17.45 -1.89
C THR H 62 15.44 18.38 -0.71
N LYS H 63 16.32 19.36 -0.54
CA LYS H 63 16.22 20.30 0.57
C LYS H 63 16.54 21.71 0.08
N THR H 64 16.40 22.68 0.98
CA THR H 64 16.60 24.09 0.68
C THR H 64 17.74 24.65 1.51
N VAL H 65 18.41 25.65 0.96
CA VAL H 65 19.50 26.36 1.62
C VAL H 65 19.25 27.85 1.50
N ALA H 66 19.83 28.62 2.43
CA ALA H 66 19.68 30.07 2.44
C ALA H 66 20.99 30.68 2.94
N GLY H 67 21.85 31.06 2.00
CA GLY H 67 23.12 31.67 2.36
C GLY H 67 23.34 33.01 1.70
N THR H 68 24.23 33.81 2.25
CA THR H 68 24.54 35.11 1.69
C THR H 68 25.38 34.94 0.41
N GLN H 69 25.73 36.06 -0.20
CA GLN H 69 26.60 36.07 -1.37
C GLN H 69 28.03 36.33 -0.92
N SER H 70 28.93 35.42 -1.28
CA SER H 70 30.36 35.58 -1.04
C SER H 70 31.03 35.69 -2.40
N VAL H 71 31.04 36.91 -2.94
CA VAL H 71 31.59 37.20 -4.26
C VAL H 71 32.69 38.24 -4.09
N ARG H 72 33.85 37.95 -4.67
CA ARG H 72 35.00 38.83 -4.50
C ARG H 72 34.76 40.16 -5.21
N GLY H 73 35.16 41.25 -4.54
CA GLY H 73 35.01 42.57 -5.10
C GLY H 73 33.58 43.05 -5.25
N ASN H 74 32.73 42.78 -4.26
CA ASN H 74 31.34 43.25 -4.26
C ASN H 74 30.90 43.55 -2.83
N PRO H 75 31.45 44.62 -2.23
CA PRO H 75 31.01 44.99 -0.87
C PRO H 75 29.53 45.38 -0.81
N ASN H 76 28.99 45.93 -1.90
CA ASN H 76 27.64 46.48 -1.84
C ASN H 76 26.57 45.40 -1.72
N ASP H 77 26.76 44.25 -2.35
CA ASP H 77 25.75 43.20 -2.40
C ASP H 77 25.88 42.20 -1.26
N ALA H 78 26.43 42.62 -0.13
CA ALA H 78 26.57 41.73 1.03
C ALA H 78 25.35 41.75 1.95
N ASP H 79 24.38 42.63 1.69
CA ASP H 79 23.21 42.78 2.54
C ASP H 79 21.96 42.14 1.96
N LYS H 80 22.11 41.28 0.96
CA LYS H 80 20.98 40.62 0.31
C LYS H 80 21.02 39.13 0.62
N GLY H 81 19.84 38.53 0.80
CA GLY H 81 19.74 37.10 1.01
C GLY H 81 19.73 36.33 -0.28
N ASN H 82 19.60 35.01 -0.16
CA ASN H 82 19.57 34.13 -1.31
C ASN H 82 18.98 32.79 -0.88
N ILE H 83 17.90 32.38 -1.51
CA ILE H 83 17.24 31.10 -1.23
C ILE H 83 17.46 30.19 -2.43
N GLN H 84 17.90 28.96 -2.16
CA GLN H 84 18.28 28.03 -3.21
C GLN H 84 17.79 26.64 -2.82
N THR H 85 17.75 25.73 -3.79
CA THR H 85 17.28 24.37 -3.57
C THR H 85 18.28 23.39 -4.15
N VAL H 86 18.68 22.39 -3.36
CA VAL H 86 19.70 21.44 -3.76
C VAL H 86 19.33 20.04 -3.30
N ASN H 87 19.91 19.05 -3.97
CA ASN H 87 19.80 17.65 -3.58
C ASN H 87 20.96 17.27 -2.67
N PHE H 88 20.70 16.37 -1.74
CA PHE H 88 21.70 15.87 -0.82
C PHE H 88 21.67 14.35 -0.77
N ALA H 89 22.58 13.77 0.00
CA ALA H 89 22.68 12.33 0.14
C ALA H 89 23.58 12.02 1.32
N ASN H 90 23.19 11.04 2.13
CA ASN H 90 23.93 10.69 3.33
C ASN H 90 23.41 9.36 3.87
N LEU H 91 24.16 8.82 4.83
CA LEU H 91 23.76 7.57 5.47
C LEU H 91 22.47 7.78 6.26
N PRO H 92 21.70 6.72 6.50
CA PRO H 92 20.51 6.84 7.36
C PRO H 92 20.87 7.20 8.79
N HIS H 93 19.85 7.34 9.64
CA HIS H 93 20.09 7.77 11.01
C HIS H 93 20.97 6.79 11.77
N ASN H 94 20.82 5.48 11.51
CA ASN H 94 21.61 4.46 12.19
C ASN H 94 22.23 3.48 11.18
N LYS H 95 23.36 3.89 10.61
CA LYS H 95 24.22 3.07 9.75
C LYS H 95 25.61 3.65 9.81
N ASN H 96 26.62 2.83 9.53
CA ASN H 96 27.99 3.32 9.63
C ASN H 96 28.92 2.83 8.53
N THR H 97 28.42 2.13 7.51
CA THR H 97 29.29 1.60 6.47
C THR H 97 28.74 1.95 5.10
N LEU H 98 29.61 2.47 4.23
CA LEU H 98 29.29 2.77 2.84
C LEU H 98 29.85 1.67 1.95
N LEU H 99 29.02 1.21 1.01
CA LEU H 99 29.35 0.09 0.13
C LEU H 99 29.25 0.58 -1.30
N VAL H 100 30.39 0.70 -1.98
CA VAL H 100 30.43 1.11 -3.38
C VAL H 100 30.83 -0.11 -4.21
N LYS H 101 29.92 -0.57 -5.06
CA LYS H 101 30.16 -1.79 -5.81
C LYS H 101 29.90 -1.57 -7.29
N TYR H 102 30.70 -2.22 -8.12
CA TYR H 102 30.59 -2.12 -9.57
C TYR H 102 31.40 -3.25 -10.21
N ASN H 103 31.41 -3.28 -11.54
CA ASN H 103 32.16 -4.27 -12.30
C ASN H 103 32.95 -3.58 -13.40
N VAL H 104 34.16 -4.09 -13.64
CA VAL H 104 35.02 -3.57 -14.69
C VAL H 104 35.44 -4.73 -15.58
N LYS H 105 35.71 -4.43 -16.85
CA LYS H 105 36.08 -5.45 -17.82
C LYS H 105 37.33 -5.03 -18.57
N PHE H 106 38.32 -5.92 -18.61
CA PHE H 106 39.52 -5.76 -19.43
C PHE H 106 39.42 -6.67 -20.64
N VAL H 107 39.74 -6.14 -21.81
CA VAL H 107 39.71 -6.91 -23.05
C VAL H 107 41.03 -6.70 -23.78
N GLY H 108 41.42 -7.70 -24.58
CA GLY H 108 42.65 -7.62 -25.35
C GLY H 108 42.44 -6.97 -26.69
N ASP H 109 42.85 -7.67 -27.76
CA ASP H 109 42.65 -7.20 -29.14
C ASP H 109 43.38 -5.88 -29.40
N VAL H 110 44.43 -5.61 -28.65
CA VAL H 110 45.20 -4.38 -28.84
C VAL H 110 45.90 -4.43 -30.20
N PHE H 111 46.18 -3.23 -30.75
CA PHE H 111 46.83 -3.08 -32.04
C PHE H 111 45.99 -3.65 -33.17
N LYS H 112 44.67 -3.57 -33.02
CA LYS H 112 43.73 -3.96 -34.07
C LYS H 112 42.79 -2.76 -34.23
N ALA H 113 42.99 -2.00 -35.29
CA ALA H 113 42.19 -0.80 -35.52
C ALA H 113 40.75 -1.17 -35.83
N GLU H 114 39.81 -0.40 -35.30
CA GLU H 114 38.40 -0.62 -35.54
C GLU H 114 37.79 0.32 -36.56
N LEU H 115 38.45 1.44 -36.87
CA LEU H 115 37.95 2.38 -37.86
C LEU H 115 39.15 3.14 -38.43
N GLY H 116 39.58 2.73 -39.62
CA GLY H 116 40.70 3.40 -40.28
C GLY H 116 42.03 2.75 -40.01
N GLY H 117 42.83 2.57 -41.05
CA GLY H 117 44.16 2.02 -40.90
C GLY H 117 44.24 0.52 -41.10
N GLY H 118 44.88 0.10 -42.19
CA GLY H 118 45.07 -1.31 -42.45
C GLY H 118 46.54 -1.66 -42.63
N GLU H 119 47.35 -0.68 -43.02
CA GLU H 119 48.77 -0.87 -43.25
C GLU H 119 49.62 0.15 -42.50
N TYR H 120 49.04 0.91 -41.58
CA TYR H 120 49.78 1.87 -40.78
C TYR H 120 49.92 1.48 -39.32
N SER H 121 48.96 0.73 -38.78
CA SER H 121 49.08 0.25 -37.40
C SER H 121 50.25 -0.72 -37.25
N ASN H 122 50.48 -1.55 -38.25
CA ASN H 122 51.57 -2.52 -38.18
C ASN H 122 52.92 -1.81 -38.15
N THR H 123 53.04 -0.68 -38.85
CA THR H 123 54.28 0.09 -38.81
C THR H 123 54.58 0.63 -37.41
N LEU H 124 53.55 0.92 -36.62
CA LEU H 124 53.75 1.23 -35.21
C LEU H 124 54.01 -0.02 -34.39
N GLN H 125 53.41 -1.15 -34.78
CA GLN H 125 53.59 -2.40 -34.04
C GLN H 125 55.05 -2.86 -34.08
N THR H 126 55.69 -2.77 -35.25
CA THR H 126 57.07 -3.22 -35.34
C THR H 126 58.02 -2.37 -34.49
N ALA H 127 57.58 -1.19 -34.05
CA ALA H 127 58.33 -0.41 -33.10
C ALA H 127 57.97 -0.74 -31.66
N LEU H 128 56.72 -1.11 -31.40
CA LEU H 128 56.24 -1.44 -30.07
C LEU H 128 56.38 -2.95 -29.83
N GLU H 129 55.73 -3.47 -28.80
CA GLU H 129 55.88 -4.81 -28.21
C GLU H 129 57.18 -4.94 -27.44
N ASN H 130 57.97 -3.87 -27.32
CA ASN H 130 59.13 -3.85 -26.45
C ASN H 130 58.81 -3.27 -25.07
N THR H 131 57.56 -2.87 -24.83
CA THR H 131 57.15 -2.32 -23.56
C THR H 131 56.72 -3.42 -22.60
N ASP H 132 56.73 -3.08 -21.31
CA ASP H 132 56.38 -4.03 -20.25
C ASP H 132 54.94 -3.78 -19.81
N PHE H 133 54.04 -4.64 -20.27
CA PHE H 133 52.63 -4.54 -19.89
C PHE H 133 52.42 -4.86 -18.42
N GLY H 134 53.36 -5.60 -17.80
CA GLY H 134 53.22 -5.94 -16.39
C GLY H 134 53.17 -4.73 -15.50
N THR H 135 53.97 -3.70 -15.81
CA THR H 135 53.92 -2.46 -15.05
C THR H 135 52.56 -1.79 -15.19
N LEU H 136 52.02 -1.77 -16.40
CA LEU H 136 50.73 -1.12 -16.60
C LEU H 136 49.65 -1.83 -15.80
N ALA H 137 49.65 -3.17 -15.84
CA ALA H 137 48.67 -3.93 -15.08
C ALA H 137 48.85 -3.73 -13.58
N TYR H 138 50.10 -3.70 -13.12
CA TYR H 138 50.36 -3.46 -11.70
C TYR H 138 49.79 -2.11 -11.27
N ARG H 139 50.02 -1.07 -12.07
CA ARG H 139 49.53 0.25 -11.70
C ARG H 139 48.01 0.31 -11.75
N TYR H 140 47.39 -0.32 -12.74
CA TYR H 140 45.93 -0.30 -12.84
C TYR H 140 45.29 -1.02 -11.65
N VAL H 141 45.79 -2.22 -11.33
CA VAL H 141 45.23 -2.95 -10.20
C VAL H 141 45.54 -2.24 -8.88
N TYR H 142 46.70 -1.59 -8.77
CA TYR H 142 46.99 -0.82 -7.56
C TYR H 142 46.02 0.35 -7.42
N ASN H 143 45.71 1.04 -8.52
CA ASN H 143 44.73 2.12 -8.47
C ASN H 143 43.37 1.60 -8.05
N ILE H 144 42.96 0.44 -8.58
CA ILE H 144 41.67 -0.13 -8.19
C ILE H 144 41.66 -0.49 -6.72
N ALA H 145 42.74 -1.10 -6.23
CA ALA H 145 42.77 -1.63 -4.87
C ALA H 145 42.88 -0.54 -3.83
N ALA H 146 43.73 0.48 -4.09
CA ALA H 146 43.95 1.52 -3.10
C ALA H 146 42.68 2.29 -2.81
N GLY H 147 41.88 2.57 -3.83
CA GLY H 147 40.65 3.29 -3.69
C GLY H 147 40.60 4.65 -4.34
N ARG H 148 41.46 4.92 -5.32
CA ARG H 148 41.43 6.20 -6.01
C ARG H 148 40.14 6.41 -6.81
N THR H 149 39.36 5.35 -7.03
CA THR H 149 38.08 5.47 -7.70
C THR H 149 37.06 6.25 -6.89
N LEU H 150 37.32 6.49 -5.60
CA LEU H 150 36.44 7.25 -4.73
C LEU H 150 37.14 8.55 -4.39
N TRP H 151 36.60 9.68 -4.85
CA TRP H 151 37.33 10.94 -4.77
C TRP H 151 37.23 11.57 -3.38
N ARG H 152 36.01 11.93 -2.97
CA ARG H 152 35.81 12.61 -1.70
C ARG H 152 35.20 11.72 -0.64
N ASN H 153 34.99 10.45 -0.94
CA ASN H 153 34.43 9.54 0.07
C ASN H 153 35.45 9.10 1.09
N ARG H 154 36.75 9.22 0.79
CA ARG H 154 37.79 8.73 1.67
C ARG H 154 38.23 9.74 2.71
N VAL H 155 37.73 10.97 2.67
CA VAL H 155 38.11 12.00 3.62
C VAL H 155 37.38 11.73 4.94
N GLY H 156 38.12 11.30 5.96
CA GLY H 156 37.56 11.08 7.27
C GLY H 156 37.24 9.65 7.63
N ALA H 157 37.62 8.68 6.79
CA ALA H 157 37.39 7.27 7.08
C ALA H 157 38.66 6.64 7.64
N GLU H 158 38.54 6.00 8.80
CA GLU H 158 39.68 5.33 9.41
C GLU H 158 39.97 3.97 8.79
N SER H 159 38.94 3.26 8.32
CA SER H 159 39.11 1.91 7.79
C SER H 159 38.53 1.84 6.39
N ILE H 160 39.36 1.45 5.42
CA ILE H 160 38.94 1.25 4.04
C ILE H 160 39.49 -0.10 3.59
N GLU H 161 38.59 -0.98 3.15
CA GLU H 161 39.00 -2.30 2.66
C GLU H 161 38.11 -2.68 1.48
N THR H 162 38.60 -3.64 0.68
CA THR H 162 37.86 -4.14 -0.47
C THR H 162 38.01 -5.64 -0.60
N VAL H 163 37.04 -6.25 -1.29
CA VAL H 163 37.09 -7.66 -1.65
C VAL H 163 36.81 -7.75 -3.16
N ILE H 164 37.63 -8.51 -3.87
CA ILE H 164 37.54 -8.61 -5.32
C ILE H 164 37.42 -10.08 -5.70
N THR H 165 36.42 -10.41 -6.51
CA THR H 165 36.15 -11.78 -6.93
C THR H 165 36.29 -11.85 -8.45
N VAL H 166 37.31 -12.55 -8.93
CA VAL H 166 37.56 -12.72 -10.35
C VAL H 166 37.84 -14.19 -10.63
N ASN H 167 37.26 -14.72 -11.71
CA ASN H 167 37.44 -16.12 -12.10
C ASN H 167 37.07 -17.08 -10.97
N ASP H 168 36.06 -16.71 -10.18
CA ASP H 168 35.55 -17.49 -9.06
C ASP H 168 36.55 -17.60 -7.91
N GLN H 169 37.65 -16.85 -7.94
CA GLN H 169 38.56 -16.78 -6.81
C GLN H 169 38.55 -15.37 -6.23
N THR H 170 38.64 -15.29 -4.91
CA THR H 170 38.47 -14.04 -4.19
C THR H 170 39.78 -13.62 -3.52
N PHE H 171 39.94 -12.29 -3.39
CA PHE H 171 41.07 -11.69 -2.70
C PHE H 171 40.55 -10.55 -1.83
N THR H 172 41.06 -10.48 -0.61
CA THR H 172 40.71 -9.41 0.33
C THR H 172 41.89 -8.46 0.49
N PHE H 173 41.69 -7.20 0.14
CA PHE H 173 42.72 -6.17 0.21
C PHE H 173 42.37 -5.14 1.26
N SER H 174 43.36 -4.77 2.06
CA SER H 174 43.28 -3.65 3.00
C SER H 174 44.34 -2.62 2.66
N ASP H 175 44.59 -2.43 1.36
CA ASP H 175 45.66 -1.55 0.90
C ASP H 175 45.38 -0.10 1.27
N LEU H 176 46.46 0.63 1.52
CA LEU H 176 46.42 2.03 1.90
C LEU H 176 47.67 2.71 1.35
N LEU H 177 47.90 3.95 1.75
CA LEU H 177 49.13 4.69 1.44
C LEU H 177 49.35 4.79 -0.07
N VAL H 178 48.46 5.54 -0.71
CA VAL H 178 48.56 5.79 -2.15
C VAL H 178 49.89 6.45 -2.48
N ASN H 179 50.52 7.12 -1.51
CA ASN H 179 51.81 7.74 -1.68
C ASN H 179 52.90 6.68 -1.48
N GLU H 180 54.17 7.11 -1.58
CA GLU H 180 55.35 6.26 -1.42
C GLU H 180 55.18 4.88 -2.07
N PHE H 181 55.01 4.86 -3.39
CA PHE H 181 54.88 3.63 -4.16
C PHE H 181 55.97 2.63 -3.81
N ASP H 182 55.55 1.40 -3.49
CA ASP H 182 56.47 0.31 -3.20
C ASP H 182 56.00 -0.95 -3.92
N GLU H 183 56.95 -1.83 -4.21
CA GLU H 183 56.62 -3.12 -4.83
C GLU H 183 55.79 -3.96 -3.87
N ASP H 184 54.72 -4.55 -4.38
CA ASP H 184 53.87 -5.44 -3.61
C ASP H 184 53.78 -6.79 -4.31
N VAL H 185 53.99 -7.85 -3.53
CA VAL H 185 53.96 -9.21 -4.08
C VAL H 185 52.65 -9.92 -3.83
N ASP H 186 51.79 -9.38 -2.96
CA ASP H 186 50.48 -9.95 -2.71
C ASP H 186 49.51 -9.67 -3.85
N VAL H 187 49.72 -8.57 -4.59
CA VAL H 187 48.86 -8.21 -5.70
C VAL H 187 49.46 -8.59 -7.05
N ALA H 188 50.64 -9.22 -7.05
CA ALA H 188 51.36 -9.46 -8.29
C ALA H 188 50.63 -10.44 -9.20
N GLU H 189 49.95 -11.43 -8.62
CA GLU H 189 49.35 -12.49 -9.44
C GLU H 189 48.25 -11.96 -10.34
N ILE H 190 47.36 -11.11 -9.80
CA ILE H 190 46.28 -10.57 -10.60
C ILE H 190 46.82 -9.60 -11.64
N ALA H 191 47.86 -8.83 -11.28
CA ALA H 191 48.50 -7.94 -12.24
C ALA H 191 49.07 -8.73 -13.41
N ASP H 192 49.78 -9.82 -13.13
CA ASP H 192 50.33 -10.65 -14.19
C ASP H 192 49.23 -11.27 -15.04
N MET H 193 48.15 -11.73 -14.40
CA MET H 193 47.02 -12.29 -15.14
C MET H 193 46.46 -11.29 -16.13
N VAL H 194 46.12 -10.08 -15.66
CA VAL H 194 45.51 -9.11 -16.56
C VAL H 194 46.51 -8.61 -17.60
N ALA H 195 47.80 -8.50 -17.24
CA ALA H 195 48.81 -8.11 -18.21
C ALA H 195 48.91 -9.12 -19.34
N GLY H 196 48.88 -10.42 -19.00
CA GLY H 196 48.79 -11.43 -20.04
C GLY H 196 47.52 -11.30 -20.86
N VAL H 197 46.43 -10.90 -20.22
CA VAL H 197 45.16 -10.73 -20.93
C VAL H 197 45.28 -9.64 -21.99
N LEU H 198 45.95 -8.52 -21.65
CA LEU H 198 46.04 -7.42 -22.59
C LEU H 198 46.78 -7.80 -23.87
N SER H 199 47.83 -8.62 -23.77
CA SER H 199 48.63 -8.91 -24.95
C SER H 199 48.00 -10.00 -25.80
N GLY H 200 46.70 -9.90 -26.04
CA GLY H 200 45.96 -10.69 -27.01
C GLY H 200 45.30 -11.90 -26.37
N GLU H 201 44.04 -11.73 -25.95
CA GLU H 201 43.23 -12.77 -25.32
C GLU H 201 41.77 -12.35 -25.46
N GLY H 202 40.89 -12.98 -24.67
CA GLY H 202 39.50 -12.60 -24.63
C GLY H 202 39.22 -11.50 -23.63
N PHE H 203 38.40 -11.80 -22.62
CA PHE H 203 37.94 -10.80 -21.67
C PHE H 203 38.07 -11.32 -20.25
N VAL H 204 38.27 -10.39 -19.31
CA VAL H 204 38.26 -10.70 -17.88
C VAL H 204 37.41 -9.65 -17.16
N THR H 205 36.59 -10.11 -16.22
CA THR H 205 35.68 -9.25 -15.49
C THR H 205 36.05 -9.27 -14.00
N LEU H 206 36.12 -8.09 -13.40
CA LEU H 206 36.45 -7.92 -12.00
C LEU H 206 35.30 -7.23 -11.29
N LYS H 207 34.97 -7.72 -10.09
CA LYS H 207 33.92 -7.15 -9.26
C LYS H 207 34.58 -6.38 -8.13
N VAL H 208 34.33 -5.07 -8.07
CA VAL H 208 34.86 -4.20 -7.03
C VAL H 208 33.75 -3.95 -6.02
N GLU H 209 34.06 -4.15 -4.75
CA GLU H 209 33.11 -4.14 -3.65
C GLU H 209 33.64 -3.32 -2.49
N HIS H 210 34.04 -2.08 -2.76
CA HIS H 210 34.67 -1.24 -1.73
C HIS H 210 33.75 -1.08 -0.52
N TYR H 211 34.29 -1.36 0.65
CA TYR H 211 33.64 -1.12 1.94
C TYR H 211 34.37 0.01 2.66
N MET H 212 33.60 0.85 3.33
CA MET H 212 34.22 1.97 4.03
C MET H 212 33.40 2.28 5.27
N LEU H 213 34.05 2.87 6.27
CA LEU H 213 33.42 3.12 7.55
C LEU H 213 33.53 4.61 7.89
N LEU H 214 33.07 5.45 6.95
CA LEU H 214 33.21 6.89 7.08
C LEU H 214 32.68 7.39 8.42
N GLY H 215 31.50 6.96 8.81
CA GLY H 215 30.95 7.38 10.09
C GLY H 215 29.45 7.16 10.15
N GLU H 216 28.83 7.82 11.12
CA GLU H 216 27.41 7.69 11.42
C GLU H 216 26.69 8.95 10.95
N GLY H 217 25.86 8.80 9.91
CA GLY H 217 25.08 9.91 9.41
C GLY H 217 25.85 10.92 8.59
N SER H 218 27.10 10.65 8.26
CA SER H 218 27.92 11.61 7.53
C SER H 218 27.43 11.75 6.08
N GLU H 219 27.80 12.86 5.46
CA GLU H 219 27.44 13.13 4.08
C GLU H 219 28.12 12.12 3.15
N VAL H 220 27.48 11.88 2.01
CA VAL H 220 28.04 11.03 0.95
C VAL H 220 28.03 11.85 -0.34
N PHE H 221 29.02 11.59 -1.19
CA PHE H 221 29.26 12.39 -2.39
C PHE H 221 29.08 11.53 -3.63
N PRO H 222 27.90 11.52 -4.24
CA PRO H 222 27.72 10.88 -5.55
C PRO H 222 27.92 11.87 -6.67
N SER H 223 28.07 11.34 -7.88
CA SER H 223 28.45 12.15 -9.03
C SER H 223 27.34 13.11 -9.42
N GLN H 224 27.72 14.34 -9.75
CA GLN H 224 26.80 15.36 -10.22
C GLN H 224 26.71 15.37 -11.75
N GLU H 225 25.68 16.04 -12.25
CA GLU H 225 25.54 16.31 -13.68
C GLU H 225 24.90 17.67 -13.82
N PHE H 226 25.33 18.41 -14.84
CA PHE H 226 24.89 19.80 -15.00
C PHE H 226 23.83 19.91 -16.10
N VAL H 227 22.82 20.74 -15.82
CA VAL H 227 21.67 20.94 -16.68
C VAL H 227 21.49 22.44 -16.87
N GLU H 228 20.83 22.82 -17.96
CA GLU H 228 20.40 24.20 -18.12
C GLU H 228 19.61 24.63 -16.90
N ASN H 229 19.74 25.92 -16.56
CA ASN H 229 19.23 26.46 -15.30
C ASN H 229 17.80 26.01 -15.03
N SER H 230 17.64 25.24 -13.95
CA SER H 230 16.36 24.63 -13.61
C SER H 230 15.96 25.00 -12.19
N LYS H 231 14.94 24.32 -11.66
CA LYS H 231 14.48 24.58 -10.31
C LYS H 231 15.56 24.31 -9.28
N LEU H 232 16.45 23.35 -9.53
CA LEU H 232 17.53 23.03 -8.62
C LEU H 232 18.81 23.75 -9.04
N SER H 233 19.84 23.60 -8.20
CA SER H 233 21.16 24.13 -8.51
C SER H 233 22.28 23.12 -8.29
N LYS H 234 21.95 21.94 -7.76
CA LYS H 234 22.94 20.86 -7.60
C LYS H 234 22.17 19.55 -7.69
N GLN H 235 22.18 18.94 -8.86
CA GLN H 235 21.48 17.68 -9.07
C GLN H 235 22.44 16.51 -8.93
N LEU H 236 21.93 15.40 -8.42
CA LEU H 236 22.72 14.21 -8.16
C LEU H 236 22.27 13.08 -9.06
N PHE H 237 23.23 12.25 -9.47
CA PHE H 237 22.94 11.15 -10.38
C PHE H 237 22.12 10.09 -9.65
N ASP H 238 20.99 9.72 -10.25
CA ASP H 238 20.05 8.79 -9.65
C ASP H 238 19.72 7.67 -10.62
N LEU H 239 19.65 6.45 -10.10
CA LEU H 239 19.32 5.27 -10.88
C LEU H 239 18.13 4.60 -10.20
N ASN H 240 16.92 5.02 -10.55
CA ASN H 240 15.69 4.52 -9.97
C ASN H 240 15.69 4.68 -8.45
N GLY H 241 15.78 5.93 -8.02
CA GLY H 241 15.77 6.24 -6.60
C GLY H 241 16.97 5.76 -5.82
N GLN H 242 18.17 5.90 -6.38
CA GLN H 242 19.39 5.51 -5.68
C GLN H 242 20.58 6.24 -6.30
N ALA H 243 21.47 6.73 -5.45
CA ALA H 243 22.64 7.46 -5.91
C ALA H 243 23.61 6.52 -6.62
N ALA H 244 24.25 7.03 -7.66
CA ALA H 244 25.20 6.24 -8.44
C ALA H 244 26.25 7.16 -9.02
N MET H 245 27.37 6.56 -9.44
CA MET H 245 28.51 7.28 -9.98
C MET H 245 28.62 7.05 -11.48
N HIS H 246 29.03 8.09 -12.20
CA HIS H 246 29.14 8.01 -13.65
C HIS H 246 30.24 7.04 -14.05
N ASP H 247 30.11 6.48 -15.26
CA ASP H 247 31.14 5.61 -15.80
C ASP H 247 32.40 6.39 -16.14
N GLN H 248 32.25 7.62 -16.62
CA GLN H 248 33.40 8.40 -17.07
C GLN H 248 34.37 8.66 -15.93
N LYS H 249 33.85 8.98 -14.74
CA LYS H 249 34.72 9.26 -13.61
C LYS H 249 35.50 8.02 -13.18
N ILE H 250 34.85 6.85 -13.16
CA ILE H 250 35.56 5.62 -12.82
C ILE H 250 36.64 5.34 -13.86
N GLY H 251 36.31 5.50 -15.15
CA GLY H 251 37.30 5.29 -16.18
C GLY H 251 38.48 6.22 -16.06
N ASN H 252 38.23 7.48 -15.68
CA ASN H 252 39.31 8.42 -15.43
C ASN H 252 40.14 8.00 -14.22
N ALA H 253 39.50 7.38 -13.22
CA ALA H 253 40.24 6.86 -12.09
C ALA H 253 41.17 5.73 -12.51
N ILE H 254 40.72 4.88 -13.42
CA ILE H 254 41.52 3.72 -13.81
C ILE H 254 42.81 4.14 -14.50
N ARG H 255 42.77 5.21 -15.28
CA ARG H 255 43.86 5.56 -16.18
C ARG H 255 44.72 6.72 -15.67
N THR H 256 45.02 6.77 -14.38
CA THR H 256 45.94 7.76 -13.83
C THR H 256 47.20 7.03 -13.32
N ILE H 257 48.19 6.90 -14.20
CA ILE H 257 49.41 6.17 -13.89
C ILE H 257 50.64 6.95 -14.32
N ASP H 258 50.42 8.12 -14.93
CA ASP H 258 51.48 8.81 -15.65
C ASP H 258 52.50 9.39 -14.68
N THR H 259 53.54 8.60 -14.37
CA THR H 259 54.66 9.03 -13.55
C THR H 259 55.94 9.19 -14.36
N TRP H 260 55.82 9.55 -15.63
CA TRP H 260 56.92 9.47 -16.58
C TRP H 260 57.42 10.86 -16.98
N TYR H 261 57.48 11.77 -16.02
CA TYR H 261 58.19 13.03 -16.18
C TYR H 261 58.90 13.37 -14.87
N GLU H 262 59.93 14.21 -14.99
CA GLU H 262 60.97 14.31 -13.97
C GLU H 262 60.51 14.92 -12.65
N ASP H 263 59.30 15.47 -12.58
CA ASP H 263 58.86 16.15 -11.37
C ASP H 263 57.35 15.98 -11.23
N ALA H 264 56.74 16.76 -10.34
CA ALA H 264 55.29 16.83 -10.17
C ALA H 264 54.72 15.46 -9.82
N THR H 265 55.07 14.99 -8.62
CA THR H 265 54.55 13.74 -8.07
C THR H 265 53.04 13.83 -7.89
N THR H 266 52.42 12.75 -7.38
CA THR H 266 50.97 12.59 -7.35
C THR H 266 50.46 12.64 -8.79
N PRO H 267 50.71 11.58 -9.56
CA PRO H 267 50.55 11.66 -11.02
C PRO H 267 49.13 12.00 -11.45
N ILE H 268 49.00 12.28 -12.75
CA ILE H 268 47.76 12.72 -13.35
C ILE H 268 47.26 11.65 -14.31
N ALA H 269 46.06 11.85 -14.85
CA ALA H 269 45.52 10.92 -15.83
C ALA H 269 46.29 11.03 -17.15
N VAL H 270 46.18 9.98 -17.96
CA VAL H 270 46.94 9.87 -19.21
C VAL H 270 46.03 10.23 -20.38
N GLU H 271 46.49 11.14 -21.22
CA GLU H 271 45.81 11.53 -22.45
C GLU H 271 46.78 12.35 -23.30
N PRO H 272 46.60 12.39 -24.62
CA PRO H 272 47.45 13.26 -25.45
C PRO H 272 47.31 14.71 -25.03
N TYR H 273 48.43 15.44 -25.07
CA TYR H 273 48.50 16.79 -24.53
C TYR H 273 48.03 16.80 -23.08
N GLY H 274 48.56 15.88 -22.28
CA GLY H 274 48.04 15.62 -20.96
C GLY H 274 48.05 16.81 -20.03
N SER H 275 46.87 17.35 -19.76
CA SER H 275 46.70 18.47 -18.86
C SER H 275 45.25 18.48 -18.38
N VAL H 276 45.06 18.55 -17.06
CA VAL H 276 43.74 18.51 -16.46
C VAL H 276 43.22 19.93 -16.31
N VAL H 277 41.97 20.15 -16.71
CA VAL H 277 41.36 21.47 -16.62
C VAL H 277 40.80 21.76 -15.23
N ARG H 278 40.64 20.72 -14.40
CA ARG H 278 39.95 20.90 -13.12
C ARG H 278 40.62 21.96 -12.28
N ASN H 279 41.94 21.88 -12.15
CA ASN H 279 42.74 22.95 -11.55
C ASN H 279 43.40 23.84 -12.58
N GLY H 280 43.16 23.60 -13.87
CA GLY H 280 43.68 24.47 -14.91
C GLY H 280 45.19 24.50 -15.04
N VAL H 281 45.82 23.34 -14.98
CA VAL H 281 47.27 23.23 -15.20
C VAL H 281 47.51 22.83 -16.64
N ALA H 282 48.68 23.20 -17.15
CA ALA H 282 49.08 22.92 -18.52
C ALA H 282 50.39 22.14 -18.51
N TYR H 283 50.29 20.82 -18.41
CA TYR H 283 51.44 19.94 -18.54
C TYR H 283 51.49 19.33 -19.94
N ARG H 284 52.66 18.79 -20.27
CA ARG H 284 52.90 18.17 -21.58
C ARG H 284 52.48 19.10 -22.72
N ALA H 285 53.01 20.31 -22.67
CA ALA H 285 52.73 21.31 -23.69
C ALA H 285 53.62 21.06 -24.90
N GLY H 286 53.70 22.06 -25.79
CA GLY H 286 54.56 21.94 -26.95
C GLY H 286 56.03 22.09 -26.63
N ASN H 287 56.51 21.30 -25.67
CA ASN H 287 57.91 21.30 -25.24
C ASN H 287 58.52 19.93 -25.45
N LYS H 288 58.27 19.35 -26.63
CA LYS H 288 58.90 18.12 -27.10
C LYS H 288 58.44 16.89 -26.30
N THR H 289 57.32 17.00 -25.57
CA THR H 289 56.76 15.84 -24.87
C THR H 289 55.25 15.79 -25.16
N ASP H 290 54.91 15.10 -26.23
CA ASP H 290 53.54 14.91 -26.68
C ASP H 290 53.40 13.48 -27.20
N LEU H 291 52.30 13.21 -27.89
CA LEU H 291 52.04 11.88 -28.43
C LEU H 291 52.52 11.74 -29.88
N PHE H 292 52.05 12.63 -30.77
CA PHE H 292 52.36 12.50 -32.19
C PHE H 292 53.77 12.96 -32.51
N THR H 293 54.42 13.69 -31.61
CA THR H 293 55.76 14.20 -31.84
C THR H 293 56.83 13.11 -31.76
N LEU H 294 56.47 11.93 -31.28
CA LEU H 294 57.44 10.91 -30.90
C LEU H 294 57.76 9.92 -32.01
N MET H 295 56.75 9.24 -32.55
CA MET H 295 57.02 8.12 -33.46
C MET H 295 57.64 8.59 -34.77
N ASP H 296 57.27 9.79 -35.24
CA ASP H 296 57.85 10.30 -36.48
C ASP H 296 59.34 10.56 -36.32
N GLY H 297 59.76 11.11 -35.18
CA GLY H 297 61.17 11.28 -34.92
C GLY H 297 61.89 9.99 -34.57
N ALA H 298 61.14 8.98 -34.10
CA ALA H 298 61.72 7.67 -33.82
C ALA H 298 62.04 6.93 -35.12
N VAL H 299 61.10 6.91 -36.06
CA VAL H 299 61.33 6.23 -37.33
C VAL H 299 62.36 6.99 -38.17
N ASN H 300 62.44 8.31 -38.03
CA ASN H 300 63.44 9.12 -38.73
C ASN H 300 64.45 9.58 -37.68
N GLY H 301 65.46 8.74 -37.45
CA GLY H 301 66.48 8.96 -36.45
C GLY H 301 66.65 7.74 -35.59
N LYS H 302 67.20 7.94 -34.40
CA LYS H 302 67.37 6.86 -33.45
C LYS H 302 66.12 6.69 -32.61
N SER H 303 66.05 5.58 -31.87
CA SER H 303 64.95 5.36 -30.95
C SER H 303 65.15 6.22 -29.70
N LEU H 304 64.23 6.08 -28.74
CA LEU H 304 64.29 6.88 -27.53
C LEU H 304 64.27 6.00 -26.30
N THR H 305 64.14 6.61 -25.12
CA THR H 305 64.21 5.87 -23.87
C THR H 305 63.00 4.94 -23.72
N GLU H 306 63.14 3.97 -22.81
CA GLU H 306 62.07 3.04 -22.53
C GLU H 306 60.90 3.73 -21.83
N GLU H 307 61.12 4.94 -21.29
CA GLU H 307 60.07 5.64 -20.56
C GLU H 307 58.91 6.01 -21.47
N ASP H 308 59.19 6.44 -22.70
CA ASP H 308 58.15 7.04 -23.52
C ASP H 308 57.31 6.03 -24.31
N GLN H 309 57.86 4.85 -24.63
CA GLN H 309 57.02 3.79 -25.17
C GLN H 309 55.91 3.44 -24.19
N MET H 310 56.25 3.46 -22.90
CA MET H 310 55.26 3.26 -21.84
C MET H 310 54.08 4.21 -21.99
N PHE H 311 54.37 5.51 -22.11
CA PHE H 311 53.32 6.51 -22.21
C PHE H 311 52.54 6.37 -23.50
N VAL H 312 53.23 6.13 -24.63
CA VAL H 312 52.54 6.15 -25.91
C VAL H 312 51.67 4.91 -26.08
N THR H 313 51.98 3.82 -25.35
CA THR H 313 51.04 2.71 -25.36
C THR H 313 49.93 2.87 -24.31
N ALA H 314 50.20 3.60 -23.23
CA ALA H 314 49.18 3.81 -22.21
C ALA H 314 47.96 4.53 -22.78
N ASN H 315 48.18 5.66 -23.44
CA ASN H 315 47.08 6.40 -24.04
C ASN H 315 46.53 5.72 -25.29
N LEU H 316 47.23 4.74 -25.84
CA LEU H 316 46.65 3.95 -26.92
C LEU H 316 45.67 2.92 -26.41
N ILE H 317 45.90 2.39 -25.21
CA ILE H 317 44.98 1.39 -24.67
C ILE H 317 43.59 1.98 -24.46
N ARG H 318 43.50 3.19 -23.92
CA ARG H 318 42.19 3.83 -23.83
C ARG H 318 41.63 4.07 -25.23
N GLY H 319 40.38 3.70 -25.44
CA GLY H 319 39.77 3.85 -26.74
C GLY H 319 39.52 5.29 -27.09
N GLY H 320 39.25 5.52 -28.37
CA GLY H 320 38.94 6.85 -28.85
C GLY H 320 39.32 7.00 -30.31
N VAL H 321 39.02 8.19 -30.82
CA VAL H 321 39.31 8.57 -32.20
C VAL H 321 40.41 9.62 -32.18
N PHE H 322 41.48 9.34 -32.93
CA PHE H 322 42.64 10.22 -33.01
C PHE H 322 42.87 10.61 -34.46
N GLY H 323 43.14 11.89 -34.68
CA GLY H 323 43.40 12.38 -36.01
C GLY H 323 42.85 13.79 -36.17
N GLY H 324 43.18 14.39 -37.32
CA GLY H 324 42.75 15.74 -37.63
C GLY H 324 43.76 16.50 -38.45
N MET I 22 10.08 -66.04 42.71
CA MET I 22 11.08 -66.51 41.76
C MET I 22 12.22 -65.51 41.66
N TYR I 23 12.14 -64.60 40.68
CA TYR I 23 13.17 -63.60 40.48
C TYR I 23 13.03 -62.51 41.53
N ASN I 24 14.16 -62.12 42.13
CA ASN I 24 14.15 -61.05 43.11
C ASN I 24 14.09 -59.71 42.37
N THR I 25 13.17 -58.84 42.79
CA THR I 25 12.93 -57.58 42.12
C THR I 25 13.06 -56.44 43.13
N ILE I 26 14.03 -55.56 42.90
CA ILE I 26 14.17 -54.35 43.68
C ILE I 26 13.27 -53.29 43.05
N SER I 27 12.31 -52.77 43.82
CA SER I 27 11.39 -51.75 43.34
C SER I 27 12.06 -50.39 43.51
N ILE I 28 12.71 -49.91 42.45
CA ILE I 28 13.44 -48.64 42.47
C ILE I 28 12.94 -47.83 41.28
N THR I 29 11.99 -46.94 41.53
CA THR I 29 11.44 -46.06 40.50
C THR I 29 11.57 -44.61 40.97
N VAL I 30 12.06 -43.75 40.08
CA VAL I 30 12.22 -42.34 40.41
C VAL I 30 12.71 -41.55 39.19
N VAL I 31 12.08 -41.76 38.05
C VAL I 31 -1.13 -41.10 37.50
N ASP I 32 -0.83 -40.13 36.64
CA ASP I 32 -0.72 -38.74 37.02
C ASP I 32 0.30 -38.54 38.16
N ALA I 33 1.50 -39.08 37.91
CA ALA I 33 2.61 -38.99 38.86
C ALA I 33 3.62 -37.91 38.48
N ASP I 34 3.27 -37.02 37.56
CA ASP I 34 4.20 -36.00 37.08
C ASP I 34 4.35 -34.83 38.04
N ASP I 35 3.70 -34.87 39.20
CA ASP I 35 3.81 -33.77 40.15
C ASP I 35 5.24 -33.58 40.64
N VAL I 36 5.92 -34.68 40.94
CA VAL I 36 7.30 -34.61 41.40
C VAL I 36 8.15 -35.71 40.78
CA GLY I 37 5.93 -31.93 28.06
C GLY I 37 6.15 -33.03 29.09
N VAL I 38 5.09 -33.77 29.39
CA VAL I 38 5.20 -34.87 30.35
C VAL I 38 6.10 -35.97 29.80
N ASN I 39 6.06 -36.20 28.49
CA ASN I 39 6.89 -37.24 27.89
C ASN I 39 8.38 -36.94 28.07
N PHE I 40 8.78 -35.68 27.88
CA PHE I 40 10.19 -35.32 28.02
C PHE I 40 10.67 -35.50 29.45
N VAL I 41 9.85 -35.08 30.43
CA VAL I 41 10.22 -35.24 31.83
C VAL I 41 10.30 -36.72 32.19
N VAL I 42 9.35 -37.52 31.71
CA VAL I 42 9.36 -38.95 31.99
C VAL I 42 10.61 -39.59 31.40
N SER I 43 10.96 -39.20 30.16
CA SER I 43 12.16 -39.74 29.53
C SER I 43 13.42 -39.36 30.30
N LYS I 44 13.50 -38.10 30.75
CA LYS I 44 14.65 -37.68 31.54
C LYS I 44 14.76 -38.46 32.84
N VAL I 45 13.62 -38.66 33.52
CA VAL I 45 13.62 -39.41 34.77
C VAL I 45 14.07 -40.84 34.53
N LEU I 46 13.56 -41.47 33.46
CA LEU I 46 13.97 -42.84 33.14
C LEU I 46 15.46 -42.92 32.81
N SER I 47 15.96 -41.95 32.04
CA SER I 47 17.39 -41.95 31.70
C SER I 47 18.24 -41.80 32.95
N THR I 48 17.83 -40.93 33.88
CA THR I 48 18.53 -40.82 35.15
C THR I 48 18.48 -42.13 35.92
N LEU I 49 17.31 -42.79 35.92
CA LEU I 49 17.19 -44.09 36.58
C LEU I 49 18.00 -45.16 35.85
N HIS I 50 18.04 -45.09 34.52
CA HIS I 50 18.83 -46.05 33.75
C HIS I 50 20.32 -45.90 34.05
N ASN I 51 20.78 -44.66 34.22
CA ASN I 51 22.17 -44.43 34.59
C ASN I 51 22.46 -44.72 36.06
N LYS I 52 21.42 -45.05 36.83
CA LYS I 52 21.58 -45.34 38.26
C LYS I 52 22.35 -46.64 38.51
N GLY I 53 22.59 -47.45 37.48
CA GLY I 53 23.35 -48.67 37.66
C GLY I 53 22.57 -49.83 38.24
N ILE I 54 21.24 -49.77 38.23
CA ILE I 54 20.44 -50.89 38.73
C ILE I 54 20.60 -52.11 37.82
N PHE I 55 20.57 -51.90 36.51
CA PHE I 55 20.68 -52.98 35.53
C PHE I 55 22.17 -53.20 35.24
N ASN I 56 22.67 -54.36 35.63
CA ASN I 56 24.07 -54.73 35.43
C ASN I 56 24.26 -55.68 34.25
N GLY I 57 23.24 -55.88 33.43
CA GLY I 57 23.30 -56.77 32.30
C GLY I 57 22.61 -58.11 32.51
N GLU I 58 22.27 -58.44 33.76
CA GLU I 58 21.53 -59.66 34.07
C GLU I 58 20.22 -59.39 34.77
N VAL I 59 19.82 -58.13 34.92
CA VAL I 59 18.57 -57.75 35.57
C VAL I 59 17.76 -56.92 34.58
N GLY I 60 16.47 -57.22 34.47
CA GLY I 60 15.61 -56.54 33.52
C GLY I 60 14.45 -55.82 34.15
N VAL I 61 13.63 -55.17 33.32
CA VAL I 61 12.46 -54.44 33.77
C VAL I 61 11.28 -54.83 32.90
N THR I 62 10.12 -55.03 33.53
CA THR I 62 8.90 -55.41 32.85
C THR I 62 7.84 -54.36 33.12
N PHE I 63 6.62 -54.64 32.67
CA PHE I 63 5.47 -53.75 32.83
C PHE I 63 4.34 -54.52 33.50
N PRO I 64 4.39 -54.68 34.83
CA PRO I 64 3.31 -55.39 35.51
C PRO I 64 1.94 -54.77 35.31
N ARG I 65 1.86 -53.45 35.22
CA ARG I 65 0.65 -52.74 34.87
C ARG I 65 0.83 -51.94 33.59
N MET I 66 1.91 -52.24 32.85
CA MET I 66 2.25 -51.50 31.64
C MET I 66 1.34 -51.93 30.50
N ASP I 67 0.51 -51.01 30.02
CA ASP I 67 -0.41 -51.30 28.92
C ASP I 67 -0.15 -50.39 27.72
N LYS I 68 -0.02 -49.09 27.93
CA LYS I 68 0.10 -48.16 26.81
C LYS I 68 1.36 -47.31 26.84
N ASN I 69 1.87 -47.00 28.03
CA ASN I 69 3.02 -46.14 28.17
C ASN I 69 4.28 -46.97 28.40
N VAL I 70 5.39 -46.31 28.72
CA VAL I 70 6.61 -47.01 29.09
C VAL I 70 6.36 -47.92 30.29
N GLY I 71 5.46 -47.52 31.17
CA GLY I 71 5.03 -48.34 32.28
C GLY I 71 4.85 -47.53 33.56
N ASP I 72 3.84 -47.92 34.33
CA ASP I 72 3.58 -47.32 35.63
C ASP I 72 4.26 -48.04 36.77
N ILE I 73 4.81 -49.23 36.52
CA ILE I 73 5.54 -49.99 37.53
CA ILE I 73 5.54 -49.99 37.53
C ILE I 73 6.90 -50.34 36.93
N ILE I 74 7.97 -50.02 37.66
CA ILE I 74 9.32 -50.28 37.18
C ILE I 74 10.17 -50.83 38.31
N THR I 75 10.37 -52.15 38.31
CA THR I 75 11.23 -52.82 39.27
C THR I 75 12.30 -53.60 38.51
N LEU I 76 13.52 -53.58 39.03
CA LEU I 76 14.64 -54.30 38.44
C LEU I 76 14.62 -55.73 39.00
N PHE I 77 14.25 -56.68 38.15
CA PHE I 77 14.09 -58.07 38.55
C PHE I 77 15.19 -58.92 37.91
N SER I 78 15.77 -59.81 38.70
CA SER I 78 16.84 -60.68 38.23
C SER I 78 16.88 -61.93 39.10
N LYS I 79 17.58 -62.95 38.60
CA LYS I 79 17.72 -64.18 39.35
C LYS I 79 18.47 -63.95 40.66
N THR I 80 19.51 -63.14 40.63
CA THR I 80 20.26 -62.82 41.84
C THR I 80 19.39 -62.01 42.79
N GLY I 81 19.64 -62.18 44.09
CA GLY I 81 18.86 -61.49 45.09
C GLY I 81 19.10 -60.00 45.09
N VAL I 82 18.09 -59.25 45.50
CA VAL I 82 18.14 -57.80 45.60
C VAL I 82 17.99 -57.42 47.07
N ASP I 83 18.91 -56.61 47.57
CA ASP I 83 18.91 -56.20 48.96
C ASP I 83 17.75 -55.24 49.22
N ARG I 84 17.29 -55.22 50.47
CA ARG I 84 16.20 -54.31 50.84
C ARG I 84 16.62 -52.85 50.66
N LYS I 85 17.85 -52.52 51.04
CA LYS I 85 18.37 -51.17 50.84
C LYS I 85 18.45 -50.84 49.36
N VAL I 86 18.89 -51.80 48.54
CA VAL I 86 19.00 -51.57 47.11
C VAL I 86 17.63 -51.24 46.53
N LEU I 87 16.60 -52.01 46.90
CA LEU I 87 15.25 -51.73 46.44
C LEU I 87 14.77 -50.37 46.93
N THR I 88 14.92 -50.10 48.22
CA THR I 88 14.58 -48.79 48.75
C THR I 88 15.60 -47.73 48.36
N SER I 89 16.84 -48.12 48.12
CA SER I 89 17.86 -47.16 47.71
C SER I 89 17.56 -46.61 46.32
N THR I 90 17.02 -47.44 45.43
CA THR I 90 16.67 -46.99 44.09
C THR I 90 15.62 -45.89 44.12
N LEU I 91 14.65 -45.99 45.02
CA LEU I 91 13.61 -44.98 45.18
C LEU I 91 14.04 -43.85 46.10
N ASN I 92 15.25 -43.91 46.65
CA ASN I 92 15.75 -42.82 47.49
C ASN I 92 15.95 -41.54 46.69
N THR I 93 16.46 -41.66 45.46
CA THR I 93 16.64 -40.49 44.61
C THR I 93 15.32 -39.86 44.18
N LEU I 94 14.20 -40.58 44.31
CA LEU I 94 12.88 -40.07 43.98
C LEU I 94 11.96 -40.05 45.17
N THR I 95 12.51 -40.01 46.40
CA THR I 95 11.68 -40.01 47.59
C THR I 95 10.79 -38.77 47.66
N ASP I 96 11.27 -37.63 47.17
CA ASP I 96 10.48 -36.41 47.16
C ASP I 96 9.29 -36.50 46.21
N PHE I 97 9.34 -37.40 45.22
CA PHE I 97 8.26 -37.54 44.26
C PHE I 97 7.66 -38.95 44.21
N ILE I 98 8.33 -39.96 44.79
CA ILE I 98 7.83 -41.32 44.79
C ILE I 98 8.09 -41.93 46.17
N HIS I 99 7.57 -43.14 46.36
CA HIS I 99 7.73 -43.89 47.60
C HIS I 99 8.66 -45.07 47.33
N ILE I 100 9.58 -45.31 48.25
CA ILE I 100 10.58 -46.37 48.09
C ILE I 100 10.05 -47.62 48.79
N GLY I 101 9.88 -48.70 48.02
CA GLY I 101 9.42 -49.96 48.55
C GLY I 101 10.50 -51.03 48.52
N LYS I 102 10.28 -52.07 49.31
CA LYS I 102 11.24 -53.16 49.40
C LYS I 102 11.08 -54.11 48.21
N PRO I 103 12.15 -54.78 47.81
CA PRO I 103 12.05 -55.74 46.70
C PRO I 103 11.23 -56.95 47.11
N LYS I 104 10.61 -57.59 46.11
CA LYS I 104 9.81 -58.78 46.34
C LYS I 104 10.25 -59.91 45.42
N GLU I 105 9.46 -60.99 45.38
CA GLU I 105 9.71 -62.11 44.49
C GLU I 105 8.63 -62.12 43.42
N ALA I 106 9.06 -62.02 42.17
CA ALA I 106 8.15 -61.99 41.02
C ALA I 106 8.46 -63.19 40.13
N ASP I 107 7.41 -63.91 39.74
CA ASP I 107 7.59 -65.07 38.88
C ASP I 107 7.50 -64.70 37.40
N LYS I 108 6.56 -63.83 37.05
CA LYS I 108 6.33 -63.44 35.67
C LYS I 108 6.79 -62.00 35.49
N VAL I 109 7.58 -61.76 34.44
CA VAL I 109 8.06 -60.44 34.08
C VAL I 109 7.52 -60.09 32.69
N LYS I 110 6.90 -58.93 32.58
CA LYS I 110 6.28 -58.53 31.32
C LYS I 110 7.33 -58.41 30.22
N THR I 111 7.05 -59.04 29.08
CA THR I 111 7.99 -59.04 27.98
C THR I 111 7.91 -57.74 27.20
N TYR I 112 9.08 -57.21 26.83
CA TYR I 112 9.20 -55.97 26.08
C TYR I 112 10.26 -56.11 25.02
N ARG I 113 9.95 -55.61 23.83
CA ARG I 113 10.87 -55.61 22.70
C ARG I 113 10.78 -54.28 21.96
N LYS I 114 11.80 -53.99 21.16
CA LYS I 114 11.86 -52.78 20.36
C LYS I 114 12.11 -53.17 18.91
N VAL I 115 11.27 -52.65 18.01
CA VAL I 115 11.37 -52.94 16.59
C VAL I 115 11.37 -51.63 15.82
N ASP I 116 12.30 -51.49 14.89
CA ASP I 116 12.43 -50.30 14.07
C ASP I 116 12.66 -50.70 12.62
N THR I 117 12.39 -49.76 11.72
CA THR I 117 12.52 -50.00 10.28
C THR I 117 13.64 -49.12 9.73
N LYS I 118 14.32 -49.64 8.71
CA LYS I 118 15.43 -48.92 8.08
C LYS I 118 14.85 -47.88 7.12
N SER I 119 15.11 -46.61 7.42
CA SER I 119 14.61 -45.52 6.60
C SER I 119 15.30 -45.53 5.24
N LYS I 120 14.72 -44.80 4.29
CA LYS I 120 15.21 -44.81 2.92
C LYS I 120 15.88 -43.50 2.52
N GLY I 121 15.40 -42.37 3.02
CA GLY I 121 15.97 -41.09 2.60
C GLY I 121 17.42 -40.92 2.99
N LYS I 122 17.75 -41.25 4.25
CA LYS I 122 19.12 -41.06 4.72
C LYS I 122 20.07 -42.04 4.05
N LEU I 123 19.66 -43.30 3.92
CA LEU I 123 20.50 -44.28 3.23
C LEU I 123 20.72 -43.88 1.78
N ILE I 124 19.66 -43.38 1.12
CA ILE I 124 19.79 -42.95 -0.27
C ILE I 124 20.73 -41.75 -0.38
N ARG I 125 20.63 -40.82 0.57
CA ARG I 125 21.53 -39.67 0.56
C ARG I 125 22.98 -40.10 0.72
N ARG I 126 23.24 -41.03 1.65
CA ARG I 126 24.58 -41.54 1.84
C ARG I 126 25.08 -42.26 0.59
N CYS I 127 24.22 -43.05 -0.04
CA CYS I 127 24.61 -43.75 -1.26
C CYS I 127 24.94 -42.79 -2.39
N ILE I 128 24.14 -41.72 -2.52
CA ILE I 128 24.41 -40.73 -3.56
C ILE I 128 25.70 -39.99 -3.26
N LYS I 129 25.97 -39.74 -1.96
CA LYS I 129 27.19 -39.03 -1.60
C LYS I 129 28.43 -39.87 -1.83
N ARG I 130 28.33 -41.19 -1.64
CA ARG I 130 29.51 -42.03 -1.73
C ARG I 130 29.68 -42.71 -3.09
N LYS I 131 28.69 -43.51 -3.50
CA LYS I 131 28.80 -44.27 -4.73
C LYS I 131 28.19 -43.56 -5.95
N GLY I 132 27.49 -42.46 -5.76
CA GLY I 132 26.89 -41.77 -6.89
C GLY I 132 25.73 -42.51 -7.53
N VAL I 133 24.64 -42.70 -6.80
CA VAL I 133 23.49 -43.44 -7.29
C VAL I 133 22.46 -42.46 -7.84
N SER I 134 21.47 -43.00 -8.57
CA SER I 134 20.43 -42.19 -9.18
C SER I 134 19.36 -41.83 -8.16
N ALA I 135 18.63 -40.75 -8.46
CA ALA I 135 17.64 -40.23 -7.51
C ALA I 135 16.36 -41.05 -7.54
N GLU I 136 16.13 -41.81 -8.61
CA GLU I 136 14.89 -42.58 -8.71
C GLU I 136 14.81 -43.64 -7.62
N THR I 137 15.90 -44.37 -7.39
CA THR I 137 15.91 -45.40 -6.37
C THR I 137 15.70 -44.80 -4.98
N ALA I 138 16.36 -43.68 -4.69
CA ALA I 138 16.20 -43.03 -3.39
C ALA I 138 14.76 -42.55 -3.19
N GLU I 139 14.16 -41.95 -4.23
CA GLU I 139 12.78 -41.50 -4.11
C GLU I 139 11.84 -42.69 -3.90
N SER I 140 12.07 -43.79 -4.61
CA SER I 140 11.24 -44.97 -4.43
C SER I 140 11.43 -45.60 -3.05
N LEU I 141 12.59 -45.38 -2.44
CA LEU I 141 12.83 -45.93 -1.11
C LEU I 141 11.93 -45.30 -0.06
N TYR I 142 11.65 -44.00 -0.18
CA TYR I 142 10.82 -43.27 0.78
C TYR I 142 9.43 -42.97 0.24
N GLY I 143 9.06 -43.59 -0.89
CA GLY I 143 7.73 -43.40 -1.43
C GLY I 143 6.73 -44.39 -0.87
N ASN I 144 7.11 -45.66 -0.79
CA ASN I 144 6.31 -46.69 -0.15
C ASN I 144 6.96 -47.27 1.10
N TYR I 145 8.10 -46.72 1.53
CA TYR I 145 8.87 -47.25 2.65
C TYR I 145 8.99 -46.16 3.72
N LYS I 146 8.20 -46.29 4.79
CA LYS I 146 8.32 -45.39 5.91
C LYS I 146 9.24 -45.96 6.99
N GLY I 147 8.92 -47.15 7.48
CA GLY I 147 9.76 -47.81 8.47
C GLY I 147 9.02 -48.22 9.72
N GLU I 148 9.32 -49.42 10.23
CA GLU I 148 8.70 -49.91 11.45
C GLU I 148 9.09 -49.04 12.64
N LYS I 149 8.29 -49.13 13.69
CA LYS I 149 8.49 -48.32 14.89
C LYS I 149 8.24 -49.19 16.11
N CYS I 150 8.90 -48.86 17.23
CA CYS I 150 8.68 -49.58 18.47
C CYS I 150 7.28 -49.29 19.00
N LYS I 151 6.73 -50.23 19.75
CA LYS I 151 5.35 -50.15 20.23
C LYS I 151 5.27 -49.71 21.69
N LEU I 152 6.39 -49.27 22.25
CA LEU I 152 6.37 -48.78 23.62
C LEU I 152 5.99 -47.31 23.65
N PRO I 153 5.44 -46.84 24.78
CA PRO I 153 5.24 -45.39 24.95
C PRO I 153 6.59 -44.71 25.04
N TYR I 154 6.93 -43.92 24.03
CA TYR I 154 8.27 -43.41 23.84
C TYR I 154 8.70 -42.53 25.01
N ILE I 155 9.97 -42.67 25.39
CA ILE I 155 10.61 -41.80 26.38
C ILE I 155 11.85 -41.22 25.71
N VAL I 156 12.13 -39.95 26.00
CA VAL I 156 13.16 -39.22 25.28
C VAL I 156 14.54 -39.76 25.66
N VAL I 157 15.35 -40.07 24.66
CA VAL I 157 16.76 -40.41 24.84
C VAL I 157 17.54 -39.58 23.84
N ASN I 158 18.46 -38.75 24.32
CA ASN I 158 19.14 -37.77 23.49
C ASN I 158 20.64 -37.83 23.74
N SER I 159 21.41 -37.75 22.66
CA SER I 159 22.86 -37.63 22.72
C SER I 159 23.22 -36.18 22.43
N LYS I 160 23.81 -35.50 23.42
CA LYS I 160 24.18 -34.10 23.26
C LYS I 160 25.41 -33.93 22.38
N SER I 161 26.37 -34.86 22.46
CA SER I 161 27.56 -34.77 21.63
C SER I 161 27.20 -34.84 20.15
N THR I 162 26.31 -35.76 19.78
CA THR I 162 25.76 -35.81 18.44
C THR I 162 24.51 -34.97 18.27
N GLY I 163 23.90 -34.53 19.36
CA GLY I 163 22.71 -33.71 19.31
C GLY I 163 21.52 -34.35 18.63
N GLN I 164 21.25 -35.62 18.94
CA GLN I 164 20.16 -36.34 18.32
C GLN I 164 19.25 -36.94 19.39
N ARG I 165 17.95 -36.73 19.25
CA ARG I 165 16.95 -37.21 20.19
C ARG I 165 16.07 -38.23 19.52
N PHE I 166 15.68 -39.26 20.27
CA PHE I 166 14.84 -40.33 19.75
C PHE I 166 14.03 -40.93 20.90
N SER I 167 13.25 -41.95 20.58
CA SER I 167 12.36 -42.56 21.55
C SER I 167 12.87 -43.94 21.94
N MET I 168 12.86 -44.22 23.24
CA MET I 168 13.13 -45.55 23.77
C MET I 168 11.83 -46.08 24.38
N PHE I 169 11.54 -47.36 24.14
CA PHE I 169 10.33 -47.98 24.64
C PHE I 169 10.43 -49.49 24.48
N LEU I 170 9.51 -50.20 25.14
CA LEU I 170 9.40 -51.65 25.06
C LEU I 170 7.94 -52.03 24.91
N GLU I 171 7.59 -52.58 23.75
CA GLU I 171 6.24 -53.01 23.45
C GLU I 171 6.12 -54.50 23.75
N GLU I 172 4.90 -54.93 24.10
CA GLU I 172 4.68 -56.29 24.55
C GLU I 172 5.17 -57.30 23.53
N CYS I 173 5.82 -58.36 24.01
CA CYS I 173 6.40 -59.37 23.14
C CYS I 173 6.41 -60.70 23.89
N GLU I 174 6.63 -61.77 23.13
CA GLU I 174 6.63 -63.11 23.71
C GLU I 174 7.72 -63.24 24.76
N ASN I 175 7.38 -63.87 25.88
CA ASN I 175 8.31 -64.02 26.99
C ASN I 175 9.19 -65.25 26.76
N SER I 176 10.47 -65.03 26.52
CA SER I 176 11.43 -66.11 26.34
C SER I 176 12.17 -66.47 27.62
N GLU I 177 11.88 -65.77 28.72
CA GLU I 177 12.51 -66.01 30.02
C GLU I 177 13.95 -65.52 30.10
N LYS I 178 14.44 -64.83 29.08
CA LYS I 178 15.80 -64.32 29.06
C LYS I 178 15.78 -62.84 28.74
N PHE I 179 16.62 -62.07 29.43
CA PHE I 179 16.70 -60.63 29.25
C PHE I 179 18.16 -60.21 29.08
N ASN I 180 18.39 -59.29 28.15
CA ASN I 180 19.72 -58.76 27.89
C ASN I 180 19.89 -57.44 28.65
N SER I 181 20.98 -56.74 28.37
CA SER I 181 21.20 -55.44 29.01
C SER I 181 20.14 -54.42 28.61
N TYR I 182 19.69 -54.48 27.36
CA TYR I 182 18.62 -53.61 26.88
C TYR I 182 17.26 -54.28 26.90
N GLY I 183 17.15 -55.45 27.51
CA GLY I 183 15.90 -56.17 27.53
C GLY I 183 15.55 -56.88 26.25
N LEU I 184 16.52 -57.07 25.35
CA LEU I 184 16.29 -57.72 24.07
C LEU I 184 16.60 -59.21 24.21
N CYS I 185 15.68 -60.04 23.73
CA CYS I 185 15.87 -61.48 23.80
C CYS I 185 16.96 -61.93 22.83
N ILE I 186 17.45 -63.15 23.05
CA ILE I 186 18.52 -63.71 22.22
C ILE I 186 18.05 -65.05 21.67
N VAL I 187 18.65 -65.46 20.57
CA VAL I 187 18.30 -66.71 19.91
C VAL I 187 18.88 -67.87 20.69
N SER I 188 18.04 -68.83 21.07
CA SER I 188 18.48 -69.98 21.83
C SER I 188 17.72 -70.09 23.15
#